data_4YAU
#
_entry.id   4YAU
#
_cell.length_a   101.557
_cell.length_b   115.901
_cell.length_c   118.607
_cell.angle_alpha   90.00
_cell.angle_beta   90.00
_cell.angle_gamma   90.00
#
_symmetry.space_group_name_H-M   'P 21 21 21'
#
loop_
_entity.id
_entity.type
_entity.pdbx_description
1 polymer 'NADPH--cytochrome P450 reductase'
2 non-polymer 'FLAVIN MONONUCLEOTIDE'
3 non-polymer 'FLAVIN-ADENINE DINUCLEOTIDE'
4 non-polymer "ADENOSINE-2'-MONOPHOSPHATE"
5 non-polymer 'PHOSPHATE ION'
6 water water
#
_entity_poly.entity_id   1
_entity_poly.type   'polypeptide(L)'
_entity_poly.pdbx_seq_one_letter_code
;IQTTAPPVKESSFVEKMKKTGRNIIVFYGSQTGTAEEFANRLSKDAHRYGMRGMSADPEEYDLADLSSLPEIDKSLVVFC
MATYNGDPTDNAQDFYDWLQETDVDLTGVKFAVFGLGNKTYEHFNAMGKYVDQRLEQLGAQRIFELGLGDDDGNLEEDFI
TWREQFWPAVCEFFGVEATGEESSIRQYELVVHEDMDVAKVYTGEMGRLKSYENQKPPFDAKNPFLAAVTANRKLNQGTE
RHLMHLELDISDSKIRYESGDHVAVYPANDSALVNQIGEILGADLDVIMSLNNLDEESNKKHPFPCPTTYRTALTYYLDI
TNPPRTNVLYELAQYASEPSEQEHLHKMASSSGEGKELYLSWVVEARRHILAILQDYPSLRPPIDHLCELLPRLQARYYS
IASSSKVHPNSVHICAVAVEYEAKSGRVNKGVATSWLRAKEPAGENGGRALVPMFVRKSQFRLPFKSTTPVIMVGPGTGI
APFMGFIQERAWLREQGKEVGETLLYYGCRRSDEDYLYREELARFHKDGALTQLNVAFSREQAHKVYVQHLLKRDREHLW
KLIHEGGAHIYVCGDARNMAKDVQNTFYDIVAEFGPMEHTQAVDYVKKLMTKGRYSLDVWS
;
_entity_poly.pdbx_strand_id   A,B
#
loop_
_chem_comp.id
_chem_comp.type
_chem_comp.name
_chem_comp.formula
2AM non-polymer ADENOSINE-2'-MONOPHOSPHATE 'C10 H14 N5 O7 P'
FAD non-polymer 'FLAVIN-ADENINE DINUCLEOTIDE' 'C27 H33 N9 O15 P2'
FMN non-polymer 'FLAVIN MONONUCLEOTIDE' 'C17 H21 N4 O9 P'
PO4 non-polymer 'PHOSPHATE ION' 'O4 P -3'
#
# COMPACT_ATOMS: atom_id res chain seq x y z
N PRO A 6 -31.51 -13.99 27.51
CA PRO A 6 -32.58 -14.60 26.67
C PRO A 6 -33.75 -13.62 26.49
N PRO A 7 -33.86 -13.01 25.30
CA PRO A 7 -34.93 -12.06 25.01
C PRO A 7 -36.28 -12.71 24.73
N VAL A 8 -37.34 -11.92 24.85
CA VAL A 8 -38.69 -12.39 24.61
C VAL A 8 -38.89 -12.46 23.10
N LYS A 9 -39.14 -13.65 22.59
CA LYS A 9 -39.34 -13.85 21.15
C LYS A 9 -40.55 -13.10 20.60
N GLU A 10 -40.46 -12.69 19.35
CA GLU A 10 -41.58 -12.01 18.69
C GLU A 10 -42.54 -13.09 18.22
N SER A 11 -43.68 -12.67 17.68
CA SER A 11 -44.67 -13.61 17.16
C SER A 11 -44.07 -14.26 15.91
N SER A 12 -44.54 -15.45 15.57
CA SER A 12 -44.09 -16.20 14.38
C SER A 12 -43.72 -15.31 13.18
N PHE A 13 -42.48 -15.41 12.72
CA PHE A 13 -42.06 -14.60 11.57
C PHE A 13 -42.85 -14.94 10.31
N VAL A 14 -43.31 -16.17 10.20
CA VAL A 14 -44.09 -16.56 9.03
C VAL A 14 -45.42 -15.80 9.01
N GLU A 15 -46.13 -15.80 10.13
CA GLU A 15 -47.40 -15.07 10.20
C GLU A 15 -47.17 -13.59 9.89
N LYS A 16 -46.00 -13.08 10.23
CA LYS A 16 -45.69 -11.67 9.95
C LYS A 16 -45.52 -11.47 8.45
N MET A 17 -44.88 -12.44 7.78
CA MET A 17 -44.66 -12.34 6.34
C MET A 17 -46.01 -12.31 5.65
N LYS A 18 -46.93 -13.15 6.13
CA LYS A 18 -48.27 -13.24 5.55
C LYS A 18 -49.02 -11.93 5.64
N LYS A 19 -49.02 -11.32 6.81
CA LYS A 19 -49.73 -10.06 7.02
C LYS A 19 -49.14 -8.90 6.25
N THR A 20 -47.87 -9.01 5.86
CA THR A 20 -47.19 -7.95 5.12
C THR A 20 -46.85 -8.33 3.68
N GLY A 21 -47.38 -9.46 3.22
CA GLY A 21 -47.14 -9.90 1.85
C GLY A 21 -45.70 -10.20 1.46
N ARG A 22 -44.89 -10.61 2.44
CA ARG A 22 -43.50 -10.94 2.19
C ARG A 22 -43.39 -12.43 1.86
N ASN A 23 -42.53 -12.78 0.91
CA ASN A 23 -42.34 -14.18 0.55
C ASN A 23 -40.88 -14.61 0.74
N ILE A 24 -40.02 -13.66 1.09
CA ILE A 24 -38.63 -13.94 1.38
C ILE A 24 -38.14 -13.29 2.69
N ILE A 25 -37.49 -14.06 3.54
CA ILE A 25 -36.94 -13.49 4.76
C ILE A 25 -35.47 -13.83 4.84
N VAL A 26 -34.67 -12.79 5.08
CA VAL A 26 -33.22 -12.93 5.18
C VAL A 26 -32.82 -12.70 6.64
N PHE A 27 -32.27 -13.74 7.26
CA PHE A 27 -31.81 -13.66 8.65
C PHE A 27 -30.34 -13.31 8.66
N TYR A 28 -29.90 -12.61 9.71
CA TYR A 28 -28.50 -12.24 9.84
C TYR A 28 -27.84 -12.64 11.15
N GLY A 29 -26.72 -13.34 11.03
CA GLY A 29 -25.94 -13.76 12.18
C GLY A 29 -24.76 -12.81 12.12
N SER A 30 -24.82 -11.74 12.90
CA SER A 30 -23.79 -10.72 12.87
C SER A 30 -23.35 -10.18 14.23
N GLN A 31 -22.12 -9.67 14.29
CA GLN A 31 -21.60 -9.08 15.52
C GLN A 31 -21.10 -7.66 15.28
N THR A 32 -20.52 -7.43 14.10
CA THR A 32 -20.04 -6.10 13.77
C THR A 32 -20.88 -5.48 12.66
N GLY A 33 -22.09 -6.01 12.50
CA GLY A 33 -23.02 -5.48 11.53
C GLY A 33 -22.90 -5.78 10.05
N THR A 34 -21.90 -6.54 9.63
CA THR A 34 -21.74 -6.84 8.21
C THR A 34 -22.85 -7.78 7.66
N ALA A 35 -23.11 -8.87 8.37
CA ALA A 35 -24.13 -9.83 7.94
C ALA A 35 -25.50 -9.17 7.87
N GLU A 36 -25.74 -8.26 8.81
CA GLU A 36 -27.00 -7.52 8.86
C GLU A 36 -27.07 -6.63 7.63
N GLU A 37 -25.94 -6.06 7.25
CA GLU A 37 -25.88 -5.18 6.10
C GLU A 37 -26.22 -5.99 4.85
N PHE A 38 -25.63 -7.18 4.76
CA PHE A 38 -25.86 -8.06 3.62
C PHE A 38 -27.33 -8.51 3.56
N ALA A 39 -27.87 -8.88 4.71
CA ALA A 39 -29.26 -9.31 4.78
C ALA A 39 -30.16 -8.21 4.25
N ASN A 40 -29.93 -6.97 4.70
CA ASN A 40 -30.76 -5.86 4.27
C ASN A 40 -30.68 -5.61 2.77
N ARG A 41 -29.49 -5.83 2.21
CA ARG A 41 -29.29 -5.64 0.78
C ARG A 41 -30.03 -6.72 -0.01
N LEU A 42 -30.03 -7.94 0.51
CA LEU A 42 -30.73 -9.04 -0.15
C LEU A 42 -32.24 -8.82 -0.04
N SER A 43 -32.70 -8.40 1.14
CA SER A 43 -34.12 -8.16 1.34
C SER A 43 -34.61 -7.09 0.36
N LYS A 44 -33.84 -6.02 0.20
CA LYS A 44 -34.21 -4.96 -0.72
C LYS A 44 -34.21 -5.46 -2.16
N ASP A 45 -33.23 -6.30 -2.51
CA ASP A 45 -33.14 -6.84 -3.86
C ASP A 45 -34.44 -7.50 -4.30
N ALA A 46 -35.10 -8.16 -3.34
CA ALA A 46 -36.36 -8.86 -3.60
C ALA A 46 -37.32 -8.01 -4.43
N HIS A 47 -37.42 -6.74 -4.06
CA HIS A 47 -38.30 -5.79 -4.75
C HIS A 47 -38.03 -5.74 -6.25
N ARG A 48 -36.75 -5.71 -6.61
CA ARG A 48 -36.37 -5.65 -8.02
C ARG A 48 -36.67 -6.93 -8.79
N TYR A 49 -37.34 -7.89 -8.15
CA TYR A 49 -37.65 -9.15 -8.81
C TYR A 49 -39.10 -9.57 -8.58
N GLY A 50 -39.97 -8.59 -8.41
CA GLY A 50 -41.38 -8.87 -8.20
C GLY A 50 -41.73 -9.50 -6.87
N MET A 51 -40.71 -9.82 -6.07
CA MET A 51 -40.94 -10.43 -4.77
C MET A 51 -40.84 -9.34 -3.70
N ARG A 52 -41.04 -9.72 -2.45
CA ARG A 52 -40.95 -8.77 -1.35
C ARG A 52 -40.36 -9.48 -0.14
N GLY A 53 -39.30 -8.91 0.41
CA GLY A 53 -38.68 -9.53 1.55
C GLY A 53 -38.55 -8.68 2.78
N MET A 54 -37.88 -9.24 3.79
CA MET A 54 -37.64 -8.55 5.04
C MET A 54 -36.42 -9.17 5.70
N SER A 55 -35.69 -8.35 6.45
CA SER A 55 -34.50 -8.79 7.17
C SER A 55 -35.01 -9.14 8.56
N ALA A 56 -34.25 -9.90 9.32
CA ALA A 56 -34.68 -10.29 10.66
C ALA A 56 -33.55 -10.86 11.53
N ASP A 57 -33.59 -10.53 12.81
CA ASP A 57 -32.60 -11.01 13.77
C ASP A 57 -33.08 -12.38 14.25
N PRO A 58 -32.37 -13.45 13.88
CA PRO A 58 -32.79 -14.78 14.33
C PRO A 58 -33.05 -14.88 15.81
N GLU A 59 -32.34 -14.09 16.60
CA GLU A 59 -32.50 -14.11 18.05
C GLU A 59 -33.91 -13.70 18.52
N GLU A 60 -34.56 -12.81 17.77
CA GLU A 60 -35.89 -12.35 18.14
C GLU A 60 -36.99 -13.28 17.69
N TYR A 61 -36.62 -14.46 17.18
CA TYR A 61 -37.61 -15.41 16.70
C TYR A 61 -37.30 -16.85 17.04
N ASP A 62 -38.27 -17.72 16.76
CA ASP A 62 -38.13 -19.13 17.01
C ASP A 62 -38.07 -19.76 15.62
N LEU A 63 -36.88 -20.18 15.21
CA LEU A 63 -36.71 -20.76 13.88
C LEU A 63 -37.46 -22.04 13.63
N ALA A 64 -38.09 -22.59 14.66
CA ALA A 64 -38.86 -23.81 14.49
C ALA A 64 -40.01 -23.47 13.56
N ASP A 65 -40.40 -22.20 13.53
CA ASP A 65 -41.49 -21.78 12.67
C ASP A 65 -41.14 -21.89 11.19
N LEU A 66 -39.91 -22.28 10.90
CA LEU A 66 -39.47 -22.48 9.52
C LEU A 66 -40.37 -23.52 8.85
N SER A 67 -40.87 -24.47 9.64
CA SER A 67 -41.71 -25.54 9.13
C SER A 67 -43.05 -25.05 8.62
N SER A 68 -43.36 -23.78 8.89
CA SER A 68 -44.60 -23.17 8.43
C SER A 68 -44.40 -22.31 7.20
N LEU A 69 -43.14 -22.05 6.86
CA LEU A 69 -42.82 -21.22 5.70
C LEU A 69 -43.48 -21.74 4.40
N PRO A 70 -43.61 -23.06 4.23
CA PRO A 70 -44.23 -23.58 3.02
C PRO A 70 -45.68 -23.11 2.79
N GLU A 71 -46.28 -22.52 3.82
CA GLU A 71 -47.65 -22.02 3.71
C GLU A 71 -47.70 -20.76 2.85
N ILE A 72 -46.54 -20.20 2.55
CA ILE A 72 -46.47 -19.01 1.71
C ILE A 72 -45.98 -19.47 0.33
N ASP A 73 -46.71 -19.10 -0.72
CA ASP A 73 -46.32 -19.50 -2.08
C ASP A 73 -44.95 -18.98 -2.46
N LYS A 74 -44.18 -19.81 -3.15
CA LYS A 74 -42.85 -19.43 -3.61
C LYS A 74 -42.03 -18.79 -2.50
N SER A 75 -42.12 -19.32 -1.28
CA SER A 75 -41.38 -18.73 -0.17
C SER A 75 -39.91 -19.14 -0.15
N LEU A 76 -39.10 -18.34 0.52
CA LEU A 76 -37.67 -18.59 0.61
C LEU A 76 -37.02 -17.92 1.80
N VAL A 77 -36.10 -18.63 2.45
CA VAL A 77 -35.36 -18.08 3.57
C VAL A 77 -33.88 -18.09 3.23
N VAL A 78 -33.23 -16.96 3.49
CA VAL A 78 -31.81 -16.80 3.26
C VAL A 78 -31.13 -16.53 4.60
N PHE A 79 -29.97 -17.13 4.80
CA PHE A 79 -29.21 -16.94 6.02
C PHE A 79 -27.85 -16.34 5.71
N CYS A 80 -27.60 -15.13 6.22
CA CYS A 80 -26.31 -14.46 6.06
C CYS A 80 -25.68 -14.60 7.44
N MET A 81 -24.78 -15.57 7.60
CA MET A 81 -24.19 -15.85 8.90
C MET A 81 -22.66 -15.71 9.00
N ALA A 82 -22.21 -14.93 9.98
CA ALA A 82 -20.79 -14.74 10.22
C ALA A 82 -20.36 -15.77 11.27
N THR A 83 -19.07 -16.04 11.33
CA THR A 83 -18.52 -16.98 12.30
C THR A 83 -17.59 -16.20 13.25
N TYR A 84 -17.60 -16.58 14.53
CA TYR A 84 -16.74 -15.92 15.51
C TYR A 84 -16.07 -16.92 16.41
N ASN A 85 -14.78 -17.11 16.18
CA ASN A 85 -13.99 -18.05 16.95
C ASN A 85 -14.57 -19.45 16.83
N GLY A 86 -14.94 -19.82 15.60
CA GLY A 86 -15.49 -21.12 15.31
C GLY A 86 -16.94 -21.31 15.71
N ASP A 87 -17.52 -20.31 16.35
CA ASP A 87 -18.91 -20.39 16.80
C ASP A 87 -19.85 -19.43 16.12
N PRO A 88 -21.15 -19.56 16.43
CA PRO A 88 -22.15 -18.68 15.83
C PRO A 88 -21.96 -17.31 16.49
N THR A 89 -22.49 -16.27 15.87
CA THR A 89 -22.42 -14.95 16.46
C THR A 89 -23.33 -15.02 17.68
N ASP A 90 -23.20 -14.08 18.61
CA ASP A 90 -24.04 -14.13 19.81
C ASP A 90 -25.53 -14.24 19.50
N ASN A 91 -26.01 -13.40 18.58
CA ASN A 91 -27.42 -13.37 18.21
C ASN A 91 -27.95 -14.62 17.49
N ALA A 92 -27.04 -15.50 17.09
CA ALA A 92 -27.45 -16.72 16.39
C ALA A 92 -27.16 -17.98 17.20
N GLN A 93 -26.69 -17.83 18.43
CA GLN A 93 -26.38 -18.98 19.27
C GLN A 93 -27.65 -19.79 19.52
N ASP A 94 -28.78 -19.10 19.67
CA ASP A 94 -30.07 -19.73 19.91
C ASP A 94 -30.44 -20.63 18.73
N PHE A 95 -30.34 -20.06 17.53
CA PHE A 95 -30.63 -20.78 16.30
C PHE A 95 -29.77 -22.03 16.23
N TYR A 96 -28.47 -21.87 16.51
CA TYR A 96 -27.53 -22.99 16.47
C TYR A 96 -27.91 -24.12 17.42
N ASP A 97 -28.23 -23.77 18.67
CA ASP A 97 -28.60 -24.79 19.64
C ASP A 97 -29.86 -25.51 19.18
N TRP A 98 -30.82 -24.75 18.66
CA TRP A 98 -32.05 -25.33 18.16
C TRP A 98 -31.75 -26.32 17.04
N LEU A 99 -30.95 -25.88 16.06
CA LEU A 99 -30.57 -26.72 14.93
C LEU A 99 -30.01 -28.06 15.37
N GLN A 100 -29.27 -28.05 16.47
CA GLN A 100 -28.67 -29.27 16.97
C GLN A 100 -29.63 -30.21 17.71
N GLU A 101 -30.51 -29.64 18.52
CA GLU A 101 -31.46 -30.44 19.30
C GLU A 101 -32.76 -30.82 18.59
N THR A 102 -33.22 -29.99 17.64
CA THR A 102 -34.46 -30.25 16.93
C THR A 102 -34.42 -31.45 15.98
N ASP A 103 -35.61 -31.91 15.60
CA ASP A 103 -35.77 -33.03 14.68
C ASP A 103 -36.95 -32.70 13.78
N VAL A 104 -37.36 -31.43 13.79
CA VAL A 104 -38.47 -30.95 12.99
C VAL A 104 -38.25 -31.23 11.51
N ASP A 105 -39.34 -31.49 10.78
CA ASP A 105 -39.22 -31.75 9.35
C ASP A 105 -39.41 -30.45 8.57
N LEU A 106 -38.45 -30.11 7.72
CA LEU A 106 -38.51 -28.88 6.94
C LEU A 106 -38.86 -29.13 5.46
N THR A 107 -39.49 -30.27 5.19
CA THR A 107 -39.90 -30.61 3.83
C THR A 107 -40.62 -29.41 3.25
N GLY A 108 -40.26 -29.03 2.02
CA GLY A 108 -40.92 -27.89 1.40
C GLY A 108 -40.21 -26.57 1.58
N VAL A 109 -39.34 -26.47 2.59
CA VAL A 109 -38.62 -25.24 2.84
C VAL A 109 -37.49 -25.06 1.82
N LYS A 110 -37.37 -23.85 1.30
CA LYS A 110 -36.33 -23.52 0.34
C LYS A 110 -35.36 -22.51 0.99
N PHE A 111 -34.07 -22.80 0.96
CA PHE A 111 -33.11 -21.90 1.60
C PHE A 111 -31.85 -21.64 0.78
N ALA A 112 -31.06 -20.70 1.29
CA ALA A 112 -29.78 -20.31 0.71
C ALA A 112 -28.96 -19.68 1.84
N VAL A 113 -27.66 -19.93 1.83
CA VAL A 113 -26.78 -19.41 2.86
C VAL A 113 -25.56 -18.69 2.32
N PHE A 114 -25.25 -17.53 2.90
CA PHE A 114 -24.04 -16.81 2.52
C PHE A 114 -23.25 -16.65 3.82
N GLY A 115 -22.15 -17.38 3.92
CA GLY A 115 -21.35 -17.29 5.12
C GLY A 115 -20.28 -16.22 5.12
N LEU A 116 -20.22 -15.43 6.18
CA LEU A 116 -19.20 -14.40 6.31
C LEU A 116 -18.14 -15.01 7.22
N GLY A 117 -16.92 -15.08 6.73
CA GLY A 117 -15.84 -15.65 7.52
C GLY A 117 -14.51 -15.06 7.11
N ASN A 118 -13.42 -15.66 7.58
CA ASN A 118 -12.07 -15.19 7.28
C ASN A 118 -11.16 -16.41 7.21
N LYS A 119 -10.63 -16.68 6.02
CA LYS A 119 -9.77 -17.84 5.80
C LYS A 119 -8.59 -17.99 6.78
N THR A 120 -8.13 -16.91 7.40
CA THR A 120 -7.00 -17.03 8.30
C THR A 120 -7.29 -17.78 9.59
N TYR A 121 -8.57 -17.97 9.91
CA TYR A 121 -8.91 -18.69 11.14
C TYR A 121 -8.94 -20.20 10.94
N GLU A 122 -8.88 -20.92 12.05
CA GLU A 122 -8.88 -22.38 12.02
C GLU A 122 -10.16 -22.95 11.43
N HIS A 123 -11.30 -22.45 11.90
CA HIS A 123 -12.60 -22.91 11.44
C HIS A 123 -13.25 -21.82 10.56
N PHE A 124 -12.89 -21.84 9.29
CA PHE A 124 -13.35 -20.87 8.31
C PHE A 124 -14.83 -21.02 7.92
N ASN A 125 -15.63 -20.01 8.22
CA ASN A 125 -17.05 -20.03 7.89
C ASN A 125 -17.76 -21.24 8.50
N ALA A 126 -17.32 -21.65 9.68
CA ALA A 126 -17.90 -22.81 10.36
C ALA A 126 -19.43 -22.74 10.49
N MET A 127 -19.94 -21.57 10.89
CA MET A 127 -21.38 -21.39 11.08
C MET A 127 -22.17 -21.48 9.77
N GLY A 128 -21.71 -20.77 8.75
CA GLY A 128 -22.41 -20.80 7.48
C GLY A 128 -22.42 -22.21 6.93
N LYS A 129 -21.26 -22.88 7.02
CA LYS A 129 -21.16 -24.26 6.56
C LYS A 129 -22.10 -25.15 7.33
N TYR A 130 -22.18 -24.94 8.64
CA TYR A 130 -23.06 -25.76 9.46
C TYR A 130 -24.54 -25.60 9.13
N VAL A 131 -25.01 -24.36 9.15
CA VAL A 131 -26.42 -24.07 8.85
C VAL A 131 -26.82 -24.65 7.50
N ASP A 132 -25.99 -24.41 6.50
CA ASP A 132 -26.25 -24.90 5.15
C ASP A 132 -26.37 -26.42 5.10
N GLN A 133 -25.56 -27.11 5.89
CA GLN A 133 -25.60 -28.56 5.89
C GLN A 133 -26.76 -29.11 6.73
N ARG A 134 -27.03 -28.43 7.85
CA ARG A 134 -28.08 -28.86 8.76
C ARG A 134 -29.49 -28.72 8.21
N LEU A 135 -29.81 -27.58 7.59
CA LEU A 135 -31.15 -27.38 7.05
C LEU A 135 -31.48 -28.50 6.06
N GLU A 136 -30.51 -28.87 5.25
CA GLU A 136 -30.71 -29.94 4.29
C GLU A 136 -31.01 -31.26 5.01
N GLN A 137 -30.25 -31.56 6.06
CA GLN A 137 -30.46 -32.79 6.81
C GLN A 137 -31.85 -32.84 7.42
N LEU A 138 -32.39 -31.67 7.76
CA LEU A 138 -33.71 -31.59 8.36
C LEU A 138 -34.83 -31.69 7.32
N GLY A 139 -34.46 -31.77 6.04
CA GLY A 139 -35.46 -31.91 4.99
C GLY A 139 -35.68 -30.73 4.07
N ALA A 140 -35.04 -29.60 4.36
CA ALA A 140 -35.18 -28.42 3.52
C ALA A 140 -34.35 -28.61 2.26
N GLN A 141 -34.69 -27.88 1.20
CA GLN A 141 -33.94 -28.01 -0.05
C GLN A 141 -33.22 -26.72 -0.42
N ARG A 142 -31.94 -26.86 -0.77
CA ARG A 142 -31.07 -25.75 -1.15
C ARG A 142 -31.42 -25.19 -2.53
N ILE A 143 -31.78 -23.90 -2.59
CA ILE A 143 -32.13 -23.28 -3.86
C ILE A 143 -30.91 -22.72 -4.59
N PHE A 144 -29.84 -22.42 -3.84
CA PHE A 144 -28.61 -21.90 -4.43
C PHE A 144 -27.41 -22.31 -3.56
N GLU A 145 -26.27 -22.52 -4.20
CA GLU A 145 -25.06 -22.95 -3.51
C GLU A 145 -24.63 -22.07 -2.33
N LEU A 146 -23.92 -22.67 -1.38
CA LEU A 146 -23.44 -21.98 -0.20
C LEU A 146 -22.42 -20.91 -0.59
N GLY A 147 -22.61 -19.70 -0.09
CA GLY A 147 -21.67 -18.64 -0.39
C GLY A 147 -20.62 -18.61 0.71
N LEU A 148 -19.34 -18.54 0.33
CA LEU A 148 -18.24 -18.49 1.31
C LEU A 148 -17.44 -17.19 1.23
N GLY A 149 -17.90 -16.18 1.95
CA GLY A 149 -17.20 -14.90 1.97
C GLY A 149 -15.94 -14.97 2.80
N ASP A 150 -14.87 -14.36 2.30
CA ASP A 150 -13.58 -14.35 2.97
C ASP A 150 -13.11 -12.93 3.26
N ASP A 151 -13.24 -12.48 4.51
CA ASP A 151 -12.84 -11.13 4.87
C ASP A 151 -11.33 -10.95 4.79
N ASP A 152 -10.60 -12.04 4.55
CA ASP A 152 -9.16 -11.94 4.42
C ASP A 152 -8.77 -11.48 3.01
N GLY A 153 -9.67 -11.68 2.06
CA GLY A 153 -9.42 -11.22 0.69
C GLY A 153 -10.31 -10.00 0.58
N ASN A 154 -11.48 -10.15 -0.03
CA ASN A 154 -12.41 -9.05 -0.08
C ASN A 154 -13.82 -9.61 -0.05
N LEU A 155 -14.37 -9.55 1.16
CA LEU A 155 -15.71 -10.04 1.46
C LEU A 155 -16.76 -9.41 0.56
N GLU A 156 -16.68 -8.09 0.41
CA GLU A 156 -17.61 -7.34 -0.42
C GLU A 156 -17.71 -7.91 -1.82
N GLU A 157 -16.56 -8.24 -2.42
CA GLU A 157 -16.54 -8.79 -3.78
C GLU A 157 -17.15 -10.20 -3.81
N ASP A 158 -16.85 -11.01 -2.80
CA ASP A 158 -17.40 -12.36 -2.74
C ASP A 158 -18.92 -12.26 -2.71
N PHE A 159 -19.42 -11.31 -1.93
CA PHE A 159 -20.85 -11.08 -1.78
C PHE A 159 -21.49 -10.66 -3.10
N ILE A 160 -20.84 -9.72 -3.77
CA ILE A 160 -21.32 -9.23 -5.06
C ILE A 160 -21.44 -10.40 -6.03
N THR A 161 -20.39 -11.22 -6.10
CA THR A 161 -20.36 -12.36 -7.00
C THR A 161 -21.49 -13.35 -6.72
N TRP A 162 -21.63 -13.75 -5.46
CA TRP A 162 -22.67 -14.69 -5.04
C TRP A 162 -24.05 -14.12 -5.36
N ARG A 163 -24.28 -12.88 -4.92
CA ARG A 163 -25.54 -12.19 -5.12
C ARG A 163 -25.95 -12.07 -6.59
N GLU A 164 -24.95 -11.87 -7.44
CA GLU A 164 -25.20 -11.73 -8.87
C GLU A 164 -25.74 -13.02 -9.49
N GLN A 165 -25.32 -14.16 -8.94
CA GLN A 165 -25.77 -15.46 -9.44
C GLN A 165 -27.00 -15.95 -8.68
N PHE A 166 -27.12 -15.54 -7.43
CA PHE A 166 -28.23 -15.93 -6.58
C PHE A 166 -29.58 -15.52 -7.19
N TRP A 167 -29.78 -14.23 -7.42
CA TRP A 167 -31.06 -13.77 -7.95
C TRP A 167 -31.55 -14.45 -9.24
N PRO A 168 -30.65 -14.66 -10.23
CA PRO A 168 -31.10 -15.30 -11.46
C PRO A 168 -31.57 -16.73 -11.13
N ALA A 169 -30.84 -17.39 -10.25
CA ALA A 169 -31.19 -18.76 -9.86
C ALA A 169 -32.57 -18.76 -9.19
N VAL A 170 -32.82 -17.76 -8.34
CA VAL A 170 -34.09 -17.63 -7.65
C VAL A 170 -35.20 -17.37 -8.68
N CYS A 171 -34.95 -16.43 -9.58
CA CYS A 171 -35.93 -16.11 -10.63
C CYS A 171 -36.24 -17.31 -11.52
N GLU A 172 -35.22 -18.07 -11.89
CA GLU A 172 -35.41 -19.25 -12.74
C GLU A 172 -36.26 -20.32 -12.06
N PHE A 173 -35.96 -20.57 -10.79
CA PHE A 173 -36.70 -21.61 -10.08
C PHE A 173 -38.17 -21.28 -9.80
N PHE A 174 -38.44 -20.05 -9.39
CA PHE A 174 -39.82 -19.67 -9.08
C PHE A 174 -40.58 -19.09 -10.27
N GLY A 175 -39.94 -19.03 -11.44
CA GLY A 175 -40.62 -18.46 -12.59
C GLY A 175 -40.95 -16.99 -12.39
N VAL A 176 -39.97 -16.24 -11.88
CA VAL A 176 -40.13 -14.82 -11.62
C VAL A 176 -39.32 -13.97 -12.61
N GLU A 177 -39.79 -12.75 -12.85
CA GLU A 177 -39.15 -11.81 -13.78
C GLU A 177 -38.23 -10.81 -13.08
N ALA A 178 -37.20 -10.36 -13.77
CA ALA A 178 -36.26 -9.40 -13.20
C ALA A 178 -36.69 -7.95 -13.43
N THR A 179 -37.96 -7.75 -13.78
CA THR A 179 -38.53 -6.42 -14.04
C THR A 179 -37.49 -5.44 -14.61
N SER A 183 -34.45 1.47 -9.53
CA SER A 183 -34.79 2.83 -9.15
C SER A 183 -34.41 3.15 -7.70
N SER A 184 -34.23 4.43 -7.40
CA SER A 184 -33.84 4.88 -6.06
C SER A 184 -35.01 4.75 -5.08
N ILE A 185 -34.76 4.10 -3.94
CA ILE A 185 -35.79 3.89 -2.94
C ILE A 185 -35.30 4.12 -1.51
N ARG A 186 -35.82 5.15 -0.85
CA ARG A 186 -35.45 5.47 0.53
C ARG A 186 -36.11 4.48 1.48
N GLN A 187 -35.39 4.10 2.53
CA GLN A 187 -35.94 3.20 3.53
C GLN A 187 -36.55 4.04 4.63
N TYR A 188 -36.00 5.24 4.84
CA TYR A 188 -36.51 6.13 5.87
C TYR A 188 -36.94 7.46 5.29
N GLU A 189 -37.77 8.18 6.05
CA GLU A 189 -38.22 9.49 5.64
C GLU A 189 -37.62 10.47 6.64
N LEU A 190 -37.28 11.67 6.16
CA LEU A 190 -36.72 12.68 7.03
C LEU A 190 -37.81 13.53 7.66
N VAL A 191 -37.70 13.75 8.96
CA VAL A 191 -38.66 14.59 9.66
C VAL A 191 -37.88 15.60 10.50
N VAL A 192 -37.69 16.80 9.97
CA VAL A 192 -36.96 17.83 10.72
C VAL A 192 -37.81 18.21 11.94
N HIS A 193 -37.14 18.62 13.01
CA HIS A 193 -37.84 19.03 14.23
C HIS A 193 -37.41 20.44 14.65
N GLU A 194 -38.29 21.41 14.44
CA GLU A 194 -37.99 22.79 14.82
C GLU A 194 -38.39 23.04 16.28
N ASP A 195 -39.54 22.51 16.66
CA ASP A 195 -40.07 22.68 18.00
C ASP A 195 -39.71 21.50 18.91
N MET A 196 -38.47 21.06 18.83
CA MET A 196 -38.00 19.92 19.63
C MET A 196 -37.36 20.33 20.95
N ASP A 197 -37.83 19.74 22.04
CA ASP A 197 -37.29 20.02 23.36
C ASP A 197 -35.95 19.28 23.53
N VAL A 198 -34.98 19.97 24.12
CA VAL A 198 -33.65 19.43 24.33
C VAL A 198 -33.56 18.08 25.06
N ALA A 199 -34.41 17.88 26.07
CA ALA A 199 -34.38 16.63 26.83
C ALA A 199 -34.75 15.40 26.00
N LYS A 200 -35.25 15.61 24.80
CA LYS A 200 -35.65 14.48 23.94
C LYS A 200 -34.66 14.22 22.81
N VAL A 201 -33.56 14.96 22.79
CA VAL A 201 -32.57 14.80 21.73
C VAL A 201 -31.38 13.92 22.12
N TYR A 202 -31.14 12.89 21.32
CA TYR A 202 -30.01 11.98 21.54
C TYR A 202 -28.72 12.74 21.29
N THR A 203 -27.75 12.57 22.17
CA THR A 203 -26.46 13.25 22.02
C THR A 203 -25.31 12.26 21.91
N GLY A 204 -25.62 11.02 21.53
CA GLY A 204 -24.56 10.02 21.41
C GLY A 204 -24.71 8.77 22.25
N GLU A 205 -25.76 8.68 23.06
CA GLU A 205 -25.98 7.48 23.90
C GLU A 205 -26.40 6.36 22.95
N MET A 206 -26.26 5.11 23.41
CA MET A 206 -26.61 3.95 22.59
C MET A 206 -28.01 3.37 22.80
N GLY A 207 -28.48 3.29 24.03
CA GLY A 207 -29.79 2.72 24.27
C GLY A 207 -30.86 3.75 24.62
N ARG A 208 -31.21 3.80 25.90
CA ARG A 208 -32.22 4.72 26.40
C ARG A 208 -31.73 6.16 26.42
N LEU A 209 -32.62 7.07 26.07
CA LEU A 209 -32.33 8.49 26.05
C LEU A 209 -31.82 8.88 27.43
N LYS A 210 -30.65 9.53 27.46
CA LYS A 210 -30.02 9.96 28.70
C LYS A 210 -29.36 8.83 29.49
N SER A 211 -29.12 7.69 28.85
CA SER A 211 -28.49 6.56 29.52
C SER A 211 -27.03 6.84 29.85
N TYR A 212 -26.41 7.78 29.15
CA TYR A 212 -25.02 8.15 29.42
C TYR A 212 -24.96 9.07 30.63
N GLU A 213 -25.96 9.94 30.74
CA GLU A 213 -26.04 10.89 31.84
C GLU A 213 -26.47 10.19 33.13
N ASN A 214 -27.58 9.46 33.04
CA ASN A 214 -28.10 8.71 34.18
C ASN A 214 -27.70 7.26 33.98
N GLN A 215 -26.62 6.86 34.63
CA GLN A 215 -26.08 5.53 34.51
C GLN A 215 -26.74 4.50 35.42
N LYS A 216 -27.39 3.53 34.82
CA LYS A 216 -28.08 2.49 35.58
C LYS A 216 -27.57 1.11 35.25
N PRO A 217 -27.05 0.39 36.25
CA PRO A 217 -26.55 -0.96 35.98
C PRO A 217 -27.75 -1.88 35.73
N PRO A 218 -27.52 -3.06 35.14
CA PRO A 218 -26.22 -3.57 34.70
C PRO A 218 -25.80 -2.95 33.36
N PHE A 219 -24.50 -2.78 33.16
CA PHE A 219 -23.97 -2.19 31.93
C PHE A 219 -23.52 -3.23 30.91
N ASP A 220 -23.85 -2.97 29.65
CA ASP A 220 -23.49 -3.87 28.56
C ASP A 220 -23.40 -3.12 27.24
N ALA A 221 -23.42 -3.87 26.15
CA ALA A 221 -23.33 -3.30 24.81
C ALA A 221 -24.42 -2.29 24.53
N LYS A 222 -25.60 -2.52 25.09
CA LYS A 222 -26.72 -1.61 24.87
C LYS A 222 -26.80 -0.50 25.91
N ASN A 223 -26.06 -0.67 27.00
CA ASN A 223 -26.03 0.31 28.09
C ASN A 223 -24.61 0.35 28.64
N PRO A 224 -23.66 0.88 27.86
CA PRO A 224 -22.28 0.94 28.31
C PRO A 224 -22.04 1.81 29.53
N PHE A 225 -21.02 1.47 30.29
CA PHE A 225 -20.67 2.23 31.47
C PHE A 225 -19.64 3.28 31.06
N LEU A 226 -19.84 4.53 31.44
CA LEU A 226 -18.86 5.55 31.10
C LEU A 226 -17.77 5.53 32.15
N ALA A 227 -16.64 4.92 31.80
CA ALA A 227 -15.53 4.81 32.73
C ALA A 227 -14.57 5.97 32.63
N ALA A 228 -14.15 6.47 33.79
CA ALA A 228 -13.23 7.59 33.83
C ALA A 228 -11.83 7.11 33.48
N VAL A 229 -11.17 7.84 32.61
CA VAL A 229 -9.81 7.49 32.24
C VAL A 229 -8.92 8.06 33.33
N THR A 230 -8.37 7.19 34.17
CA THR A 230 -7.53 7.66 35.26
C THR A 230 -6.06 7.74 34.90
N ALA A 231 -5.67 7.03 33.84
CA ALA A 231 -4.29 7.05 33.37
C ALA A 231 -4.26 6.85 31.86
N ASN A 232 -3.29 7.50 31.22
CA ASN A 232 -3.09 7.40 29.78
C ASN A 232 -1.66 7.85 29.48
N ARG A 233 -0.75 6.88 29.39
CA ARG A 233 0.66 7.20 29.14
C ARG A 233 1.28 6.48 27.96
N LYS A 234 2.28 7.12 27.37
CA LYS A 234 3.02 6.58 26.24
C LYS A 234 3.95 5.48 26.77
N LEU A 235 3.99 4.35 26.09
CA LEU A 235 4.81 3.22 26.52
C LEU A 235 6.16 3.10 25.82
N ASN A 236 6.25 3.56 24.59
CA ASN A 236 7.49 3.49 23.83
C ASN A 236 8.28 4.81 23.88
N GLN A 237 9.53 4.77 23.46
CA GLN A 237 10.40 5.95 23.45
C GLN A 237 10.45 6.69 22.10
N GLY A 238 10.50 5.94 21.01
CA GLY A 238 10.55 6.55 19.70
C GLY A 238 9.37 7.44 19.37
N THR A 239 9.35 7.98 18.16
CA THR A 239 8.26 8.85 17.71
C THR A 239 7.65 8.34 16.41
N GLU A 240 8.12 7.20 15.93
CA GLU A 240 7.58 6.63 14.70
C GLU A 240 6.16 6.13 15.01
N ARG A 241 6.01 5.51 16.17
CA ARG A 241 4.73 4.96 16.63
C ARG A 241 4.33 5.50 18.00
N HIS A 242 3.06 5.32 18.34
CA HIS A 242 2.56 5.76 19.63
C HIS A 242 1.86 4.57 20.31
N LEU A 243 2.56 3.90 21.21
CA LEU A 243 1.98 2.80 21.94
C LEU A 243 1.56 3.39 23.27
N MET A 244 0.37 3.02 23.74
CA MET A 244 -0.14 3.61 24.97
C MET A 244 -0.78 2.65 25.96
N HIS A 245 -0.84 3.08 27.20
CA HIS A 245 -1.47 2.36 28.25
C HIS A 245 -2.50 3.23 28.93
N LEU A 246 -3.71 2.73 29.06
CA LEU A 246 -4.76 3.48 29.72
C LEU A 246 -5.39 2.64 30.82
N GLU A 247 -5.89 3.32 31.83
CA GLU A 247 -6.54 2.67 32.94
C GLU A 247 -7.93 3.28 33.07
N LEU A 248 -8.94 2.43 32.94
CA LEU A 248 -10.32 2.87 33.02
C LEU A 248 -10.88 2.48 34.39
N ASP A 249 -11.42 3.48 35.08
CA ASP A 249 -12.01 3.30 36.41
C ASP A 249 -13.43 2.78 36.31
N ILE A 250 -13.64 1.54 36.74
CA ILE A 250 -14.97 0.96 36.66
C ILE A 250 -15.66 0.83 38.02
N SER A 251 -15.23 1.63 38.99
CA SER A 251 -15.81 1.61 40.33
C SER A 251 -17.30 1.89 40.29
N ASP A 252 -18.07 1.11 41.06
CA ASP A 252 -19.52 1.27 41.17
C ASP A 252 -20.31 0.81 39.94
N SER A 253 -19.63 0.23 38.95
CA SER A 253 -20.31 -0.24 37.75
C SER A 253 -20.85 -1.64 37.99
N LYS A 254 -20.31 -2.32 38.99
CA LYS A 254 -20.73 -3.69 39.31
C LYS A 254 -20.31 -4.65 38.19
N ILE A 255 -19.50 -4.13 37.27
CA ILE A 255 -18.99 -4.94 36.16
C ILE A 255 -17.87 -5.88 36.64
N ARG A 256 -17.94 -7.15 36.24
CA ARG A 256 -16.92 -8.10 36.62
C ARG A 256 -16.09 -8.51 35.40
N TYR A 257 -14.86 -8.92 35.62
CA TYR A 257 -14.01 -9.34 34.52
C TYR A 257 -12.89 -10.21 35.06
N GLU A 258 -12.18 -10.87 34.15
CA GLU A 258 -11.06 -11.72 34.49
C GLU A 258 -10.02 -11.54 33.39
N SER A 259 -8.76 -11.75 33.73
CA SER A 259 -7.69 -11.66 32.75
C SER A 259 -8.03 -12.55 31.57
N GLY A 260 -7.91 -12.01 30.36
CA GLY A 260 -8.26 -12.78 29.18
C GLY A 260 -9.52 -12.20 28.55
N ASP A 261 -10.33 -11.50 29.34
CA ASP A 261 -11.54 -10.89 28.81
C ASP A 261 -11.19 -9.69 27.93
N HIS A 262 -12.15 -9.24 27.16
CA HIS A 262 -11.94 -8.09 26.30
C HIS A 262 -12.85 -6.96 26.76
N VAL A 263 -12.39 -5.72 26.59
CA VAL A 263 -13.19 -4.57 26.94
C VAL A 263 -13.51 -3.85 25.64
N ALA A 264 -14.78 -3.49 25.44
CA ALA A 264 -15.18 -2.79 24.22
C ALA A 264 -15.47 -1.33 24.50
N VAL A 265 -15.15 -0.45 23.56
CA VAL A 265 -15.42 0.97 23.77
C VAL A 265 -16.12 1.57 22.56
N TYR A 266 -17.00 2.54 22.81
CA TYR A 266 -17.72 3.25 21.76
C TYR A 266 -17.01 4.60 21.65
N PRO A 267 -16.27 4.82 20.55
CA PRO A 267 -15.53 6.05 20.32
C PRO A 267 -16.31 7.13 19.56
N ALA A 268 -15.67 8.28 19.39
CA ALA A 268 -16.26 9.40 18.65
C ALA A 268 -15.38 9.66 17.43
N ASN A 269 -16.00 9.90 16.28
CA ASN A 269 -15.22 10.19 15.10
C ASN A 269 -14.53 11.54 15.24
N ASP A 270 -13.56 11.79 14.37
CA ASP A 270 -12.82 13.04 14.39
C ASP A 270 -13.76 14.21 14.03
N SER A 271 -13.84 15.18 14.92
CA SER A 271 -14.72 16.34 14.75
C SER A 271 -14.43 17.12 13.47
N ALA A 272 -13.17 17.20 13.09
CA ALA A 272 -12.79 17.91 11.89
C ALA A 272 -13.30 17.19 10.65
N LEU A 273 -13.29 15.86 10.71
CA LEU A 273 -13.77 15.04 9.60
C LEU A 273 -15.28 15.22 9.47
N VAL A 274 -15.96 15.21 10.62
CA VAL A 274 -17.41 15.41 10.63
C VAL A 274 -17.72 16.79 10.08
N ASN A 275 -17.01 17.81 10.57
CA ASN A 275 -17.25 19.19 10.14
C ASN A 275 -17.12 19.34 8.63
N GLN A 276 -16.06 18.76 8.06
CA GLN A 276 -15.84 18.86 6.62
C GLN A 276 -16.89 18.17 5.77
N ILE A 277 -17.44 17.08 6.26
CA ILE A 277 -18.47 16.36 5.49
C ILE A 277 -19.67 17.29 5.35
N GLY A 278 -20.02 17.98 6.44
CA GLY A 278 -21.13 18.90 6.40
C GLY A 278 -20.78 20.08 5.50
N GLU A 279 -19.59 20.63 5.72
CA GLU A 279 -19.12 21.77 4.94
C GLU A 279 -19.11 21.50 3.42
N ILE A 280 -18.65 20.33 3.02
CA ILE A 280 -18.57 20.03 1.60
C ILE A 280 -19.93 19.81 0.97
N LEU A 281 -20.89 19.36 1.78
CA LEU A 281 -22.24 19.14 1.26
C LEU A 281 -23.11 20.38 1.47
N GLY A 282 -22.55 21.39 2.12
CA GLY A 282 -23.30 22.61 2.37
C GLY A 282 -24.51 22.36 3.27
N ALA A 283 -24.38 21.38 4.16
CA ALA A 283 -25.47 21.05 5.06
C ALA A 283 -25.25 21.59 6.47
N ASP A 284 -26.34 21.86 7.18
CA ASP A 284 -26.26 22.35 8.55
C ASP A 284 -26.26 21.07 9.39
N LEU A 285 -25.12 20.77 10.00
CA LEU A 285 -25.01 19.56 10.80
C LEU A 285 -25.77 19.66 12.11
N ASP A 286 -26.11 20.87 12.51
CA ASP A 286 -26.80 21.05 13.77
C ASP A 286 -28.32 21.01 13.67
N VAL A 287 -28.84 20.53 12.54
CA VAL A 287 -30.27 20.40 12.37
C VAL A 287 -30.75 19.19 13.16
N ILE A 288 -31.72 19.39 14.05
CA ILE A 288 -32.26 18.28 14.83
C ILE A 288 -33.31 17.58 13.97
N MET A 289 -33.18 16.27 13.81
CA MET A 289 -34.12 15.51 13.00
C MET A 289 -34.20 14.05 13.40
N SER A 290 -35.01 13.30 12.65
CA SER A 290 -35.17 11.88 12.88
C SER A 290 -35.37 11.25 11.52
N LEU A 291 -34.98 10.00 11.38
CA LEU A 291 -35.18 9.27 10.13
C LEU A 291 -36.09 8.11 10.52
N ASN A 292 -37.33 8.14 10.01
CA ASN A 292 -38.31 7.13 10.35
C ASN A 292 -38.60 6.15 9.22
N ASN A 293 -38.48 4.86 9.55
CA ASN A 293 -38.71 3.79 8.59
C ASN A 293 -40.04 3.97 7.86
N LEU A 294 -39.99 3.96 6.53
CA LEU A 294 -41.21 4.10 5.73
C LEU A 294 -42.08 2.85 5.86
N ASP A 295 -41.49 1.78 6.40
CA ASP A 295 -42.23 0.54 6.63
C ASP A 295 -42.62 0.57 8.10
N GLU A 296 -43.80 1.13 8.37
CA GLU A 296 -44.28 1.25 9.75
C GLU A 296 -44.42 -0.08 10.47
N GLU A 297 -44.17 -1.18 9.76
CA GLU A 297 -44.28 -2.50 10.37
C GLU A 297 -42.94 -3.04 10.87
N SER A 298 -41.84 -2.52 10.33
CA SER A 298 -40.52 -2.96 10.75
C SER A 298 -40.24 -2.59 12.20
N ASN A 299 -39.48 -3.44 12.89
CA ASN A 299 -39.13 -3.17 14.27
C ASN A 299 -38.03 -2.13 14.32
N LYS A 300 -37.38 -1.90 13.18
CA LYS A 300 -36.31 -0.92 13.09
C LYS A 300 -36.89 0.44 12.72
N LYS A 301 -37.26 1.21 13.73
CA LYS A 301 -37.85 2.54 13.54
C LYS A 301 -36.87 3.58 13.00
N HIS A 302 -35.62 3.49 13.36
CA HIS A 302 -34.60 4.41 12.87
C HIS A 302 -33.28 3.74 12.54
N PRO A 303 -32.44 4.38 11.73
CA PRO A 303 -31.17 3.75 11.40
C PRO A 303 -30.23 3.85 12.60
N PHE A 304 -30.53 4.80 13.47
CA PHE A 304 -29.74 5.04 14.68
C PHE A 304 -30.57 5.92 15.64
N PRO A 305 -30.16 6.04 16.90
CA PRO A 305 -30.89 6.85 17.88
C PRO A 305 -31.43 8.18 17.34
N CYS A 306 -32.75 8.36 17.45
CA CYS A 306 -33.42 9.57 17.00
C CYS A 306 -34.45 10.01 18.04
N PRO A 307 -34.73 11.33 18.10
CA PRO A 307 -34.14 12.40 17.28
C PRO A 307 -32.72 12.78 17.69
N THR A 308 -31.98 13.34 16.74
CA THR A 308 -30.60 13.73 17.02
C THR A 308 -30.13 14.63 15.88
N THR A 309 -29.02 15.33 16.07
CA THR A 309 -28.49 16.19 15.01
C THR A 309 -27.64 15.34 14.07
N TYR A 310 -27.40 15.85 12.88
CA TYR A 310 -26.57 15.13 11.92
C TYR A 310 -25.16 15.01 12.50
N ARG A 311 -24.68 16.09 13.10
CA ARG A 311 -23.36 16.13 13.72
C ARG A 311 -23.22 14.97 14.67
N THR A 312 -24.18 14.81 15.57
CA THR A 312 -24.15 13.71 16.54
C THR A 312 -24.16 12.35 15.83
N ALA A 313 -24.97 12.21 14.79
CA ALA A 313 -25.05 10.96 14.04
C ALA A 313 -23.69 10.59 13.42
N LEU A 314 -23.07 11.57 12.76
CA LEU A 314 -21.79 11.37 12.10
C LEU A 314 -20.66 11.22 13.09
N THR A 315 -20.86 11.72 14.31
CA THR A 315 -19.84 11.64 15.33
C THR A 315 -19.87 10.35 16.13
N TYR A 316 -21.07 9.94 16.55
CA TYR A 316 -21.20 8.76 17.40
C TYR A 316 -21.88 7.52 16.83
N TYR A 317 -22.75 7.68 15.86
CA TYR A 317 -23.49 6.51 15.33
C TYR A 317 -23.10 5.99 13.97
N LEU A 318 -22.34 6.77 13.21
CA LEU A 318 -21.97 6.33 11.86
C LEU A 318 -20.48 6.13 11.60
N ASP A 319 -20.20 5.16 10.75
CA ASP A 319 -18.84 4.81 10.31
C ASP A 319 -18.55 5.74 9.14
N ILE A 320 -17.56 6.63 9.28
CA ILE A 320 -17.24 7.57 8.21
C ILE A 320 -15.80 7.44 7.73
N THR A 321 -15.12 6.40 8.21
CA THR A 321 -13.72 6.19 7.87
C THR A 321 -13.43 4.98 7.02
N ASN A 322 -14.16 3.89 7.22
CA ASN A 322 -13.91 2.69 6.43
C ASN A 322 -14.38 2.83 4.99
N PRO A 323 -13.67 2.19 4.05
CA PRO A 323 -14.02 2.25 2.63
C PRO A 323 -15.48 1.84 2.42
N PRO A 324 -16.26 2.71 1.78
CA PRO A 324 -17.68 2.41 1.54
C PRO A 324 -17.85 1.15 0.69
N ARG A 325 -18.91 0.40 0.98
CA ARG A 325 -19.21 -0.80 0.22
C ARG A 325 -19.86 -0.34 -1.08
N THR A 326 -19.88 -1.23 -2.08
CA THR A 326 -20.40 -0.91 -3.40
C THR A 326 -21.85 -0.39 -3.51
N ASN A 327 -22.76 -0.91 -2.72
CA ASN A 327 -24.15 -0.46 -2.79
C ASN A 327 -24.29 0.99 -2.35
N VAL A 328 -23.43 1.41 -1.42
CA VAL A 328 -23.49 2.79 -0.95
C VAL A 328 -23.07 3.71 -2.09
N LEU A 329 -21.97 3.37 -2.76
CA LEU A 329 -21.48 4.19 -3.87
C LEU A 329 -22.46 4.13 -5.04
N TYR A 330 -23.08 2.98 -5.21
CA TYR A 330 -24.05 2.79 -6.28
C TYR A 330 -25.23 3.75 -6.10
N GLU A 331 -25.78 3.77 -4.89
CA GLU A 331 -26.91 4.62 -4.57
C GLU A 331 -26.56 6.10 -4.61
N LEU A 332 -25.29 6.42 -4.40
CA LEU A 332 -24.86 7.81 -4.41
C LEU A 332 -24.59 8.35 -5.81
N ALA A 333 -24.46 7.46 -6.78
CA ALA A 333 -24.17 7.85 -8.16
C ALA A 333 -25.16 8.87 -8.72
N GLN A 334 -26.39 8.82 -8.23
CA GLN A 334 -27.43 9.71 -8.69
C GLN A 334 -27.17 11.17 -8.35
N TYR A 335 -26.34 11.40 -7.34
CA TYR A 335 -26.04 12.77 -6.92
C TYR A 335 -24.78 13.37 -7.50
N ALA A 336 -24.13 12.66 -8.42
CA ALA A 336 -22.92 13.19 -9.02
C ALA A 336 -23.31 13.78 -10.38
N SER A 337 -23.24 15.10 -10.49
CA SER A 337 -23.63 15.81 -11.71
C SER A 337 -22.70 15.61 -12.90
N GLU A 338 -21.49 15.13 -12.65
CA GLU A 338 -20.54 14.88 -13.74
C GLU A 338 -20.75 13.42 -14.18
N PRO A 339 -21.17 13.23 -15.45
CA PRO A 339 -21.42 11.89 -16.01
C PRO A 339 -20.30 10.89 -15.74
N SER A 340 -19.07 11.29 -15.97
CA SER A 340 -17.93 10.42 -15.76
C SER A 340 -17.86 9.93 -14.30
N GLU A 341 -18.19 10.80 -13.35
CA GLU A 341 -18.13 10.42 -11.94
C GLU A 341 -19.33 9.55 -11.58
N GLN A 342 -20.49 9.86 -12.15
CA GLN A 342 -21.69 9.06 -11.89
C GLN A 342 -21.45 7.67 -12.47
N GLU A 343 -20.78 7.61 -13.61
CA GLU A 343 -20.50 6.34 -14.25
C GLU A 343 -19.53 5.51 -13.39
N HIS A 344 -18.49 6.16 -12.86
CA HIS A 344 -17.53 5.46 -12.03
C HIS A 344 -18.20 4.88 -10.79
N LEU A 345 -18.97 5.71 -10.11
CA LEU A 345 -19.67 5.29 -8.91
C LEU A 345 -20.64 4.15 -9.22
N HIS A 346 -21.30 4.25 -10.37
CA HIS A 346 -22.25 3.23 -10.81
C HIS A 346 -21.57 1.88 -11.03
N LYS A 347 -20.38 1.92 -11.62
CA LYS A 347 -19.68 0.68 -11.93
C LYS A 347 -18.91 0.03 -10.77
N MET A 348 -18.87 0.69 -9.62
CA MET A 348 -18.16 0.14 -8.47
C MET A 348 -18.82 -1.15 -8.03
N ALA A 349 -20.08 -1.32 -8.39
CA ALA A 349 -20.85 -2.49 -8.02
C ALA A 349 -20.69 -3.67 -8.97
N SER A 350 -19.87 -3.51 -10.00
CA SER A 350 -19.63 -4.58 -10.99
C SER A 350 -18.94 -5.78 -10.39
N SER A 351 -19.27 -6.96 -10.90
CA SER A 351 -18.66 -8.21 -10.42
C SER A 351 -17.37 -8.53 -11.16
N SER A 352 -17.01 -7.70 -12.14
CA SER A 352 -15.78 -7.88 -12.91
C SER A 352 -15.52 -6.67 -13.78
N GLY A 353 -14.36 -6.65 -14.44
CA GLY A 353 -14.02 -5.55 -15.31
C GLY A 353 -13.38 -4.36 -14.63
N GLU A 354 -13.25 -3.26 -15.37
CA GLU A 354 -12.63 -2.06 -14.85
C GLU A 354 -13.36 -1.48 -13.64
N GLY A 355 -14.69 -1.56 -13.66
CA GLY A 355 -15.47 -1.07 -12.55
C GLY A 355 -15.06 -1.72 -11.24
N LYS A 356 -14.82 -3.02 -11.30
CA LYS A 356 -14.41 -3.80 -10.14
C LYS A 356 -12.98 -3.44 -9.75
N GLU A 357 -12.10 -3.38 -10.74
CA GLU A 357 -10.70 -3.05 -10.51
C GLU A 357 -10.59 -1.66 -9.89
N LEU A 358 -11.36 -0.72 -10.41
CA LEU A 358 -11.33 0.64 -9.89
C LEU A 358 -11.79 0.63 -8.44
N TYR A 359 -12.83 -0.13 -8.12
CA TYR A 359 -13.31 -0.20 -6.74
C TYR A 359 -12.22 -0.74 -5.82
N LEU A 360 -11.57 -1.81 -6.24
CA LEU A 360 -10.53 -2.43 -5.44
C LEU A 360 -9.25 -1.60 -5.25
N SER A 361 -8.88 -0.80 -6.24
CA SER A 361 -7.66 0.00 -6.09
C SER A 361 -7.96 1.41 -5.62
N TRP A 362 -8.91 2.06 -6.28
CA TRP A 362 -9.25 3.44 -5.96
C TRP A 362 -9.95 3.64 -4.61
N VAL A 363 -10.79 2.68 -4.22
CA VAL A 363 -11.52 2.80 -2.98
C VAL A 363 -10.94 1.97 -1.83
N VAL A 364 -10.83 0.67 -2.05
CA VAL A 364 -10.33 -0.24 -1.03
C VAL A 364 -8.85 -0.11 -0.73
N GLU A 365 -8.01 -0.47 -1.70
CA GLU A 365 -6.57 -0.40 -1.54
C GLU A 365 -6.11 1.01 -1.13
N ALA A 366 -6.71 2.03 -1.72
CA ALA A 366 -6.32 3.40 -1.40
C ALA A 366 -6.84 3.83 -0.04
N ARG A 367 -7.83 3.09 0.46
CA ARG A 367 -8.46 3.36 1.76
C ARG A 367 -9.17 4.73 1.80
N ARG A 368 -9.87 5.07 0.72
CA ARG A 368 -10.61 6.32 0.65
C ARG A 368 -11.88 6.24 1.48
N HIS A 369 -12.04 7.18 2.38
CA HIS A 369 -13.23 7.24 3.18
C HIS A 369 -14.26 8.09 2.47
N ILE A 370 -15.46 8.16 2.99
CA ILE A 370 -16.50 8.93 2.32
C ILE A 370 -16.10 10.38 1.99
N LEU A 371 -15.50 11.11 2.93
CA LEU A 371 -15.10 12.49 2.63
C LEU A 371 -14.14 12.50 1.43
N ALA A 372 -13.18 11.57 1.44
CA ALA A 372 -12.19 11.48 0.36
C ALA A 372 -12.88 11.37 -0.99
N ILE A 373 -13.89 10.51 -1.07
CA ILE A 373 -14.63 10.32 -2.31
C ILE A 373 -15.39 11.59 -2.68
N LEU A 374 -15.98 12.24 -1.69
CA LEU A 374 -16.72 13.48 -1.93
C LEU A 374 -15.78 14.57 -2.48
N GLN A 375 -14.52 14.52 -2.04
CA GLN A 375 -13.54 15.50 -2.49
C GLN A 375 -12.98 15.11 -3.86
N ASP A 376 -12.71 13.84 -4.06
CA ASP A 376 -12.14 13.39 -5.32
C ASP A 376 -13.14 13.29 -6.47
N TYR A 377 -14.43 13.25 -6.16
CA TYR A 377 -15.50 13.25 -7.17
C TYR A 377 -16.35 14.44 -6.75
N PRO A 378 -15.84 15.67 -6.97
CA PRO A 378 -16.53 16.92 -6.61
C PRO A 378 -17.94 17.17 -7.14
N SER A 379 -18.39 16.39 -8.12
CA SER A 379 -19.74 16.59 -8.63
C SER A 379 -20.71 15.81 -7.75
N LEU A 380 -20.16 15.01 -6.84
CA LEU A 380 -21.00 14.20 -5.94
C LEU A 380 -21.42 15.01 -4.72
N ARG A 381 -22.69 15.43 -4.70
CA ARG A 381 -23.22 16.20 -3.60
C ARG A 381 -24.58 15.68 -3.15
N PRO A 382 -24.60 14.54 -2.44
CA PRO A 382 -25.84 13.94 -1.95
C PRO A 382 -26.43 14.72 -0.79
N PRO A 383 -27.75 14.59 -0.58
CA PRO A 383 -28.33 15.32 0.55
C PRO A 383 -27.85 14.61 1.82
N ILE A 384 -27.50 15.39 2.84
CA ILE A 384 -27.00 14.83 4.08
C ILE A 384 -27.86 13.74 4.70
N ASP A 385 -29.18 13.91 4.66
CA ASP A 385 -30.05 12.92 5.29
C ASP A 385 -30.02 11.56 4.59
N HIS A 386 -29.84 11.55 3.28
CA HIS A 386 -29.78 10.28 2.56
C HIS A 386 -28.42 9.63 2.81
N LEU A 387 -27.37 10.44 2.94
CA LEU A 387 -26.05 9.88 3.20
C LEU A 387 -26.07 9.17 4.56
N CYS A 388 -26.67 9.81 5.56
CA CYS A 388 -26.75 9.24 6.90
C CYS A 388 -27.52 7.92 6.94
N GLU A 389 -28.47 7.76 6.04
CA GLU A 389 -29.25 6.52 5.98
C GLU A 389 -28.42 5.41 5.37
N LEU A 390 -27.47 5.79 4.53
CA LEU A 390 -26.62 4.82 3.83
C LEU A 390 -25.35 4.35 4.55
N LEU A 391 -24.80 5.19 5.40
CA LEU A 391 -23.56 4.83 6.09
C LEU A 391 -23.75 3.71 7.11
N PRO A 392 -22.73 2.85 7.27
CA PRO A 392 -22.88 1.76 8.24
C PRO A 392 -22.82 2.34 9.65
N ARG A 393 -23.22 1.56 10.65
CA ARG A 393 -23.17 2.01 12.04
C ARG A 393 -21.74 1.94 12.56
N LEU A 394 -21.40 2.86 13.44
CA LEU A 394 -20.07 2.90 14.04
C LEU A 394 -20.05 1.76 15.06
N GLN A 395 -19.04 0.90 14.97
CA GLN A 395 -18.92 -0.25 15.87
C GLN A 395 -17.98 0.04 17.02
N ALA A 396 -18.14 -0.71 18.11
CA ALA A 396 -17.26 -0.57 19.26
C ALA A 396 -15.96 -1.27 18.88
N ARG A 397 -14.87 -0.91 19.55
CA ARG A 397 -13.59 -1.55 19.29
C ARG A 397 -13.23 -2.40 20.52
N TYR A 398 -12.63 -3.56 20.30
CA TYR A 398 -12.26 -4.44 21.39
C TYR A 398 -10.78 -4.38 21.75
N TYR A 399 -10.51 -4.47 23.04
CA TYR A 399 -9.13 -4.45 23.52
C TYR A 399 -8.99 -5.56 24.56
N SER A 400 -7.83 -6.20 24.58
CA SER A 400 -7.59 -7.28 25.51
C SER A 400 -7.25 -6.68 26.87
N ILE A 401 -8.14 -6.87 27.84
CA ILE A 401 -7.91 -6.30 29.16
C ILE A 401 -6.51 -6.68 29.65
N ALA A 402 -5.73 -5.66 29.97
CA ALA A 402 -4.36 -5.84 30.40
C ALA A 402 -4.15 -5.88 31.90
N SER A 403 -5.21 -6.16 32.64
CA SER A 403 -5.09 -6.22 34.09
C SER A 403 -5.86 -7.39 34.68
N SER A 404 -5.49 -7.75 35.91
CA SER A 404 -6.13 -8.84 36.63
C SER A 404 -7.12 -8.22 37.62
N SER A 405 -8.33 -8.77 37.67
CA SER A 405 -9.35 -8.27 38.59
C SER A 405 -9.03 -8.68 40.02
N LYS A 406 -8.10 -9.61 40.20
CA LYS A 406 -7.71 -10.05 41.53
C LYS A 406 -6.86 -8.95 42.16
N VAL A 407 -6.23 -8.15 41.31
CA VAL A 407 -5.36 -7.06 41.74
C VAL A 407 -5.98 -5.69 41.50
N HIS A 408 -6.78 -5.58 40.44
CA HIS A 408 -7.43 -4.32 40.07
C HIS A 408 -8.90 -4.53 39.79
N PRO A 409 -9.68 -4.95 40.80
CA PRO A 409 -11.11 -5.18 40.60
C PRO A 409 -11.87 -3.96 40.08
N ASN A 410 -11.40 -2.77 40.43
CA ASN A 410 -12.10 -1.57 40.00
C ASN A 410 -11.47 -0.78 38.84
N SER A 411 -10.58 -1.42 38.09
CA SER A 411 -9.95 -0.78 36.94
C SER A 411 -9.68 -1.77 35.82
N VAL A 412 -9.90 -1.32 34.59
CA VAL A 412 -9.67 -2.14 33.41
C VAL A 412 -8.54 -1.49 32.61
N HIS A 413 -7.47 -2.25 32.34
CA HIS A 413 -6.34 -1.69 31.60
C HIS A 413 -6.30 -2.05 30.12
N ILE A 414 -5.89 -1.07 29.32
CA ILE A 414 -5.78 -1.21 27.87
C ILE A 414 -4.35 -0.92 27.40
N CYS A 415 -3.85 -1.75 26.49
CA CYS A 415 -2.54 -1.59 25.89
C CYS A 415 -2.78 -1.61 24.40
N ALA A 416 -2.50 -0.49 23.73
CA ALA A 416 -2.74 -0.41 22.31
C ALA A 416 -1.81 0.51 21.55
N VAL A 417 -1.77 0.34 20.24
CA VAL A 417 -0.94 1.18 19.39
C VAL A 417 -1.90 2.09 18.61
N ALA A 418 -1.57 3.37 18.53
CA ALA A 418 -2.42 4.32 17.81
C ALA A 418 -2.28 4.08 16.32
N VAL A 419 -3.41 4.03 15.63
CA VAL A 419 -3.37 3.83 14.18
C VAL A 419 -3.38 5.15 13.43
N GLU A 420 -2.37 5.34 12.60
CA GLU A 420 -2.22 6.55 11.80
C GLU A 420 -1.23 6.23 10.68
N TYR A 421 -1.71 6.25 9.44
CA TYR A 421 -0.86 5.92 8.30
C TYR A 421 -1.14 6.72 7.04
N GLU A 422 -0.15 6.78 6.15
CA GLU A 422 -0.32 7.47 4.89
C GLU A 422 -1.00 6.49 3.95
N ALA A 423 -2.17 6.86 3.47
CA ALA A 423 -2.93 6.01 2.57
C ALA A 423 -2.64 6.46 1.14
N LYS A 424 -2.74 5.51 0.21
CA LYS A 424 -2.49 5.83 -1.19
C LYS A 424 -3.52 6.84 -1.70
N SER A 425 -4.58 7.05 -0.92
CA SER A 425 -5.63 8.00 -1.29
C SER A 425 -5.03 9.40 -1.31
N GLY A 426 -3.86 9.55 -0.71
CA GLY A 426 -3.21 10.85 -0.66
C GLY A 426 -3.28 11.51 0.70
N ARG A 427 -4.11 10.98 1.60
CA ARG A 427 -4.21 11.59 2.92
C ARG A 427 -3.79 10.68 4.07
N VAL A 428 -3.63 11.27 5.24
CA VAL A 428 -3.27 10.49 6.42
C VAL A 428 -4.55 9.99 7.07
N ASN A 429 -4.66 8.69 7.25
CA ASN A 429 -5.83 8.10 7.87
C ASN A 429 -5.56 7.89 9.35
N LYS A 430 -6.57 8.16 10.17
CA LYS A 430 -6.46 8.00 11.61
C LYS A 430 -7.44 6.92 12.12
N GLY A 431 -6.96 6.09 13.04
CA GLY A 431 -7.81 5.06 13.61
C GLY A 431 -8.83 5.73 14.51
N VAL A 432 -10.10 5.38 14.34
CA VAL A 432 -11.18 5.99 15.11
C VAL A 432 -11.08 5.85 16.62
N ALA A 433 -11.07 4.62 17.12
CA ALA A 433 -11.00 4.39 18.56
C ALA A 433 -9.67 4.80 19.18
N THR A 434 -8.55 4.52 18.52
CA THR A 434 -7.25 4.86 19.09
C THR A 434 -6.93 6.36 19.09
N SER A 435 -7.38 7.10 18.08
CA SER A 435 -7.12 8.55 18.06
C SER A 435 -7.91 9.16 19.20
N TRP A 436 -9.13 8.67 19.38
CA TRP A 436 -10.05 9.12 20.43
C TRP A 436 -9.48 8.79 21.82
N LEU A 437 -9.04 7.54 22.02
CA LEU A 437 -8.47 7.14 23.30
C LEU A 437 -7.20 7.92 23.61
N ARG A 438 -6.37 8.11 22.60
CA ARG A 438 -5.13 8.84 22.77
C ARG A 438 -5.39 10.27 23.25
N ALA A 439 -6.52 10.84 22.83
CA ALA A 439 -6.86 12.19 23.21
C ALA A 439 -7.40 12.30 24.64
N LYS A 440 -7.92 11.19 25.17
CA LYS A 440 -8.46 11.19 26.53
C LYS A 440 -7.40 11.52 27.57
N GLU A 441 -7.56 12.65 28.26
CA GLU A 441 -6.61 13.04 29.29
C GLU A 441 -7.25 12.99 30.68
N PRO A 442 -6.58 12.30 31.62
CA PRO A 442 -7.05 12.14 33.00
C PRO A 442 -7.37 13.46 33.69
N ALA A 443 -8.37 13.44 34.56
CA ALA A 443 -8.79 14.61 35.33
C ALA A 443 -8.92 15.86 34.44
N GLY A 448 -14.07 18.58 34.10
CA GLY A 448 -14.77 17.64 33.23
C GLY A 448 -13.93 16.42 32.88
N ARG A 449 -14.00 15.39 33.73
CA ARG A 449 -13.24 14.16 33.52
C ARG A 449 -13.47 13.54 32.14
N ALA A 450 -12.48 12.77 31.69
CA ALA A 450 -12.53 12.11 30.40
C ALA A 450 -13.19 10.75 30.57
N LEU A 451 -14.35 10.57 29.94
CA LEU A 451 -15.09 9.33 30.06
C LEU A 451 -15.08 8.46 28.81
N VAL A 452 -15.02 7.15 29.02
CA VAL A 452 -15.00 6.19 27.93
C VAL A 452 -16.17 5.21 28.04
N PRO A 453 -17.16 5.34 27.15
CA PRO A 453 -18.30 4.41 27.21
C PRO A 453 -17.72 3.03 26.95
N MET A 454 -18.01 2.07 27.82
CA MET A 454 -17.46 0.73 27.65
C MET A 454 -18.27 -0.39 28.25
N PHE A 455 -17.84 -1.60 27.96
CA PHE A 455 -18.47 -2.79 28.50
C PHE A 455 -17.50 -3.94 28.34
N VAL A 456 -17.69 -4.97 29.13
CA VAL A 456 -16.81 -6.14 29.11
C VAL A 456 -17.46 -7.32 28.40
N ARG A 457 -16.66 -8.05 27.64
CA ARG A 457 -17.13 -9.23 26.93
C ARG A 457 -16.29 -10.40 27.40
N LYS A 458 -16.94 -11.39 27.99
CA LYS A 458 -16.26 -12.57 28.50
C LYS A 458 -15.66 -13.37 27.33
N SER A 459 -14.50 -13.96 27.57
CA SER A 459 -13.82 -14.76 26.57
C SER A 459 -13.41 -16.08 27.21
N GLN A 460 -12.89 -16.98 26.39
CA GLN A 460 -12.44 -18.27 26.90
C GLN A 460 -10.93 -18.33 27.06
N PHE A 461 -10.29 -17.16 26.95
CA PHE A 461 -8.85 -17.02 27.11
C PHE A 461 -8.69 -16.84 28.63
N ARG A 462 -8.27 -17.90 29.32
CA ARG A 462 -8.15 -17.84 30.78
C ARG A 462 -6.93 -18.57 31.32
N LEU A 463 -6.47 -18.13 32.49
CA LEU A 463 -5.36 -18.79 33.15
C LEU A 463 -5.91 -20.15 33.56
N PRO A 464 -5.02 -21.13 33.81
CA PRO A 464 -5.48 -22.46 34.20
C PRO A 464 -6.21 -22.41 35.54
N PHE A 465 -7.15 -23.33 35.74
CA PHE A 465 -7.88 -23.37 36.99
C PHE A 465 -6.94 -23.71 38.14
N LYS A 466 -5.98 -24.59 37.89
CA LYS A 466 -5.02 -25.00 38.90
C LYS A 466 -3.78 -24.10 38.88
N SER A 467 -3.44 -23.53 40.02
CA SER A 467 -2.28 -22.65 40.13
C SER A 467 -0.99 -23.38 39.76
N THR A 468 -0.98 -24.69 39.93
CA THR A 468 0.21 -25.50 39.64
C THR A 468 0.43 -25.82 38.16
N THR A 469 -0.55 -25.55 37.31
CA THR A 469 -0.39 -25.81 35.89
C THR A 469 0.53 -24.75 35.30
N PRO A 470 1.55 -25.18 34.52
CA PRO A 470 2.51 -24.27 33.89
C PRO A 470 1.83 -23.46 32.79
N VAL A 471 2.34 -22.26 32.55
CA VAL A 471 1.79 -21.36 31.54
C VAL A 471 2.88 -20.87 30.58
N ILE A 472 2.60 -20.99 29.29
CA ILE A 472 3.52 -20.54 28.26
C ILE A 472 2.81 -19.42 27.48
N MET A 473 3.26 -18.18 27.69
CA MET A 473 2.65 -17.02 27.05
C MET A 473 3.54 -16.46 25.94
N VAL A 474 2.93 -16.20 24.78
CA VAL A 474 3.63 -15.67 23.62
C VAL A 474 2.85 -14.49 23.08
N GLY A 475 3.39 -13.29 23.27
CA GLY A 475 2.70 -12.11 22.79
C GLY A 475 3.62 -10.95 22.46
N PRO A 476 4.20 -10.92 21.26
CA PRO A 476 5.08 -9.82 20.88
C PRO A 476 4.29 -8.53 20.67
N GLY A 477 4.95 -7.38 20.77
CA GLY A 477 4.27 -6.11 20.60
C GLY A 477 3.10 -5.92 21.56
N THR A 478 2.00 -5.38 21.05
CA THR A 478 0.81 -5.17 21.86
C THR A 478 0.17 -6.49 22.27
N GLY A 479 0.71 -7.60 21.75
CA GLY A 479 0.20 -8.91 22.11
C GLY A 479 0.48 -9.23 23.56
N ILE A 480 1.22 -8.35 24.24
CA ILE A 480 1.57 -8.54 25.65
C ILE A 480 0.39 -8.21 26.58
N ALA A 481 -0.55 -7.44 26.05
CA ALA A 481 -1.73 -6.99 26.81
C ALA A 481 -2.39 -7.94 27.80
N PRO A 482 -2.94 -9.08 27.33
CA PRO A 482 -3.59 -9.99 28.28
C PRO A 482 -2.61 -10.57 29.30
N PHE A 483 -1.36 -10.74 28.88
CA PHE A 483 -0.36 -11.32 29.75
C PHE A 483 0.10 -10.45 30.91
N MET A 484 -0.06 -9.13 30.80
CA MET A 484 0.32 -8.29 31.93
C MET A 484 -0.69 -8.66 33.01
N GLY A 485 -1.92 -8.94 32.59
CA GLY A 485 -2.96 -9.35 33.51
C GLY A 485 -2.64 -10.74 34.07
N PHE A 486 -2.24 -11.66 33.20
CA PHE A 486 -1.90 -13.01 33.66
C PHE A 486 -0.78 -12.96 34.71
N ILE A 487 0.26 -12.21 34.37
CA ILE A 487 1.41 -12.09 35.25
C ILE A 487 1.04 -11.46 36.60
N GLN A 488 0.23 -10.40 36.58
CA GLN A 488 -0.20 -9.75 37.80
C GLN A 488 -0.89 -10.77 38.71
N GLU A 489 -1.76 -11.57 38.10
CA GLU A 489 -2.53 -12.58 38.84
C GLU A 489 -1.70 -13.73 39.39
N ARG A 490 -0.74 -14.21 38.59
CA ARG A 490 0.09 -15.32 39.03
C ARG A 490 1.03 -14.86 40.16
N ALA A 491 1.44 -13.59 40.11
CA ALA A 491 2.31 -13.07 41.15
C ALA A 491 1.44 -12.99 42.40
N TRP A 492 0.21 -12.51 42.21
CA TRP A 492 -0.74 -12.40 43.29
C TRP A 492 -1.00 -13.76 43.95
N LEU A 493 -1.20 -14.80 43.15
CA LEU A 493 -1.45 -16.12 43.70
C LEU A 493 -0.29 -16.55 44.59
N ARG A 494 0.93 -16.22 44.19
CA ARG A 494 2.11 -16.58 44.96
C ARG A 494 2.15 -15.81 46.28
N GLU A 495 1.85 -14.52 46.22
CA GLU A 495 1.84 -13.67 47.40
C GLU A 495 0.77 -14.12 48.39
N GLN A 496 -0.23 -14.83 47.87
CA GLN A 496 -1.33 -15.31 48.70
C GLN A 496 -1.02 -16.67 49.32
N GLY A 497 0.15 -17.23 48.97
CA GLY A 497 0.52 -18.52 49.53
C GLY A 497 0.20 -19.71 48.66
N LYS A 498 -0.31 -19.48 47.46
CA LYS A 498 -0.65 -20.58 46.58
C LYS A 498 0.61 -21.14 45.92
N GLU A 499 0.54 -22.41 45.53
CA GLU A 499 1.65 -23.08 44.87
C GLU A 499 1.48 -22.83 43.36
N VAL A 500 2.39 -22.05 42.79
CA VAL A 500 2.31 -21.72 41.37
C VAL A 500 3.36 -22.40 40.51
N GLY A 501 2.92 -22.97 39.39
CA GLY A 501 3.84 -23.62 38.48
C GLY A 501 4.64 -22.59 37.70
N GLU A 502 5.47 -23.05 36.78
CA GLU A 502 6.28 -22.14 35.97
C GLU A 502 5.39 -21.20 35.19
N THR A 503 5.86 -19.97 35.03
CA THR A 503 5.15 -18.97 34.28
C THR A 503 6.17 -18.37 33.32
N LEU A 504 6.03 -18.71 32.04
CA LEU A 504 6.95 -18.25 31.01
C LEU A 504 6.38 -17.22 30.04
N LEU A 505 7.14 -16.16 29.84
CA LEU A 505 6.74 -15.11 28.93
C LEU A 505 7.72 -15.06 27.78
N TYR A 506 7.20 -15.10 26.56
CA TYR A 506 8.00 -14.99 25.35
C TYR A 506 7.42 -13.72 24.74
N TYR A 507 8.15 -12.62 24.90
CA TYR A 507 7.73 -11.32 24.42
C TYR A 507 8.69 -10.82 23.34
N GLY A 508 8.26 -9.84 22.58
CA GLY A 508 9.13 -9.31 21.54
C GLY A 508 8.83 -7.88 21.14
N CYS A 509 9.88 -7.15 20.76
CA CYS A 509 9.75 -5.77 20.30
C CYS A 509 10.99 -5.51 19.45
N ARG A 510 11.09 -4.32 18.88
CA ARG A 510 12.24 -4.01 18.03
C ARG A 510 13.57 -3.85 18.78
N ARG A 511 13.57 -3.02 19.82
CA ARG A 511 14.79 -2.75 20.59
C ARG A 511 14.54 -2.51 22.07
N SER A 512 15.44 -3.04 22.91
CA SER A 512 15.33 -2.91 24.34
C SER A 512 15.08 -1.49 24.87
N ASP A 513 15.76 -0.49 24.30
CA ASP A 513 15.59 0.88 24.77
C ASP A 513 14.68 1.74 23.90
N GLU A 514 13.84 1.12 23.09
CA GLU A 514 12.94 1.88 22.24
C GLU A 514 11.46 1.55 22.41
N ASP A 515 11.12 0.27 22.37
CA ASP A 515 9.71 -0.13 22.51
C ASP A 515 9.48 -1.35 23.38
N TYR A 516 10.27 -1.47 24.44
CA TYR A 516 10.19 -2.57 25.39
C TYR A 516 9.06 -2.23 26.36
N LEU A 517 7.82 -2.50 25.96
CA LEU A 517 6.64 -2.20 26.76
C LEU A 517 6.65 -2.84 28.16
N TYR A 518 6.29 -2.05 29.16
CA TYR A 518 6.23 -2.53 30.55
C TYR A 518 7.56 -3.10 31.00
N ARG A 519 8.65 -2.59 30.44
CA ARG A 519 9.98 -3.08 30.79
C ARG A 519 10.21 -3.11 32.30
N GLU A 520 9.89 -2.01 32.97
CA GLU A 520 10.06 -1.89 34.41
C GLU A 520 9.24 -2.94 35.16
N GLU A 521 7.93 -2.98 34.88
CA GLU A 521 7.06 -3.94 35.54
C GLU A 521 7.49 -5.39 35.30
N LEU A 522 7.90 -5.70 34.07
CA LEU A 522 8.32 -7.07 33.78
C LEU A 522 9.61 -7.44 34.50
N ALA A 523 10.50 -6.47 34.67
CA ALA A 523 11.76 -6.69 35.37
C ALA A 523 11.43 -7.03 36.81
N ARG A 524 10.51 -6.26 37.40
CA ARG A 524 10.09 -6.45 38.78
C ARG A 524 9.53 -7.87 39.00
N PHE A 525 8.58 -8.25 38.17
CA PHE A 525 7.96 -9.58 38.26
C PHE A 525 8.97 -10.69 38.15
N HIS A 526 9.95 -10.51 37.26
CA HIS A 526 10.99 -11.51 37.05
C HIS A 526 11.83 -11.60 38.31
N LYS A 527 12.22 -10.44 38.82
CA LYS A 527 13.02 -10.36 40.03
C LYS A 527 12.34 -11.14 41.16
N ASP A 528 11.06 -10.87 41.38
CA ASP A 528 10.29 -11.53 42.45
C ASP A 528 9.93 -12.99 42.21
N GLY A 529 10.23 -13.52 41.04
CA GLY A 529 9.90 -14.91 40.78
C GLY A 529 8.51 -15.16 40.23
N ALA A 530 7.72 -14.11 40.06
CA ALA A 530 6.38 -14.29 39.51
C ALA A 530 6.57 -14.79 38.07
N LEU A 531 7.55 -14.23 37.39
CA LEU A 531 7.89 -14.64 36.03
C LEU A 531 9.08 -15.59 36.11
N THR A 532 8.85 -16.86 35.81
CA THR A 532 9.91 -17.87 35.85
C THR A 532 10.97 -17.57 34.80
N GLN A 533 10.54 -17.14 33.63
CA GLN A 533 11.44 -16.77 32.55
C GLN A 533 10.85 -15.61 31.79
N LEU A 534 11.71 -14.67 31.43
CA LEU A 534 11.31 -13.51 30.68
C LEU A 534 12.16 -13.56 29.41
N ASN A 535 11.64 -14.23 28.39
CA ASN A 535 12.38 -14.36 27.14
C ASN A 535 11.92 -13.28 26.17
N VAL A 536 12.81 -12.37 25.82
CA VAL A 536 12.47 -11.29 24.93
C VAL A 536 13.26 -11.32 23.64
N ALA A 537 12.57 -11.21 22.51
CA ALA A 537 13.22 -11.20 21.20
C ALA A 537 13.29 -9.75 20.71
N PHE A 538 14.49 -9.19 20.62
CA PHE A 538 14.66 -7.83 20.10
C PHE A 538 14.95 -8.02 18.62
N SER A 539 13.91 -7.85 17.82
CA SER A 539 13.99 -8.07 16.39
C SER A 539 14.97 -7.22 15.57
N ARG A 540 15.33 -6.04 16.06
CA ARG A 540 16.22 -5.18 15.28
C ARG A 540 17.58 -4.83 15.87
N GLU A 541 17.96 -5.49 16.96
CA GLU A 541 19.26 -5.23 17.57
C GLU A 541 20.38 -6.00 16.89
N GLN A 542 20.06 -6.68 15.79
CA GLN A 542 21.05 -7.44 15.03
C GLN A 542 20.60 -7.60 13.57
N ALA A 543 21.53 -7.97 12.70
CA ALA A 543 21.23 -8.14 11.28
C ALA A 543 20.03 -9.04 11.05
N HIS A 544 20.06 -10.22 11.65
CA HIS A 544 18.96 -11.17 11.52
C HIS A 544 17.75 -10.76 12.34
N LYS A 545 16.57 -11.14 11.89
CA LYS A 545 15.37 -10.88 12.64
C LYS A 545 15.39 -11.94 13.76
N VAL A 546 15.07 -11.53 14.97
CA VAL A 546 14.99 -12.48 16.07
C VAL A 546 13.55 -12.31 16.58
N TYR A 547 12.75 -13.36 16.42
CA TYR A 547 11.36 -13.32 16.83
C TYR A 547 11.07 -14.31 17.95
N VAL A 548 9.89 -14.20 18.55
CA VAL A 548 9.51 -15.08 19.65
C VAL A 548 9.61 -16.57 19.30
N GLN A 549 9.20 -16.95 18.10
CA GLN A 549 9.25 -18.35 17.71
C GLN A 549 10.68 -18.86 17.70
N HIS A 550 11.64 -17.95 17.53
CA HIS A 550 13.04 -18.35 17.55
C HIS A 550 13.44 -18.74 18.96
N LEU A 551 12.87 -18.05 19.94
CA LEU A 551 13.19 -18.37 21.33
C LEU A 551 12.49 -19.66 21.75
N LEU A 552 11.30 -19.91 21.20
CA LEU A 552 10.58 -21.13 21.50
C LEU A 552 11.39 -22.29 20.94
N LYS A 553 11.98 -22.10 19.77
CA LYS A 553 12.79 -23.13 19.13
C LYS A 553 14.03 -23.39 19.99
N ARG A 554 14.57 -22.31 20.54
CA ARG A 554 15.74 -22.38 21.40
C ARG A 554 15.42 -23.23 22.64
N ASP A 555 14.27 -22.97 23.25
CA ASP A 555 13.85 -23.68 24.46
C ASP A 555 12.97 -24.89 24.15
N ARG A 556 13.08 -25.43 22.94
CA ARG A 556 12.25 -26.55 22.53
C ARG A 556 12.23 -27.73 23.50
N GLU A 557 13.38 -28.04 24.08
CA GLU A 557 13.51 -29.15 25.03
C GLU A 557 12.58 -28.96 26.23
N HIS A 558 12.78 -27.87 26.96
CA HIS A 558 11.99 -27.56 28.15
C HIS A 558 10.51 -27.35 27.88
N LEU A 559 10.19 -26.66 26.79
CA LEU A 559 8.77 -26.42 26.46
C LEU A 559 8.07 -27.76 26.24
N TRP A 560 8.72 -28.68 25.53
CA TRP A 560 8.13 -29.99 25.27
C TRP A 560 7.88 -30.71 26.59
N LYS A 561 8.82 -30.55 27.52
CA LYS A 561 8.69 -31.16 28.84
C LYS A 561 7.43 -30.63 29.53
N LEU A 562 7.25 -29.31 29.50
CA LEU A 562 6.09 -28.69 30.14
C LEU A 562 4.79 -29.11 29.47
N ILE A 563 4.84 -29.26 28.15
CA ILE A 563 3.67 -29.64 27.38
C ILE A 563 3.33 -31.12 27.55
N HIS A 564 4.36 -31.96 27.44
CA HIS A 564 4.20 -33.40 27.54
C HIS A 564 4.02 -33.94 28.95
N GLU A 565 4.78 -33.41 29.89
CA GLU A 565 4.71 -33.87 31.27
C GLU A 565 3.93 -32.97 32.21
N GLY A 566 4.11 -31.66 32.10
CA GLY A 566 3.43 -30.74 33.00
C GLY A 566 2.02 -30.29 32.65
N GLY A 567 1.53 -30.64 31.46
CA GLY A 567 0.20 -30.25 31.05
C GLY A 567 0.06 -28.75 30.89
N ALA A 568 1.15 -28.12 30.48
CA ALA A 568 1.18 -26.67 30.30
C ALA A 568 0.13 -26.14 29.33
N HIS A 569 -0.34 -24.93 29.59
CA HIS A 569 -1.31 -24.26 28.73
C HIS A 569 -0.52 -23.28 27.89
N ILE A 570 -0.84 -23.22 26.60
CA ILE A 570 -0.17 -22.32 25.69
C ILE A 570 -1.10 -21.14 25.35
N TYR A 571 -0.54 -19.94 25.29
CA TYR A 571 -1.31 -18.75 24.97
C TYR A 571 -0.56 -17.94 23.93
N VAL A 572 -1.27 -17.53 22.89
CA VAL A 572 -0.67 -16.73 21.84
C VAL A 572 -1.53 -15.51 21.63
N CYS A 573 -0.91 -14.34 21.67
CA CYS A 573 -1.64 -13.10 21.51
C CYS A 573 -0.93 -12.10 20.60
N GLY A 574 -1.72 -11.33 19.86
CA GLY A 574 -1.13 -10.35 18.98
C GLY A 574 -1.46 -10.53 17.52
N ASP A 575 -0.49 -10.23 16.68
CA ASP A 575 -0.61 -10.32 15.23
C ASP A 575 -1.08 -11.69 14.72
N ALA A 576 -2.27 -11.72 14.13
CA ALA A 576 -2.83 -12.96 13.60
C ALA A 576 -2.32 -13.21 12.18
N ARG A 577 -1.91 -12.14 11.50
CA ARG A 577 -1.40 -12.23 10.13
C ARG A 577 -0.26 -13.23 9.97
N ASN A 578 0.93 -12.90 10.45
CA ASN A 578 2.07 -13.81 10.32
C ASN A 578 2.62 -14.39 11.61
N MET A 579 2.62 -13.60 12.69
CA MET A 579 3.16 -14.10 13.95
C MET A 579 2.47 -15.38 14.45
N ALA A 580 1.15 -15.36 14.53
CA ALA A 580 0.37 -16.50 15.02
C ALA A 580 0.70 -17.82 14.33
N LYS A 581 0.72 -17.82 13.00
CA LYS A 581 1.03 -19.02 12.22
C LYS A 581 2.49 -19.46 12.38
N ASP A 582 3.42 -18.51 12.39
CA ASP A 582 4.82 -18.87 12.55
C ASP A 582 5.02 -19.53 13.91
N VAL A 583 4.34 -19.01 14.93
CA VAL A 583 4.45 -19.56 16.26
C VAL A 583 3.83 -20.95 16.31
N GLN A 584 2.71 -21.12 15.62
CA GLN A 584 2.03 -22.41 15.61
C GLN A 584 2.92 -23.45 14.92
N ASN A 585 3.57 -23.07 13.81
CA ASN A 585 4.45 -23.98 13.08
C ASN A 585 5.64 -24.43 13.92
N THR A 586 6.18 -23.49 14.71
CA THR A 586 7.29 -23.82 15.56
C THR A 586 6.84 -24.86 16.59
N PHE A 587 5.59 -24.76 17.04
CA PHE A 587 5.08 -25.74 17.99
C PHE A 587 4.90 -27.08 17.29
N TYR A 588 4.56 -27.05 15.99
CA TYR A 588 4.40 -28.29 15.22
C TYR A 588 5.76 -28.99 15.18
N ASP A 589 6.81 -28.21 14.93
CA ASP A 589 8.15 -28.76 14.85
C ASP A 589 8.68 -29.28 16.18
N ILE A 590 8.36 -28.59 17.27
CA ILE A 590 8.80 -29.04 18.58
C ILE A 590 8.17 -30.42 18.89
N VAL A 591 6.90 -30.58 18.55
CA VAL A 591 6.20 -31.84 18.79
C VAL A 591 6.70 -32.96 17.88
N ALA A 592 6.95 -32.64 16.61
CA ALA A 592 7.44 -33.63 15.65
C ALA A 592 8.81 -34.18 16.05
N GLU A 593 9.65 -33.35 16.65
CA GLU A 593 10.98 -33.79 17.06
C GLU A 593 10.98 -34.58 18.37
N PHE A 594 10.31 -34.05 19.38
CA PHE A 594 10.32 -34.72 20.69
C PHE A 594 9.27 -35.79 20.92
N GLY A 595 8.23 -35.82 20.09
CA GLY A 595 7.21 -36.85 20.26
C GLY A 595 7.83 -38.24 20.36
N PRO A 596 8.47 -38.70 19.28
CA PRO A 596 8.60 -37.95 18.03
C PRO A 596 7.41 -38.32 17.15
N MET A 597 7.28 -37.68 15.99
CA MET A 597 6.19 -37.99 15.08
C MET A 597 6.25 -37.15 13.81
N GLU A 598 5.63 -37.64 12.75
CA GLU A 598 5.60 -36.93 11.48
C GLU A 598 4.84 -35.62 11.61
N HIS A 599 5.18 -34.67 10.75
CA HIS A 599 4.54 -33.35 10.74
C HIS A 599 3.03 -33.49 10.87
N THR A 600 2.46 -34.39 10.07
CA THR A 600 1.02 -34.62 10.07
C THR A 600 0.49 -34.92 11.47
N GLN A 601 1.21 -35.75 12.23
CA GLN A 601 0.78 -36.07 13.59
C GLN A 601 1.07 -34.95 14.57
N ALA A 602 2.12 -34.17 14.30
CA ALA A 602 2.46 -33.07 15.19
C ALA A 602 1.35 -32.02 15.08
N VAL A 603 0.89 -31.77 13.85
CA VAL A 603 -0.17 -30.81 13.61
C VAL A 603 -1.46 -31.22 14.32
N ASP A 604 -1.79 -32.51 14.26
CA ASP A 604 -2.99 -33.00 14.93
C ASP A 604 -2.86 -32.84 16.42
N TYR A 605 -1.66 -33.13 16.93
CA TYR A 605 -1.41 -33.03 18.35
C TYR A 605 -1.62 -31.60 18.84
N VAL A 606 -1.11 -30.63 18.10
CA VAL A 606 -1.25 -29.22 18.49
C VAL A 606 -2.70 -28.75 18.38
N LYS A 607 -3.39 -29.16 17.32
CA LYS A 607 -4.78 -28.74 17.16
C LYS A 607 -5.65 -29.41 18.23
N LYS A 608 -5.17 -30.53 18.76
CA LYS A 608 -5.91 -31.23 19.81
C LYS A 608 -5.73 -30.47 21.11
N LEU A 609 -4.56 -29.85 21.29
CA LEU A 609 -4.31 -29.05 22.49
C LEU A 609 -5.31 -27.90 22.51
N MET A 610 -5.62 -27.36 21.33
CA MET A 610 -6.57 -26.26 21.23
C MET A 610 -7.99 -26.66 21.68
N THR A 611 -8.43 -27.83 21.25
CA THR A 611 -9.77 -28.30 21.60
C THR A 611 -9.84 -28.64 23.09
N LYS A 612 -8.74 -29.16 23.63
CA LYS A 612 -8.67 -29.52 25.04
C LYS A 612 -8.41 -28.29 25.93
N GLY A 613 -8.48 -27.11 25.32
CA GLY A 613 -8.27 -25.86 26.04
C GLY A 613 -6.86 -25.60 26.56
N ARG A 614 -5.84 -26.11 25.86
CA ARG A 614 -4.47 -25.91 26.31
C ARG A 614 -3.62 -25.12 25.32
N TYR A 615 -4.28 -24.56 24.31
CA TYR A 615 -3.61 -23.73 23.32
C TYR A 615 -4.70 -22.73 22.96
N SER A 616 -4.62 -21.57 23.58
CA SER A 616 -5.61 -20.50 23.40
C SER A 616 -5.07 -19.35 22.60
N LEU A 617 -5.94 -18.74 21.80
CA LEU A 617 -5.55 -17.63 20.94
C LEU A 617 -6.33 -16.36 21.20
N ASP A 618 -5.65 -15.23 21.04
CA ASP A 618 -6.26 -13.92 21.17
C ASP A 618 -5.48 -13.09 20.16
N VAL A 619 -5.74 -13.38 18.89
CA VAL A 619 -5.06 -12.68 17.80
C VAL A 619 -6.02 -11.84 16.98
N TRP A 620 -5.48 -10.79 16.37
CA TRP A 620 -6.28 -9.88 15.58
C TRP A 620 -5.46 -9.30 14.44
N SER A 621 -6.10 -8.53 13.57
CA SER A 621 -5.41 -7.92 12.44
C SER A 621 -5.58 -6.40 12.45
N SER B 11 37.69 -4.83 -33.75
CA SER B 11 37.03 -4.26 -34.96
C SER B 11 35.51 -4.30 -34.81
N SER B 12 34.84 -4.89 -35.81
CA SER B 12 33.39 -4.99 -35.80
C SER B 12 32.90 -6.13 -34.91
N PHE B 13 31.78 -5.90 -34.23
CA PHE B 13 31.20 -6.91 -33.34
C PHE B 13 31.05 -8.27 -34.03
N VAL B 14 30.62 -8.24 -35.29
CA VAL B 14 30.44 -9.46 -36.07
C VAL B 14 31.68 -10.35 -35.99
N GLU B 15 32.82 -9.81 -36.42
CA GLU B 15 34.05 -10.57 -36.39
C GLU B 15 34.40 -11.02 -34.97
N LYS B 16 34.26 -10.11 -34.01
CA LYS B 16 34.57 -10.45 -32.62
C LYS B 16 33.72 -11.63 -32.16
N MET B 17 32.53 -11.76 -32.72
CA MET B 17 31.65 -12.86 -32.34
C MET B 17 32.33 -14.19 -32.63
N LYS B 18 32.69 -14.41 -33.89
CA LYS B 18 33.37 -15.65 -34.27
C LYS B 18 34.67 -15.74 -33.48
N LYS B 19 35.33 -14.60 -33.32
CA LYS B 19 36.57 -14.50 -32.57
C LYS B 19 36.42 -15.15 -31.19
N THR B 20 35.17 -15.31 -30.74
CA THR B 20 34.88 -15.91 -29.44
C THR B 20 33.86 -17.03 -29.60
N GLY B 21 33.34 -17.18 -30.82
CA GLY B 21 32.36 -18.22 -31.09
C GLY B 21 31.00 -17.96 -30.49
N ARG B 22 30.35 -16.88 -30.92
CA ARG B 22 29.02 -16.54 -30.41
C ARG B 22 28.06 -16.28 -31.57
N ASN B 23 26.95 -17.00 -31.58
CA ASN B 23 25.96 -16.87 -32.65
C ASN B 23 24.85 -15.86 -32.34
N ILE B 24 24.75 -15.42 -31.09
CA ILE B 24 23.71 -14.48 -30.72
C ILE B 24 24.26 -13.20 -30.07
N ILE B 25 23.91 -12.05 -30.63
CA ILE B 25 24.35 -10.79 -30.07
C ILE B 25 23.12 -9.96 -29.70
N VAL B 26 23.08 -9.47 -28.47
CA VAL B 26 21.95 -8.68 -28.00
C VAL B 26 22.35 -7.23 -27.79
N PHE B 27 21.62 -6.32 -28.42
CA PHE B 27 21.91 -4.90 -28.28
C PHE B 27 20.92 -4.22 -27.34
N TYR B 28 21.45 -3.33 -26.51
CA TYR B 28 20.65 -2.60 -25.56
C TYR B 28 20.77 -1.08 -25.69
N GLY B 29 19.63 -0.43 -25.82
CA GLY B 29 19.61 1.01 -25.79
C GLY B 29 19.11 1.29 -24.39
N SER B 30 20.01 1.80 -23.56
CA SER B 30 19.64 2.06 -22.17
C SER B 30 20.20 3.35 -21.58
N GLN B 31 19.39 3.98 -20.72
CA GLN B 31 19.77 5.22 -20.03
C GLN B 31 19.98 4.92 -18.55
N THR B 32 19.09 4.09 -18.00
CA THR B 32 19.16 3.75 -16.59
C THR B 32 19.42 2.26 -16.29
N GLY B 33 19.91 1.53 -17.29
CA GLY B 33 20.24 0.12 -17.10
C GLY B 33 19.17 -0.95 -17.28
N THR B 34 17.91 -0.57 -17.35
CA THR B 34 16.83 -1.54 -17.49
C THR B 34 16.94 -2.38 -18.75
N ALA B 35 17.29 -1.75 -19.87
CA ALA B 35 17.41 -2.45 -21.15
C ALA B 35 18.69 -3.27 -21.17
N GLU B 36 19.81 -2.66 -20.79
CA GLU B 36 21.06 -3.38 -20.78
C GLU B 36 20.89 -4.64 -19.96
N GLU B 37 20.07 -4.52 -18.91
CA GLU B 37 19.81 -5.64 -18.03
C GLU B 37 19.16 -6.79 -18.79
N PHE B 38 18.05 -6.52 -19.45
CA PHE B 38 17.37 -7.56 -20.22
C PHE B 38 18.33 -8.16 -21.24
N ALA B 39 19.18 -7.32 -21.82
CA ALA B 39 20.14 -7.77 -22.82
C ALA B 39 21.13 -8.78 -22.25
N ASN B 40 21.49 -8.60 -20.98
CA ASN B 40 22.42 -9.53 -20.33
C ASN B 40 21.69 -10.83 -20.00
N ARG B 41 20.43 -10.70 -19.61
CA ARG B 41 19.62 -11.86 -19.26
C ARG B 41 19.39 -12.70 -20.51
N LEU B 42 19.08 -12.05 -21.63
CA LEU B 42 18.88 -12.76 -22.88
C LEU B 42 20.20 -13.37 -23.34
N SER B 43 21.26 -12.58 -23.26
CA SER B 43 22.58 -13.06 -23.66
C SER B 43 22.99 -14.31 -22.90
N LYS B 44 22.82 -14.29 -21.58
CA LYS B 44 23.19 -15.43 -20.75
C LYS B 44 22.36 -16.66 -21.10
N ASP B 45 21.09 -16.45 -21.44
CA ASP B 45 20.20 -17.56 -21.79
C ASP B 45 20.78 -18.42 -22.91
N ALA B 46 21.54 -17.81 -23.81
CA ALA B 46 22.15 -18.52 -24.93
C ALA B 46 22.67 -19.90 -24.54
N HIS B 47 23.55 -19.92 -23.53
CA HIS B 47 24.13 -21.17 -23.04
C HIS B 47 23.05 -22.23 -22.85
N ARG B 48 22.04 -21.90 -22.05
CA ARG B 48 20.93 -22.81 -21.76
C ARG B 48 20.42 -23.53 -23.00
N TYR B 49 20.64 -22.95 -24.18
CA TYR B 49 20.20 -23.56 -25.43
C TYR B 49 21.30 -23.89 -26.43
N GLY B 50 22.34 -24.56 -25.94
CA GLY B 50 23.46 -24.95 -26.78
C GLY B 50 24.08 -23.83 -27.57
N MET B 51 23.65 -22.59 -27.33
CA MET B 51 24.20 -21.45 -28.04
C MET B 51 24.98 -20.54 -27.09
N ARG B 52 25.61 -19.51 -27.66
CA ARG B 52 26.39 -18.56 -26.86
C ARG B 52 26.06 -17.16 -27.36
N GLY B 53 26.33 -16.15 -26.53
CA GLY B 53 26.05 -14.80 -26.94
C GLY B 53 26.72 -13.71 -26.14
N MET B 54 26.58 -12.48 -26.63
CA MET B 54 27.16 -11.32 -25.96
C MET B 54 26.23 -10.12 -26.08
N SER B 55 26.14 -9.36 -25.01
CA SER B 55 25.32 -8.16 -24.97
C SER B 55 26.25 -7.00 -25.26
N ALA B 56 25.85 -6.10 -26.15
CA ALA B 56 26.72 -4.98 -26.49
C ALA B 56 26.05 -3.63 -26.64
N ASP B 57 26.84 -2.59 -26.39
CA ASP B 57 26.41 -1.20 -26.49
C ASP B 57 26.56 -0.77 -27.95
N PRO B 58 25.43 -0.56 -28.64
CA PRO B 58 25.49 -0.16 -30.06
C PRO B 58 26.40 1.05 -30.33
N GLU B 59 26.50 1.95 -29.36
CA GLU B 59 27.32 3.15 -29.52
C GLU B 59 28.81 2.86 -29.58
N GLU B 60 29.22 1.70 -29.07
CA GLU B 60 30.63 1.33 -29.08
C GLU B 60 31.08 0.75 -30.42
N TYR B 61 30.11 0.26 -31.20
CA TYR B 61 30.38 -0.34 -32.50
C TYR B 61 29.61 0.37 -33.60
N ASP B 62 29.82 -0.07 -34.83
CA ASP B 62 29.12 0.50 -35.99
C ASP B 62 28.13 -0.56 -36.46
N LEU B 63 26.84 -0.27 -36.32
CA LEU B 63 25.79 -1.20 -36.71
C LEU B 63 25.66 -1.43 -38.21
N ALA B 64 26.59 -0.86 -38.98
CA ALA B 64 26.57 -1.03 -40.43
C ALA B 64 27.17 -2.40 -40.74
N ASP B 65 27.73 -3.04 -39.72
CA ASP B 65 28.33 -4.35 -39.89
C ASP B 65 27.27 -5.44 -39.83
N LEU B 66 26.01 -5.05 -39.70
CA LEU B 66 24.92 -6.01 -39.65
C LEU B 66 24.91 -6.86 -40.91
N SER B 67 25.62 -6.38 -41.93
CA SER B 67 25.69 -7.07 -43.21
C SER B 67 26.49 -8.36 -43.12
N SER B 68 27.60 -8.30 -42.37
CA SER B 68 28.46 -9.46 -42.20
C SER B 68 27.93 -10.45 -41.17
N LEU B 69 26.68 -10.26 -40.74
CA LEU B 69 26.10 -11.13 -39.74
C LEU B 69 25.77 -12.52 -40.28
N PRO B 70 25.22 -12.61 -41.51
CA PRO B 70 24.89 -13.91 -42.09
C PRO B 70 26.10 -14.83 -42.27
N GLU B 71 27.29 -14.24 -42.35
CA GLU B 71 28.50 -15.05 -42.51
C GLU B 71 28.88 -15.62 -41.15
N ILE B 72 27.87 -16.18 -40.47
CA ILE B 72 28.02 -16.80 -39.17
C ILE B 72 26.84 -17.76 -39.06
N ASP B 73 27.12 -19.03 -38.85
CA ASP B 73 26.07 -20.03 -38.77
C ASP B 73 25.05 -19.76 -37.66
N LYS B 74 23.78 -19.77 -38.06
CA LYS B 74 22.67 -19.53 -37.15
C LYS B 74 22.88 -18.24 -36.36
N SER B 75 23.19 -17.17 -37.08
CA SER B 75 23.40 -15.86 -36.46
C SER B 75 22.06 -15.27 -36.04
N LEU B 76 22.07 -14.52 -34.94
CA LEU B 76 20.86 -13.89 -34.42
C LEU B 76 21.17 -12.62 -33.64
N VAL B 77 20.46 -11.55 -33.95
CA VAL B 77 20.66 -10.28 -33.26
C VAL B 77 19.33 -9.80 -32.67
N VAL B 78 19.33 -9.47 -31.39
CA VAL B 78 18.11 -9.00 -30.73
C VAL B 78 18.28 -7.55 -30.29
N PHE B 79 17.17 -6.81 -30.24
CA PHE B 79 17.21 -5.40 -29.85
C PHE B 79 16.33 -5.02 -28.66
N CYS B 80 16.98 -4.74 -27.53
CA CYS B 80 16.29 -4.32 -26.31
C CYS B 80 16.50 -2.81 -26.24
N MET B 81 15.55 -2.07 -26.81
CA MET B 81 15.65 -0.63 -26.87
C MET B 81 14.64 0.13 -26.01
N ALA B 82 15.16 1.07 -25.21
CA ALA B 82 14.32 1.88 -24.34
C ALA B 82 14.13 3.27 -24.92
N THR B 83 12.89 3.76 -24.85
CA THR B 83 12.53 5.08 -25.37
C THR B 83 12.63 6.18 -24.30
N TYR B 84 13.15 7.34 -24.68
CA TYR B 84 13.27 8.47 -23.78
C TYR B 84 12.83 9.76 -24.44
N ASN B 85 11.75 10.34 -23.92
CA ASN B 85 11.19 11.58 -24.46
C ASN B 85 10.78 11.37 -25.91
N GLY B 86 10.44 10.13 -26.24
CA GLY B 86 10.02 9.79 -27.59
C GLY B 86 11.19 9.49 -28.51
N ASP B 87 12.40 9.67 -28.00
CA ASP B 87 13.61 9.44 -28.80
C ASP B 87 14.47 8.31 -28.25
N PRO B 88 15.39 7.80 -29.08
CA PRO B 88 16.29 6.71 -28.66
C PRO B 88 17.21 7.13 -27.53
N THR B 89 17.70 6.16 -26.77
CA THR B 89 18.61 6.42 -25.67
C THR B 89 19.91 7.07 -26.14
N ASP B 90 20.52 7.87 -25.26
CA ASP B 90 21.77 8.57 -25.56
C ASP B 90 22.77 7.69 -26.30
N ASN B 91 22.87 6.43 -25.89
CA ASN B 91 23.82 5.49 -26.50
C ASN B 91 23.31 4.86 -27.79
N ALA B 92 22.01 5.00 -28.06
CA ALA B 92 21.42 4.42 -29.26
C ALA B 92 21.12 5.50 -30.28
N GLN B 93 21.68 6.69 -30.08
CA GLN B 93 21.46 7.81 -30.98
C GLN B 93 22.10 7.59 -32.35
N ASP B 94 23.36 7.17 -32.36
CA ASP B 94 24.06 6.92 -33.62
C ASP B 94 23.33 5.86 -34.44
N PHE B 95 23.08 4.72 -33.83
CA PHE B 95 22.38 3.62 -34.52
C PHE B 95 21.09 4.14 -35.13
N TYR B 96 20.42 5.05 -34.41
CA TYR B 96 19.17 5.63 -34.86
C TYR B 96 19.35 6.41 -36.16
N ASP B 97 20.37 7.27 -36.18
CA ASP B 97 20.66 8.06 -37.36
C ASP B 97 20.96 7.13 -38.54
N TRP B 98 21.81 6.14 -38.28
CA TRP B 98 22.20 5.17 -39.30
C TRP B 98 21.00 4.41 -39.86
N LEU B 99 19.96 4.25 -39.05
CA LEU B 99 18.76 3.52 -39.48
C LEU B 99 17.89 4.28 -40.47
N GLN B 100 18.03 5.61 -40.52
CA GLN B 100 17.23 6.41 -41.43
C GLN B 100 18.06 6.98 -42.58
N GLU B 101 19.38 6.98 -42.42
CA GLU B 101 20.29 7.49 -43.43
C GLU B 101 20.86 6.39 -44.32
N THR B 102 20.03 5.38 -44.62
CA THR B 102 20.46 4.26 -45.46
C THR B 102 19.30 3.36 -45.86
N ASP B 103 19.45 2.70 -47.00
CA ASP B 103 18.43 1.79 -47.52
C ASP B 103 19.10 0.49 -47.96
N VAL B 104 20.27 0.21 -47.39
CA VAL B 104 21.02 -1.00 -47.71
C VAL B 104 20.24 -2.29 -47.43
N ASP B 105 20.82 -3.42 -47.82
CA ASP B 105 20.18 -4.71 -47.61
C ASP B 105 20.83 -5.62 -46.58
N LEU B 106 20.00 -6.35 -45.85
CA LEU B 106 20.45 -7.27 -44.82
C LEU B 106 19.61 -8.54 -44.80
N THR B 107 19.43 -9.15 -45.97
CA THR B 107 18.65 -10.38 -46.05
C THR B 107 19.43 -11.51 -45.39
N GLY B 108 18.73 -12.37 -44.65
CA GLY B 108 19.39 -13.47 -43.97
C GLY B 108 19.75 -13.14 -42.53
N VAL B 109 19.82 -11.84 -42.23
CA VAL B 109 20.14 -11.37 -40.89
C VAL B 109 18.95 -11.65 -39.99
N LYS B 110 19.14 -12.54 -39.01
CA LYS B 110 18.07 -12.91 -38.10
C LYS B 110 17.99 -11.94 -36.91
N PHE B 111 16.82 -11.34 -36.71
CA PHE B 111 16.63 -10.39 -35.62
C PHE B 111 15.34 -10.60 -34.83
N ALA B 112 15.20 -9.83 -33.77
CA ALA B 112 14.05 -9.87 -32.89
C ALA B 112 14.09 -8.59 -32.06
N VAL B 113 12.94 -8.07 -31.67
CA VAL B 113 12.93 -6.83 -30.88
C VAL B 113 11.96 -6.78 -29.72
N PHE B 114 12.45 -6.25 -28.60
CA PHE B 114 11.65 -6.09 -27.38
C PHE B 114 11.91 -4.68 -26.88
N GLY B 115 10.89 -3.82 -26.98
CA GLY B 115 11.05 -2.44 -26.55
C GLY B 115 10.62 -2.16 -25.13
N LEU B 116 11.34 -1.26 -24.47
CA LEU B 116 11.05 -0.88 -23.10
C LEU B 116 10.49 0.54 -23.09
N GLY B 117 9.32 0.70 -22.47
CA GLY B 117 8.71 2.03 -22.42
C GLY B 117 7.60 2.14 -21.40
N ASN B 118 6.74 3.14 -21.59
CA ASN B 118 5.62 3.38 -20.71
C ASN B 118 4.37 3.53 -21.57
N LYS B 119 3.28 2.89 -21.15
CA LYS B 119 2.03 2.92 -21.90
C LYS B 119 1.37 4.30 -21.84
N THR B 120 1.76 5.10 -20.85
CA THR B 120 1.26 6.48 -20.69
C THR B 120 1.66 7.51 -21.75
N TYR B 121 2.93 7.48 -22.18
CA TYR B 121 3.53 8.55 -22.99
C TYR B 121 3.02 8.65 -24.42
N GLU B 122 3.03 9.86 -24.99
CA GLU B 122 2.59 10.03 -26.37
C GLU B 122 3.13 8.89 -27.24
N HIS B 123 4.38 8.51 -26.99
CA HIS B 123 5.02 7.45 -27.76
C HIS B 123 5.42 6.21 -26.97
N PHE B 124 4.57 5.18 -27.03
CA PHE B 124 4.80 3.93 -26.33
C PHE B 124 5.79 3.05 -27.11
N ASN B 125 6.99 2.90 -26.57
CA ASN B 125 8.05 2.12 -27.21
C ASN B 125 8.31 2.64 -28.62
N ALA B 126 8.65 3.92 -28.70
CA ALA B 126 8.93 4.55 -29.98
C ALA B 126 10.07 3.82 -30.67
N MET B 127 11.26 3.95 -30.12
CA MET B 127 12.46 3.32 -30.65
C MET B 127 12.22 1.87 -31.01
N GLY B 128 11.63 1.12 -30.07
CA GLY B 128 11.35 -0.28 -30.30
C GLY B 128 10.56 -0.53 -31.56
N LYS B 129 9.41 0.13 -31.69
CA LYS B 129 8.56 -0.04 -32.86
C LYS B 129 9.25 0.43 -34.13
N TYR B 130 10.21 1.33 -33.99
CA TYR B 130 10.93 1.85 -35.14
C TYR B 130 11.93 0.82 -35.65
N VAL B 131 12.91 0.48 -34.81
CA VAL B 131 13.94 -0.48 -35.15
C VAL B 131 13.36 -1.79 -35.68
N ASP B 132 12.12 -2.08 -35.28
CA ASP B 132 11.47 -3.31 -35.73
C ASP B 132 11.05 -3.23 -37.19
N GLN B 133 10.71 -2.03 -37.66
CA GLN B 133 10.29 -1.84 -39.03
C GLN B 133 11.48 -1.61 -39.96
N ARG B 134 12.38 -0.72 -39.55
CA ARG B 134 13.56 -0.40 -40.34
C ARG B 134 14.22 -1.69 -40.83
N LEU B 135 14.28 -2.71 -39.98
CA LEU B 135 14.89 -3.97 -40.37
C LEU B 135 14.28 -4.99 -41.33
N GLU B 136 13.04 -5.37 -41.07
CA GLU B 136 12.33 -6.33 -41.93
C GLU B 136 12.32 -5.88 -43.38
N GLN B 137 12.21 -4.57 -43.59
CA GLN B 137 12.19 -4.00 -44.94
C GLN B 137 13.58 -3.96 -45.58
N LEU B 138 14.59 -3.64 -44.79
CA LEU B 138 15.96 -3.55 -45.28
C LEU B 138 16.51 -4.95 -45.54
N GLY B 139 15.65 -5.97 -45.40
CA GLY B 139 16.08 -7.33 -45.65
C GLY B 139 15.90 -8.28 -44.48
N ALA B 140 16.61 -8.00 -43.39
CA ALA B 140 16.57 -8.82 -42.17
C ALA B 140 15.22 -9.47 -41.84
N GLN B 141 15.27 -10.77 -41.54
CA GLN B 141 14.09 -11.55 -41.22
C GLN B 141 13.78 -11.63 -39.72
N ARG B 142 12.51 -11.38 -39.38
CA ARG B 142 12.08 -11.42 -37.99
C ARG B 142 11.92 -12.85 -37.48
N ILE B 143 12.52 -13.13 -36.33
CA ILE B 143 12.46 -14.46 -35.73
C ILE B 143 11.29 -14.62 -34.76
N PHE B 144 11.03 -13.59 -33.96
CA PHE B 144 9.94 -13.62 -32.99
C PHE B 144 9.19 -12.30 -33.05
N GLU B 145 7.91 -12.33 -32.67
CA GLU B 145 7.06 -11.14 -32.69
C GLU B 145 7.64 -10.01 -31.86
N LEU B 146 7.14 -8.81 -32.08
CA LEU B 146 7.60 -7.63 -31.36
C LEU B 146 6.97 -7.59 -29.98
N GLY B 147 7.80 -7.48 -28.95
CA GLY B 147 7.30 -7.42 -27.60
C GLY B 147 7.27 -5.99 -27.10
N LEU B 148 6.16 -5.58 -26.52
CA LEU B 148 6.04 -4.21 -26.03
C LEU B 148 6.09 -4.11 -24.51
N GLY B 149 7.28 -3.87 -23.97
CA GLY B 149 7.44 -3.74 -22.54
C GLY B 149 6.67 -2.54 -22.03
N ASP B 150 5.90 -2.75 -20.96
CA ASP B 150 5.09 -1.68 -20.37
C ASP B 150 5.48 -1.41 -18.92
N ASP B 151 6.30 -0.38 -18.71
CA ASP B 151 6.75 -0.04 -17.36
C ASP B 151 5.66 0.68 -16.59
N ASP B 152 4.48 0.80 -17.18
CA ASP B 152 3.36 1.47 -16.54
C ASP B 152 2.72 0.51 -15.54
N GLY B 153 2.56 -0.74 -15.96
CA GLY B 153 1.99 -1.76 -15.09
C GLY B 153 3.14 -2.50 -14.42
N ASN B 154 3.82 -3.34 -15.19
CA ASN B 154 4.98 -4.09 -14.69
C ASN B 154 5.81 -4.57 -15.87
N LEU B 155 6.95 -3.93 -16.06
CA LEU B 155 7.86 -4.23 -17.16
C LEU B 155 8.54 -5.59 -17.04
N GLU B 156 8.87 -5.98 -15.82
CA GLU B 156 9.52 -7.26 -15.57
C GLU B 156 8.67 -8.43 -16.04
N GLU B 157 7.37 -8.34 -15.81
CA GLU B 157 6.47 -9.41 -16.22
C GLU B 157 6.26 -9.48 -17.74
N ASP B 158 6.22 -8.32 -18.40
CA ASP B 158 6.05 -8.30 -19.86
C ASP B 158 7.27 -8.96 -20.50
N PHE B 159 8.43 -8.77 -19.89
CA PHE B 159 9.68 -9.34 -20.36
C PHE B 159 9.74 -10.82 -20.04
N ILE B 160 9.10 -11.21 -18.94
CA ILE B 160 9.07 -12.61 -18.54
C ILE B 160 8.25 -13.38 -19.56
N THR B 161 7.08 -12.84 -19.90
CA THR B 161 6.19 -13.48 -20.87
C THR B 161 6.93 -13.61 -22.20
N TRP B 162 7.12 -12.48 -22.88
CA TRP B 162 7.81 -12.43 -24.16
C TRP B 162 9.00 -13.40 -24.22
N ARG B 163 9.92 -13.24 -23.28
CA ARG B 163 11.12 -14.07 -23.22
C ARG B 163 10.87 -15.56 -23.04
N GLU B 164 9.79 -15.90 -22.33
CA GLU B 164 9.47 -17.31 -22.09
C GLU B 164 9.16 -18.01 -23.40
N GLN B 165 8.45 -17.31 -24.29
CA GLN B 165 8.07 -17.83 -25.59
C GLN B 165 9.21 -17.68 -26.59
N PHE B 166 10.01 -16.63 -26.40
CA PHE B 166 11.15 -16.34 -27.29
C PHE B 166 11.98 -17.56 -27.65
N TRP B 167 12.73 -18.06 -26.66
CA TRP B 167 13.61 -19.20 -26.89
C TRP B 167 13.00 -20.45 -27.48
N PRO B 168 11.79 -20.84 -27.06
CA PRO B 168 11.19 -22.03 -27.64
C PRO B 168 11.14 -21.87 -29.15
N ALA B 169 10.83 -20.64 -29.58
CA ALA B 169 10.75 -20.31 -31.00
C ALA B 169 12.16 -20.30 -31.59
N VAL B 170 13.07 -19.61 -30.90
CA VAL B 170 14.46 -19.53 -31.37
C VAL B 170 15.06 -20.93 -31.50
N CYS B 171 14.49 -21.89 -30.76
CA CYS B 171 14.97 -23.26 -30.82
C CYS B 171 14.45 -23.98 -32.05
N GLU B 172 13.14 -23.90 -32.28
CA GLU B 172 12.53 -24.55 -33.44
C GLU B 172 13.12 -24.00 -34.74
N PHE B 173 13.49 -22.73 -34.72
CA PHE B 173 14.07 -22.09 -35.91
C PHE B 173 15.47 -22.61 -36.17
N PHE B 174 16.41 -22.32 -35.27
CA PHE B 174 17.79 -22.77 -35.42
C PHE B 174 18.00 -24.25 -35.08
N GLY B 175 16.95 -24.88 -34.56
CA GLY B 175 17.02 -26.30 -34.21
C GLY B 175 17.85 -26.87 -33.08
N VAL B 176 17.62 -26.38 -31.86
CA VAL B 176 18.34 -26.85 -30.69
C VAL B 176 17.43 -27.34 -29.56
N GLU B 177 17.80 -28.47 -28.94
CA GLU B 177 17.02 -29.07 -27.87
C GLU B 177 17.38 -28.50 -26.50
N ALA B 178 17.65 -27.20 -26.44
CA ALA B 178 18.00 -26.56 -25.18
C ALA B 178 19.28 -27.19 -24.63
N THR B 179 19.21 -27.68 -23.39
CA THR B 179 20.34 -28.31 -22.72
C THR B 179 19.95 -28.84 -21.34
N ILE B 185 25.22 -20.28 -13.94
CA ILE B 185 26.23 -19.73 -14.84
C ILE B 185 26.47 -18.23 -14.59
N ARG B 186 27.68 -17.89 -14.15
CA ARG B 186 28.04 -16.51 -13.85
C ARG B 186 28.74 -15.77 -14.98
N GLN B 187 28.73 -14.44 -14.89
CA GLN B 187 29.34 -13.59 -15.91
C GLN B 187 30.70 -13.02 -15.49
N TYR B 188 30.97 -12.97 -14.20
CA TYR B 188 32.23 -12.42 -13.75
C TYR B 188 32.99 -13.36 -12.82
N GLU B 189 34.30 -13.09 -12.70
CA GLU B 189 35.18 -13.88 -11.86
C GLU B 189 35.73 -13.03 -10.74
N LEU B 190 35.77 -13.60 -9.54
CA LEU B 190 36.26 -12.90 -8.36
C LEU B 190 37.76 -12.99 -8.20
N VAL B 191 38.35 -11.89 -7.74
CA VAL B 191 39.77 -11.86 -7.49
C VAL B 191 40.00 -11.01 -6.24
N VAL B 192 40.33 -11.66 -5.13
CA VAL B 192 40.58 -10.96 -3.89
C VAL B 192 42.01 -10.44 -3.87
N HIS B 193 42.19 -9.22 -3.37
CA HIS B 193 43.51 -8.62 -3.32
C HIS B 193 44.05 -8.38 -1.92
N GLU B 194 44.99 -9.20 -1.47
CA GLU B 194 45.60 -9.00 -0.15
C GLU B 194 46.89 -8.26 -0.44
N ASP B 195 47.05 -7.91 -1.72
CA ASP B 195 48.23 -7.22 -2.24
C ASP B 195 48.11 -5.74 -2.65
N MET B 196 46.93 -5.33 -3.09
CA MET B 196 46.66 -3.97 -3.54
C MET B 196 47.27 -2.86 -2.68
N ASP B 197 47.71 -1.80 -3.34
CA ASP B 197 48.23 -0.64 -2.64
C ASP B 197 47.01 0.27 -2.56
N VAL B 198 46.87 1.00 -1.46
CA VAL B 198 45.71 1.87 -1.28
C VAL B 198 45.40 2.79 -2.47
N ALA B 199 46.43 3.36 -3.07
CA ALA B 199 46.24 4.27 -4.20
C ALA B 199 45.47 3.68 -5.37
N LYS B 200 45.63 2.39 -5.60
CA LYS B 200 44.95 1.73 -6.73
C LYS B 200 43.50 1.33 -6.46
N VAL B 201 43.01 1.60 -5.25
CA VAL B 201 41.65 1.20 -4.90
C VAL B 201 40.59 2.29 -5.00
N TYR B 202 39.52 1.97 -5.72
CA TYR B 202 38.39 2.87 -5.90
C TYR B 202 37.62 3.05 -4.60
N THR B 203 37.23 4.29 -4.32
CA THR B 203 36.49 4.60 -3.10
C THR B 203 35.15 5.28 -3.41
N GLY B 204 34.58 5.03 -4.59
CA GLY B 204 33.32 5.63 -4.93
C GLY B 204 33.30 6.46 -6.20
N GLU B 205 34.47 6.80 -6.74
CA GLU B 205 34.56 7.59 -7.97
C GLU B 205 33.84 6.84 -9.07
N MET B 206 33.32 7.57 -10.05
CA MET B 206 32.59 6.95 -11.15
C MET B 206 33.37 6.47 -12.35
N GLY B 207 34.48 7.11 -12.68
CA GLY B 207 35.21 6.67 -13.84
C GLY B 207 36.68 6.46 -13.60
N ARG B 208 37.46 7.51 -13.84
CA ARG B 208 38.89 7.46 -13.66
C ARG B 208 39.25 7.44 -12.18
N LEU B 209 40.14 6.51 -11.82
CA LEU B 209 40.60 6.35 -10.45
C LEU B 209 41.13 7.69 -9.92
N LYS B 210 40.65 8.09 -8.74
CA LYS B 210 41.07 9.34 -8.10
C LYS B 210 40.45 10.63 -8.66
N SER B 211 39.49 10.51 -9.56
CA SER B 211 38.88 11.71 -10.14
C SER B 211 38.05 12.56 -9.17
N TYR B 212 37.50 11.94 -8.12
CA TYR B 212 36.74 12.69 -7.12
C TYR B 212 37.69 13.59 -6.31
N GLU B 213 38.93 13.12 -6.17
CA GLU B 213 39.97 13.82 -5.43
C GLU B 213 40.72 14.81 -6.32
N ASN B 214 41.02 14.40 -7.55
CA ASN B 214 41.72 15.26 -8.51
C ASN B 214 40.70 15.76 -9.53
N GLN B 215 40.00 16.83 -9.16
CA GLN B 215 38.95 17.42 -9.98
C GLN B 215 39.45 18.24 -11.16
N LYS B 216 39.27 17.72 -12.37
CA LYS B 216 39.71 18.41 -13.59
C LYS B 216 38.57 18.50 -14.61
N PRO B 217 38.34 19.70 -15.18
CA PRO B 217 37.28 19.89 -16.17
C PRO B 217 37.62 19.14 -17.45
N PRO B 218 36.61 18.84 -18.29
CA PRO B 218 35.19 19.16 -18.07
C PRO B 218 34.52 18.09 -17.23
N PHE B 219 33.50 18.49 -16.47
CA PHE B 219 32.77 17.58 -15.60
C PHE B 219 31.49 17.07 -16.26
N ASP B 220 31.24 15.77 -16.13
CA ASP B 220 30.07 15.13 -16.71
C ASP B 220 29.71 13.84 -15.98
N ALA B 221 28.82 13.05 -16.59
CA ALA B 221 28.36 11.80 -16.00
C ALA B 221 29.47 10.84 -15.59
N LYS B 222 30.58 10.86 -16.33
CA LYS B 222 31.70 9.97 -16.01
C LYS B 222 32.73 10.66 -15.12
N ASN B 223 32.64 11.98 -15.03
CA ASN B 223 33.59 12.75 -14.23
C ASN B 223 32.82 13.87 -13.53
N PRO B 224 31.93 13.52 -12.58
CA PRO B 224 31.14 14.52 -11.86
C PRO B 224 31.98 15.52 -11.07
N PHE B 225 31.42 16.70 -10.87
CA PHE B 225 32.09 17.74 -10.09
C PHE B 225 31.57 17.66 -8.66
N LEU B 226 32.47 17.54 -7.69
CA LEU B 226 32.02 17.49 -6.31
C LEU B 226 31.70 18.91 -5.82
N ALA B 227 30.41 19.25 -5.88
CA ALA B 227 29.94 20.56 -5.48
C ALA B 227 29.73 20.65 -3.98
N ALA B 228 30.22 21.74 -3.39
CA ALA B 228 30.07 21.95 -1.96
C ALA B 228 28.65 22.43 -1.63
N VAL B 229 28.01 21.79 -0.66
CA VAL B 229 26.67 22.20 -0.26
C VAL B 229 26.85 23.40 0.67
N THR B 230 26.35 24.55 0.25
CA THR B 230 26.49 25.77 1.03
C THR B 230 25.23 26.17 1.79
N ALA B 231 24.13 25.53 1.44
CA ALA B 231 22.85 25.79 2.10
C ALA B 231 21.93 24.58 1.92
N ASN B 232 21.24 24.23 3.00
CA ASN B 232 20.30 23.11 3.00
C ASN B 232 19.26 23.41 4.07
N ARG B 233 18.13 23.96 3.65
CA ARG B 233 17.09 24.29 4.60
C ARG B 233 15.70 23.76 4.30
N LYS B 234 14.96 23.57 5.39
CA LYS B 234 13.60 23.08 5.35
C LYS B 234 12.69 24.16 4.76
N LEU B 235 11.83 23.77 3.81
CA LEU B 235 10.93 24.69 3.13
C LEU B 235 9.50 24.69 3.64
N ASN B 236 9.10 23.61 4.30
CA ASN B 236 7.75 23.52 4.83
C ASN B 236 7.79 23.65 6.34
N GLN B 237 6.67 24.05 6.95
CA GLN B 237 6.62 24.22 8.41
C GLN B 237 6.11 22.99 9.15
N GLY B 238 5.51 22.06 8.43
CA GLY B 238 4.99 20.87 9.06
C GLY B 238 6.06 19.83 9.34
N THR B 239 5.64 18.70 9.91
CA THR B 239 6.52 17.60 10.24
C THR B 239 6.04 16.32 9.55
N GLU B 240 4.97 16.43 8.76
CA GLU B 240 4.46 15.25 8.06
C GLU B 240 5.40 14.94 6.89
N ARG B 241 5.94 15.99 6.28
CA ARG B 241 6.85 15.85 5.15
C ARG B 241 8.09 16.72 5.37
N HIS B 242 9.15 16.42 4.62
CA HIS B 242 10.35 17.23 4.72
C HIS B 242 10.68 17.77 3.32
N LEU B 243 10.37 19.04 3.09
CA LEU B 243 10.64 19.69 1.81
C LEU B 243 11.92 20.49 2.02
N MET B 244 12.86 20.38 1.09
CA MET B 244 14.13 21.06 1.29
C MET B 244 14.71 21.78 0.08
N HIS B 245 15.54 22.75 0.34
CA HIS B 245 16.19 23.55 -0.65
C HIS B 245 17.69 23.51 -0.44
N LEU B 246 18.41 23.10 -1.44
CA LEU B 246 19.85 23.02 -1.35
C LEU B 246 20.51 23.89 -2.42
N GLU B 247 21.68 24.42 -2.08
CA GLU B 247 22.43 25.25 -3.02
C GLU B 247 23.80 24.60 -3.13
N LEU B 248 24.17 24.28 -4.36
CA LEU B 248 25.45 23.62 -4.62
C LEU B 248 26.44 24.58 -5.27
N ASP B 249 27.60 24.70 -4.65
CA ASP B 249 28.63 25.60 -5.15
C ASP B 249 29.39 24.99 -6.34
N ILE B 250 29.14 25.52 -7.54
CA ILE B 250 29.84 25.01 -8.71
C ILE B 250 30.97 25.96 -9.16
N SER B 251 31.41 26.82 -8.24
CA SER B 251 32.49 27.78 -8.52
C SER B 251 33.72 27.04 -9.02
N ASP B 252 34.36 27.58 -10.06
CA ASP B 252 35.57 26.99 -10.64
C ASP B 252 35.38 25.63 -11.30
N SER B 253 34.14 25.28 -11.64
CA SER B 253 33.87 24.01 -12.30
C SER B 253 33.80 24.18 -13.81
N LYS B 254 33.61 25.42 -14.25
CA LYS B 254 33.50 25.75 -15.66
C LYS B 254 32.18 25.22 -16.18
N ILE B 255 31.37 24.67 -15.27
CA ILE B 255 30.06 24.13 -15.60
C ILE B 255 29.08 25.25 -15.96
N ARG B 256 28.34 25.06 -17.05
CA ARG B 256 27.37 26.05 -17.47
C ARG B 256 25.98 25.44 -17.39
N TYR B 257 24.97 26.28 -17.20
CA TYR B 257 23.59 25.80 -17.15
C TYR B 257 22.64 26.97 -17.33
N GLU B 258 21.37 26.65 -17.57
CA GLU B 258 20.32 27.64 -17.75
C GLU B 258 19.07 27.13 -17.02
N SER B 259 18.22 28.03 -16.55
CA SER B 259 17.00 27.61 -15.87
C SER B 259 16.30 26.65 -16.82
N GLY B 260 15.85 25.51 -16.29
CA GLY B 260 15.20 24.53 -17.13
C GLY B 260 16.04 23.26 -17.24
N ASP B 261 17.34 23.38 -16.99
CA ASP B 261 18.23 22.22 -17.07
C ASP B 261 18.08 21.35 -15.81
N HIS B 262 18.63 20.15 -15.85
CA HIS B 262 18.55 19.28 -14.69
C HIS B 262 19.94 19.05 -14.16
N VAL B 263 20.02 18.77 -12.86
CA VAL B 263 21.30 18.47 -12.24
C VAL B 263 21.22 17.04 -11.77
N ALA B 264 22.25 16.26 -12.06
CA ALA B 264 22.28 14.87 -11.66
C ALA B 264 23.19 14.73 -10.46
N VAL B 265 22.84 13.83 -9.56
CA VAL B 265 23.66 13.59 -8.39
C VAL B 265 23.88 12.09 -8.16
N TYR B 266 25.08 11.73 -7.75
CA TYR B 266 25.44 10.35 -7.44
C TYR B 266 25.48 10.31 -5.92
N PRO B 267 24.45 9.70 -5.30
CA PRO B 267 24.35 9.60 -3.84
C PRO B 267 25.04 8.38 -3.25
N ALA B 268 25.01 8.28 -1.93
CA ALA B 268 25.58 7.14 -1.22
C ALA B 268 24.43 6.43 -0.51
N ASN B 269 24.44 5.11 -0.55
CA ASN B 269 23.41 4.34 0.11
C ASN B 269 23.55 4.54 1.63
N ASP B 270 22.52 4.11 2.37
CA ASP B 270 22.52 4.21 3.83
C ASP B 270 23.59 3.26 4.41
N SER B 271 24.52 3.79 5.20
CA SER B 271 25.58 2.97 5.77
C SER B 271 25.06 1.83 6.65
N ALA B 272 23.94 2.07 7.33
CA ALA B 272 23.35 1.05 8.21
C ALA B 272 22.88 -0.14 7.37
N LEU B 273 22.28 0.15 6.22
CA LEU B 273 21.81 -0.89 5.32
C LEU B 273 22.99 -1.71 4.80
N VAL B 274 24.00 -1.00 4.31
CA VAL B 274 25.18 -1.66 3.80
C VAL B 274 25.77 -2.58 4.87
N ASN B 275 25.94 -2.05 6.09
CA ASN B 275 26.49 -2.81 7.20
C ASN B 275 25.72 -4.10 7.49
N GLN B 276 24.41 -3.97 7.64
CA GLN B 276 23.56 -5.12 7.93
C GLN B 276 23.66 -6.19 6.86
N ILE B 277 23.77 -5.77 5.60
CA ILE B 277 23.88 -6.75 4.52
C ILE B 277 25.16 -7.55 4.74
N GLY B 278 26.22 -6.87 5.18
CA GLY B 278 27.48 -7.53 5.42
C GLY B 278 27.39 -8.44 6.63
N GLU B 279 26.76 -7.95 7.69
CA GLU B 279 26.62 -8.72 8.91
C GLU B 279 25.76 -9.98 8.75
N ILE B 280 24.62 -9.84 8.08
CA ILE B 280 23.72 -10.98 7.91
C ILE B 280 24.31 -12.08 7.02
N LEU B 281 25.26 -11.72 6.16
CA LEU B 281 25.90 -12.70 5.29
C LEU B 281 27.18 -13.21 5.94
N GLY B 282 27.61 -12.53 7.00
CA GLY B 282 28.83 -12.91 7.68
C GLY B 282 30.06 -12.57 6.88
N ALA B 283 29.93 -11.61 5.96
CA ALA B 283 31.04 -11.21 5.11
C ALA B 283 31.84 -10.01 5.64
N ASP B 284 33.11 -9.97 5.26
CA ASP B 284 34.01 -8.87 5.63
C ASP B 284 33.88 -7.84 4.51
N LEU B 285 33.08 -6.80 4.75
CA LEU B 285 32.85 -5.76 3.73
C LEU B 285 34.11 -4.99 3.34
N ASP B 286 35.15 -5.08 4.15
CA ASP B 286 36.36 -4.32 3.87
C ASP B 286 37.40 -5.06 3.02
N VAL B 287 37.00 -6.20 2.48
CA VAL B 287 37.88 -6.99 1.63
C VAL B 287 37.99 -6.29 0.27
N ILE B 288 39.22 -6.17 -0.23
CA ILE B 288 39.46 -5.53 -1.52
C ILE B 288 39.45 -6.58 -2.63
N MET B 289 38.71 -6.31 -3.70
CA MET B 289 38.63 -7.28 -4.79
C MET B 289 38.24 -6.70 -6.13
N SER B 290 38.02 -7.58 -7.10
CA SER B 290 37.62 -7.18 -8.44
C SER B 290 36.70 -8.26 -9.02
N LEU B 291 35.82 -7.85 -9.92
CA LEU B 291 34.94 -8.79 -10.60
C LEU B 291 35.27 -8.63 -12.08
N ASN B 292 36.21 -9.44 -12.53
CA ASN B 292 36.69 -9.41 -13.90
C ASN B 292 35.80 -10.26 -14.79
N ASN B 293 35.46 -9.72 -15.98
CA ASN B 293 34.60 -10.42 -16.91
C ASN B 293 35.21 -11.73 -17.42
N LEU B 294 34.35 -12.72 -17.60
CA LEU B 294 34.76 -14.04 -18.08
C LEU B 294 34.83 -14.04 -19.61
N ASP B 295 34.40 -12.94 -20.21
CA ASP B 295 34.43 -12.78 -21.65
C ASP B 295 35.58 -11.82 -21.95
N GLU B 296 36.80 -12.36 -21.91
CA GLU B 296 38.02 -11.59 -22.17
C GLU B 296 37.85 -10.56 -23.28
N GLU B 297 37.04 -10.89 -24.28
CA GLU B 297 36.80 -10.01 -25.42
C GLU B 297 35.83 -8.86 -25.20
N SER B 298 35.18 -8.83 -24.04
CA SER B 298 34.22 -7.78 -23.73
C SER B 298 34.88 -6.47 -23.31
N ASN B 299 34.20 -5.35 -23.61
CA ASN B 299 34.71 -4.03 -23.25
C ASN B 299 34.48 -3.81 -21.77
N LYS B 300 33.39 -4.39 -21.26
CA LYS B 300 33.03 -4.27 -19.85
C LYS B 300 33.84 -5.26 -19.01
N LYS B 301 35.00 -4.82 -18.55
CA LYS B 301 35.90 -5.65 -17.77
C LYS B 301 35.40 -5.91 -16.33
N HIS B 302 34.58 -4.97 -15.83
CA HIS B 302 34.04 -5.11 -14.47
C HIS B 302 32.62 -4.57 -14.42
N PRO B 303 31.80 -5.11 -13.51
CA PRO B 303 30.41 -4.66 -13.35
C PRO B 303 30.36 -3.24 -12.78
N PHE B 304 31.45 -2.82 -12.13
CA PHE B 304 31.56 -1.49 -11.56
C PHE B 304 33.04 -1.23 -11.32
N PRO B 305 33.41 0.01 -10.94
CA PRO B 305 34.84 0.26 -10.73
C PRO B 305 35.53 -0.76 -9.79
N CYS B 306 36.62 -1.33 -10.30
CA CYS B 306 37.45 -2.31 -9.58
C CYS B 306 38.90 -1.97 -9.83
N PRO B 307 39.79 -2.28 -8.86
CA PRO B 307 39.50 -2.92 -7.57
C PRO B 307 38.86 -1.97 -6.56
N THR B 308 38.03 -2.56 -5.69
CA THR B 308 37.31 -1.80 -4.66
C THR B 308 36.85 -2.77 -3.57
N THR B 309 36.38 -2.25 -2.44
CA THR B 309 35.90 -3.12 -1.36
C THR B 309 34.40 -3.36 -1.51
N TYR B 310 33.90 -4.41 -0.88
CA TYR B 310 32.47 -4.70 -0.96
C TYR B 310 31.67 -3.53 -0.40
N ARG B 311 32.15 -2.95 0.70
CA ARG B 311 31.49 -1.82 1.33
C ARG B 311 31.32 -0.67 0.35
N THR B 312 32.42 -0.28 -0.30
CA THR B 312 32.35 0.81 -1.25
C THR B 312 31.37 0.50 -2.37
N ALA B 313 31.44 -0.72 -2.91
CA ALA B 313 30.55 -1.09 -4.00
C ALA B 313 29.07 -1.00 -3.61
N LEU B 314 28.74 -1.47 -2.41
CA LEU B 314 27.37 -1.46 -1.92
C LEU B 314 26.91 -0.05 -1.57
N THR B 315 27.87 0.80 -1.18
CA THR B 315 27.58 2.17 -0.81
C THR B 315 27.41 3.12 -1.98
N TYR B 316 28.30 3.00 -2.97
CA TYR B 316 28.31 3.90 -4.13
C TYR B 316 27.96 3.35 -5.50
N TYR B 317 28.18 2.06 -5.72
CA TYR B 317 27.94 1.50 -7.05
C TYR B 317 26.73 0.60 -7.25
N LEU B 318 26.18 0.05 -6.18
CA LEU B 318 25.05 -0.85 -6.36
C LEU B 318 23.72 -0.36 -5.81
N ASP B 319 22.65 -0.80 -6.46
CA ASP B 319 21.29 -0.48 -6.04
C ASP B 319 20.95 -1.56 -5.03
N ILE B 320 20.72 -1.16 -3.79
CA ILE B 320 20.39 -2.15 -2.76
C ILE B 320 19.03 -1.87 -2.14
N THR B 321 18.28 -0.95 -2.75
CA THR B 321 16.97 -0.56 -2.23
C THR B 321 15.77 -0.93 -3.07
N ASN B 322 15.89 -0.91 -4.39
CA ASN B 322 14.74 -1.25 -5.24
C ASN B 322 14.50 -2.75 -5.23
N PRO B 323 13.25 -3.16 -5.45
CA PRO B 323 12.89 -4.58 -5.47
C PRO B 323 13.74 -5.34 -6.50
N PRO B 324 14.39 -6.43 -6.07
CA PRO B 324 15.20 -7.21 -6.99
C PRO B 324 14.33 -7.79 -8.11
N ARG B 325 14.92 -7.95 -9.30
CA ARG B 325 14.20 -8.50 -10.42
C ARG B 325 14.20 -10.03 -10.28
N THR B 326 13.29 -10.69 -10.97
CA THR B 326 13.14 -12.14 -10.89
C THR B 326 14.38 -12.98 -11.17
N ASN B 327 15.19 -12.57 -12.14
CA ASN B 327 16.39 -13.33 -12.47
C ASN B 327 17.38 -13.34 -11.31
N VAL B 328 17.49 -12.23 -10.59
CA VAL B 328 18.40 -12.14 -9.45
C VAL B 328 17.98 -13.11 -8.35
N LEU B 329 16.68 -13.16 -8.06
CA LEU B 329 16.20 -14.06 -7.04
C LEU B 329 16.39 -15.50 -7.49
N TYR B 330 16.03 -15.76 -8.76
CA TYR B 330 16.15 -17.10 -9.32
C TYR B 330 17.57 -17.62 -9.21
N GLU B 331 18.54 -16.79 -9.62
CA GLU B 331 19.94 -17.19 -9.56
C GLU B 331 20.49 -17.22 -8.14
N LEU B 332 19.70 -16.77 -7.18
CA LEU B 332 20.13 -16.76 -5.79
C LEU B 332 19.53 -17.93 -5.02
N ALA B 333 18.40 -18.44 -5.51
CA ALA B 333 17.68 -19.55 -4.87
C ALA B 333 18.60 -20.69 -4.45
N GLN B 334 19.64 -20.94 -5.24
CA GLN B 334 20.57 -22.02 -4.95
C GLN B 334 21.30 -21.86 -3.62
N TYR B 335 21.36 -20.65 -3.10
CA TYR B 335 22.05 -20.40 -1.85
C TYR B 335 21.14 -20.47 -0.61
N ALA B 336 19.87 -20.78 -0.83
CA ALA B 336 18.93 -20.88 0.27
C ALA B 336 18.93 -22.34 0.73
N SER B 337 19.44 -22.60 1.93
CA SER B 337 19.50 -23.96 2.46
C SER B 337 18.15 -24.55 2.88
N GLU B 338 17.12 -23.71 2.97
CA GLU B 338 15.80 -24.21 3.34
C GLU B 338 14.99 -24.38 2.05
N PRO B 339 14.63 -25.64 1.73
CA PRO B 339 13.86 -25.98 0.52
C PRO B 339 12.62 -25.14 0.19
N SER B 340 11.85 -24.75 1.19
CA SER B 340 10.67 -23.93 0.89
C SER B 340 11.11 -22.53 0.45
N GLU B 341 12.23 -22.06 1.00
CA GLU B 341 12.72 -20.74 0.63
C GLU B 341 13.34 -20.78 -0.75
N GLN B 342 14.13 -21.81 -1.02
CA GLN B 342 14.76 -21.96 -2.33
C GLN B 342 13.70 -22.06 -3.43
N GLU B 343 12.63 -22.82 -3.16
CA GLU B 343 11.54 -22.99 -4.12
C GLU B 343 10.82 -21.67 -4.39
N HIS B 344 10.57 -20.89 -3.34
CA HIS B 344 9.90 -19.60 -3.48
C HIS B 344 10.74 -18.68 -4.35
N LEU B 345 12.04 -18.71 -4.13
CA LEU B 345 12.95 -17.88 -4.90
C LEU B 345 12.94 -18.30 -6.38
N HIS B 346 12.99 -19.60 -6.65
CA HIS B 346 12.97 -20.09 -8.01
C HIS B 346 11.67 -19.71 -8.72
N LYS B 347 10.54 -20.03 -8.10
CA LYS B 347 9.26 -19.72 -8.70
C LYS B 347 8.99 -18.23 -8.92
N MET B 348 9.90 -17.36 -8.48
CA MET B 348 9.70 -15.92 -8.66
C MET B 348 9.74 -15.56 -10.13
N ALA B 349 10.48 -16.35 -10.92
CA ALA B 349 10.60 -16.09 -12.36
C ALA B 349 9.41 -16.60 -13.17
N SER B 350 8.49 -17.30 -12.52
CA SER B 350 7.32 -17.84 -13.21
C SER B 350 6.49 -16.79 -13.95
N SER B 351 5.92 -17.19 -15.09
CA SER B 351 5.10 -16.28 -15.89
C SER B 351 3.63 -16.31 -15.49
N SER B 352 3.30 -17.15 -14.52
CA SER B 352 1.92 -17.25 -14.04
C SER B 352 1.85 -18.10 -12.77
N GLY B 353 0.67 -18.14 -12.16
CA GLY B 353 0.49 -18.93 -10.96
C GLY B 353 0.88 -18.26 -9.65
N GLU B 354 0.88 -19.05 -8.58
CA GLU B 354 1.22 -18.56 -7.26
C GLU B 354 2.65 -18.03 -7.15
N GLY B 355 3.52 -18.46 -8.07
CA GLY B 355 4.89 -17.99 -8.06
C GLY B 355 4.96 -16.54 -8.50
N LYS B 356 4.31 -16.25 -9.62
CA LYS B 356 4.28 -14.91 -10.17
C LYS B 356 3.58 -13.98 -9.17
N GLU B 357 2.45 -14.45 -8.64
CA GLU B 357 1.68 -13.67 -7.67
C GLU B 357 2.52 -13.29 -6.45
N LEU B 358 3.25 -14.26 -5.91
CA LEU B 358 4.09 -14.00 -4.75
C LEU B 358 5.06 -12.89 -5.08
N TYR B 359 5.72 -12.99 -6.23
CA TYR B 359 6.67 -11.97 -6.64
C TYR B 359 6.05 -10.57 -6.68
N LEU B 360 4.89 -10.46 -7.34
CA LEU B 360 4.22 -9.18 -7.48
C LEU B 360 3.73 -8.52 -6.19
N SER B 361 3.36 -9.32 -5.20
CA SER B 361 2.87 -8.74 -3.96
C SER B 361 3.94 -8.71 -2.85
N TRP B 362 4.61 -9.84 -2.66
CA TRP B 362 5.63 -9.99 -1.62
C TRP B 362 6.94 -9.26 -1.87
N VAL B 363 7.32 -9.15 -3.14
CA VAL B 363 8.56 -8.46 -3.50
C VAL B 363 8.31 -7.04 -4.01
N VAL B 364 7.58 -6.95 -5.13
CA VAL B 364 7.28 -5.67 -5.76
C VAL B 364 6.37 -4.75 -4.95
N GLU B 365 5.13 -5.18 -4.74
CA GLU B 365 4.15 -4.40 -3.99
C GLU B 365 4.62 -4.11 -2.56
N ALA B 366 5.15 -5.12 -1.89
CA ALA B 366 5.64 -4.93 -0.53
C ALA B 366 6.90 -4.06 -0.54
N ARG B 367 7.47 -3.86 -1.73
CA ARG B 367 8.68 -3.04 -1.90
C ARG B 367 9.85 -3.56 -1.06
N ARG B 368 10.03 -4.88 -1.07
CA ARG B 368 11.12 -5.50 -0.32
C ARG B 368 12.47 -5.37 -1.03
N HIS B 369 13.42 -4.76 -0.35
CA HIS B 369 14.75 -4.66 -0.84
C HIS B 369 15.59 -5.87 -0.52
N ILE B 370 16.77 -5.99 -1.12
CA ILE B 370 17.60 -7.16 -0.89
C ILE B 370 17.80 -7.53 0.58
N LEU B 371 18.04 -6.57 1.47
CA LEU B 371 18.21 -6.92 2.88
C LEU B 371 16.94 -7.52 3.47
N ALA B 372 15.79 -6.98 3.09
CA ALA B 372 14.52 -7.49 3.60
C ALA B 372 14.34 -8.96 3.21
N ILE B 373 14.71 -9.30 1.97
CA ILE B 373 14.58 -10.66 1.50
C ILE B 373 15.55 -11.54 2.27
N LEU B 374 16.77 -11.03 2.47
CA LEU B 374 17.77 -11.76 3.22
C LEU B 374 17.30 -12.02 4.65
N GLN B 375 16.55 -11.08 5.22
CA GLN B 375 16.05 -11.24 6.58
C GLN B 375 14.81 -12.15 6.63
N ASP B 376 13.96 -12.03 5.61
CA ASP B 376 12.74 -12.82 5.57
C ASP B 376 12.89 -14.27 5.08
N TYR B 377 14.02 -14.57 4.44
CA TYR B 377 14.34 -15.94 4.00
C TYR B 377 15.73 -16.16 4.60
N PRO B 378 15.81 -16.44 5.91
CA PRO B 378 17.07 -16.65 6.64
C PRO B 378 18.01 -17.72 6.09
N SER B 379 17.49 -18.68 5.35
CA SER B 379 18.36 -19.73 4.80
C SER B 379 19.14 -19.25 3.58
N LEU B 380 18.76 -18.10 3.03
CA LEU B 380 19.45 -17.54 1.86
C LEU B 380 20.76 -16.89 2.31
N ARG B 381 21.87 -17.55 2.02
CA ARG B 381 23.20 -17.05 2.42
C ARG B 381 24.19 -17.08 1.25
N PRO B 382 23.99 -16.23 0.23
CA PRO B 382 24.90 -16.20 -0.92
C PRO B 382 26.27 -15.61 -0.64
N PRO B 383 27.26 -15.95 -1.49
CA PRO B 383 28.62 -15.41 -1.31
C PRO B 383 28.44 -13.92 -1.60
N ILE B 384 29.08 -13.06 -0.82
CA ILE B 384 28.92 -11.61 -1.05
C ILE B 384 29.30 -11.17 -2.46
N ASP B 385 30.35 -11.75 -3.03
CA ASP B 385 30.79 -11.35 -4.38
C ASP B 385 29.76 -11.70 -5.45
N HIS B 386 29.17 -12.88 -5.36
CA HIS B 386 28.19 -13.28 -6.35
C HIS B 386 27.00 -12.34 -6.25
N LEU B 387 26.63 -11.98 -5.01
CA LEU B 387 25.49 -11.08 -4.81
C LEU B 387 25.77 -9.74 -5.47
N CYS B 388 26.99 -9.22 -5.30
CA CYS B 388 27.38 -7.93 -5.88
C CYS B 388 27.32 -7.91 -7.41
N GLU B 389 27.54 -9.06 -8.04
CA GLU B 389 27.48 -9.15 -9.49
C GLU B 389 26.02 -9.11 -9.97
N LEU B 390 25.13 -9.64 -9.14
CA LEU B 390 23.71 -9.69 -9.46
C LEU B 390 22.95 -8.36 -9.33
N LEU B 391 23.30 -7.57 -8.32
CA LEU B 391 22.63 -6.30 -8.08
C LEU B 391 22.85 -5.26 -9.19
N PRO B 392 21.85 -4.41 -9.44
CA PRO B 392 21.94 -3.38 -10.48
C PRO B 392 22.85 -2.23 -10.00
N ARG B 393 23.31 -1.40 -10.94
CA ARG B 393 24.16 -0.27 -10.61
C ARG B 393 23.33 0.85 -9.97
N LEU B 394 23.96 1.60 -9.05
CA LEU B 394 23.27 2.70 -8.41
C LEU B 394 23.22 3.82 -9.45
N GLN B 395 22.02 4.29 -9.79
CA GLN B 395 21.85 5.33 -10.79
C GLN B 395 21.82 6.71 -10.16
N ALA B 396 22.22 7.71 -10.93
CA ALA B 396 22.20 9.09 -10.48
C ALA B 396 20.73 9.53 -10.46
N ARG B 397 20.41 10.50 -9.61
CA ARG B 397 19.04 11.04 -9.54
C ARG B 397 19.05 12.45 -10.11
N TYR B 398 18.00 12.79 -10.85
CA TYR B 398 17.89 14.11 -11.46
C TYR B 398 16.98 15.07 -10.70
N TYR B 399 17.34 16.35 -10.73
CA TYR B 399 16.56 17.38 -10.08
C TYR B 399 16.47 18.61 -11.01
N SER B 400 15.33 19.27 -11.01
CA SER B 400 15.14 20.44 -11.85
C SER B 400 15.80 21.65 -11.19
N ILE B 401 16.85 22.15 -11.84
CA ILE B 401 17.58 23.28 -11.27
C ILE B 401 16.63 24.44 -10.93
N ALA B 402 16.70 24.91 -9.69
CA ALA B 402 15.83 25.97 -9.20
C ALA B 402 16.46 27.35 -9.15
N SER B 403 17.48 27.56 -9.96
CA SER B 403 18.14 28.86 -10.00
C SER B 403 18.44 29.26 -11.44
N SER B 404 18.59 30.55 -11.67
CA SER B 404 18.92 31.09 -12.98
C SER B 404 20.42 31.33 -13.00
N SER B 405 21.08 30.99 -14.11
CA SER B 405 22.52 31.20 -14.18
C SER B 405 22.85 32.69 -14.35
N LYS B 406 21.87 33.48 -14.72
CA LYS B 406 22.07 34.92 -14.90
C LYS B 406 22.24 35.55 -13.52
N VAL B 407 21.61 34.93 -12.51
CA VAL B 407 21.66 35.43 -11.15
C VAL B 407 22.60 34.65 -10.25
N HIS B 408 22.69 33.34 -10.46
CA HIS B 408 23.56 32.46 -9.67
C HIS B 408 24.40 31.59 -10.61
N PRO B 409 25.40 32.20 -11.28
CA PRO B 409 26.24 31.41 -12.19
C PRO B 409 27.15 30.39 -11.53
N ASN B 410 27.46 30.59 -10.25
CA ASN B 410 28.35 29.70 -9.51
C ASN B 410 27.63 28.80 -8.52
N SER B 411 26.32 28.66 -8.68
CA SER B 411 25.53 27.84 -7.78
C SER B 411 24.31 27.20 -8.46
N VAL B 412 24.00 25.97 -8.06
CA VAL B 412 22.87 25.23 -8.59
C VAL B 412 21.94 24.95 -7.42
N HIS B 413 20.68 25.38 -7.53
CA HIS B 413 19.71 25.17 -6.47
C HIS B 413 18.80 24.00 -6.72
N ILE B 414 18.49 23.29 -5.65
CA ILE B 414 17.61 22.13 -5.72
C ILE B 414 16.43 22.25 -4.76
N CYS B 415 15.24 21.92 -5.26
CA CYS B 415 14.01 21.93 -4.47
C CYS B 415 13.47 20.51 -4.49
N ALA B 416 13.40 19.87 -3.33
CA ALA B 416 12.94 18.48 -3.30
C ALA B 416 12.21 18.02 -2.03
N VAL B 417 11.42 16.97 -2.18
CA VAL B 417 10.69 16.38 -1.07
C VAL B 417 11.44 15.10 -0.72
N ALA B 418 11.75 14.89 0.55
CA ALA B 418 12.46 13.69 0.94
C ALA B 418 11.52 12.50 0.85
N VAL B 419 12.04 11.35 0.42
CA VAL B 419 11.23 10.16 0.29
C VAL B 419 11.42 9.24 1.50
N GLU B 420 10.33 9.02 2.21
CA GLU B 420 10.31 8.16 3.40
C GLU B 420 8.89 7.63 3.54
N TYR B 421 8.73 6.31 3.54
CA TYR B 421 7.39 5.73 3.68
C TYR B 421 7.36 4.36 4.32
N GLU B 422 6.20 4.04 4.88
CA GLU B 422 5.95 2.75 5.51
C GLU B 422 5.66 1.79 4.36
N ALA B 423 6.44 0.74 4.22
CA ALA B 423 6.22 -0.23 3.14
C ALA B 423 5.46 -1.44 3.68
N LYS B 424 4.74 -2.14 2.81
CA LYS B 424 3.99 -3.31 3.26
C LYS B 424 4.92 -4.44 3.67
N SER B 425 6.22 -4.23 3.47
CA SER B 425 7.21 -5.22 3.85
C SER B 425 7.38 -5.18 5.37
N GLY B 426 6.84 -4.14 6.01
CA GLY B 426 6.98 -4.00 7.44
C GLY B 426 8.13 -3.06 7.77
N ARG B 427 8.81 -2.60 6.73
CA ARG B 427 9.94 -1.68 6.88
C ARG B 427 9.54 -0.26 6.52
N VAL B 428 10.41 0.68 6.89
CA VAL B 428 10.24 2.07 6.54
C VAL B 428 11.32 2.24 5.48
N ASN B 429 10.93 2.38 4.22
CA ASN B 429 11.91 2.56 3.14
C ASN B 429 12.32 4.02 3.05
N LYS B 430 13.56 4.27 2.66
CA LYS B 430 14.08 5.63 2.54
C LYS B 430 14.65 5.88 1.15
N GLY B 431 14.25 7.01 0.55
CA GLY B 431 14.76 7.36 -0.77
C GLY B 431 16.27 7.53 -0.66
N VAL B 432 17.00 6.93 -1.60
CA VAL B 432 18.46 6.99 -1.56
C VAL B 432 19.04 8.41 -1.68
N ALA B 433 18.76 9.08 -2.79
CA ALA B 433 19.28 10.41 -3.02
C ALA B 433 18.77 11.48 -2.04
N THR B 434 17.47 11.51 -1.78
CA THR B 434 16.94 12.54 -0.90
C THR B 434 17.35 12.38 0.58
N SER B 435 17.52 11.15 1.05
CA SER B 435 17.94 10.95 2.44
C SER B 435 19.38 11.42 2.56
N TRP B 436 20.17 11.06 1.55
CA TRP B 436 21.58 11.42 1.47
C TRP B 436 21.75 12.95 1.36
N LEU B 437 20.91 13.59 0.56
CA LEU B 437 20.97 15.05 0.41
C LEU B 437 20.52 15.71 1.70
N ARG B 438 19.41 15.23 2.24
CA ARG B 438 18.88 15.79 3.45
C ARG B 438 19.96 15.87 4.56
N ALA B 439 20.80 14.84 4.65
CA ALA B 439 21.84 14.81 5.68
C ALA B 439 23.11 15.59 5.37
N LYS B 440 23.16 16.29 4.25
CA LYS B 440 24.36 17.08 3.93
C LYS B 440 24.30 18.36 4.76
N GLU B 441 25.33 18.58 5.58
CA GLU B 441 25.41 19.76 6.43
C GLU B 441 26.37 20.79 5.85
N PRO B 442 25.87 22.01 5.55
CA PRO B 442 26.70 23.06 4.99
C PRO B 442 27.96 23.30 5.84
N ALA B 443 27.80 23.17 7.14
CA ALA B 443 28.93 23.35 8.05
C ALA B 443 28.65 22.70 9.40
N GLY B 444 28.98 21.41 9.50
CA GLY B 444 28.76 20.69 10.74
C GLY B 444 30.05 20.32 11.46
N ARG B 449 33.29 21.29 2.37
CA ARG B 449 33.27 20.18 3.32
C ARG B 449 32.22 19.14 2.93
N ALA B 450 30.94 19.52 2.93
CA ALA B 450 29.87 18.60 2.55
C ALA B 450 29.81 18.61 1.02
N LEU B 451 30.30 17.54 0.40
CA LEU B 451 30.35 17.48 -1.05
C LEU B 451 29.32 16.57 -1.73
N VAL B 452 28.85 17.02 -2.90
CA VAL B 452 27.87 16.28 -3.70
C VAL B 452 28.35 16.14 -5.15
N PRO B 453 28.70 14.91 -5.57
CA PRO B 453 29.16 14.70 -6.94
C PRO B 453 28.00 15.00 -7.84
N MET B 454 28.21 15.84 -8.86
CA MET B 454 27.11 16.19 -9.75
C MET B 454 27.53 16.59 -11.15
N PHE B 455 26.53 16.74 -12.02
CA PHE B 455 26.74 17.17 -13.39
C PHE B 455 25.44 17.72 -13.96
N VAL B 456 25.56 18.55 -14.97
CA VAL B 456 24.41 19.17 -15.59
C VAL B 456 24.00 18.54 -16.91
N ARG B 457 22.70 18.33 -17.08
CA ARG B 457 22.18 17.77 -18.32
C ARG B 457 21.22 18.77 -18.94
N LYS B 458 21.60 19.30 -20.09
CA LYS B 458 20.80 20.28 -20.80
C LYS B 458 19.43 19.75 -21.21
N SER B 459 18.43 20.64 -21.18
CA SER B 459 17.07 20.29 -21.57
C SER B 459 16.59 21.32 -22.58
N GLN B 460 15.41 21.10 -23.13
CA GLN B 460 14.85 22.03 -24.10
C GLN B 460 13.93 23.02 -23.40
N PHE B 461 13.70 22.77 -22.11
CA PHE B 461 12.86 23.60 -21.24
C PHE B 461 13.59 24.92 -21.06
N ARG B 462 13.06 25.99 -21.65
CA ARG B 462 13.70 27.30 -21.57
C ARG B 462 12.73 28.47 -21.62
N LEU B 463 13.09 29.57 -20.98
CA LEU B 463 12.26 30.78 -21.00
C LEU B 463 12.36 31.28 -22.43
N PRO B 464 11.40 32.10 -22.87
CA PRO B 464 11.50 32.60 -24.24
C PRO B 464 12.76 33.45 -24.40
N PHE B 465 13.38 33.40 -25.57
CA PHE B 465 14.57 34.21 -25.83
C PHE B 465 14.16 35.66 -25.96
N LYS B 466 12.94 35.88 -26.46
CA LYS B 466 12.40 37.23 -26.64
C LYS B 466 11.70 37.62 -25.34
N SER B 467 12.34 38.50 -24.57
CA SER B 467 11.85 38.96 -23.28
C SER B 467 10.39 39.46 -23.22
N THR B 468 9.86 39.96 -24.32
CA THR B 468 8.48 40.45 -24.33
C THR B 468 7.44 39.33 -24.42
N THR B 469 7.85 38.11 -24.75
CA THR B 469 6.89 37.02 -24.84
C THR B 469 6.36 36.67 -23.43
N PRO B 470 5.04 36.47 -23.29
CA PRO B 470 4.40 36.14 -22.02
C PRO B 470 4.73 34.71 -21.56
N VAL B 471 4.79 34.50 -20.25
CA VAL B 471 5.07 33.17 -19.73
C VAL B 471 4.01 32.72 -18.73
N ILE B 472 3.51 31.51 -18.95
CA ILE B 472 2.49 30.89 -18.11
C ILE B 472 3.14 29.69 -17.42
N MET B 473 3.31 29.78 -16.11
CA MET B 473 3.94 28.72 -15.34
C MET B 473 2.97 28.00 -14.39
N VAL B 474 2.92 26.68 -14.50
CA VAL B 474 2.05 25.85 -13.67
C VAL B 474 2.89 24.77 -12.98
N GLY B 475 3.17 24.95 -11.69
CA GLY B 475 3.97 23.98 -10.98
C GLY B 475 3.65 23.82 -9.51
N PRO B 476 2.63 23.01 -9.16
CA PRO B 476 2.29 22.82 -7.75
C PRO B 476 3.30 21.94 -7.01
N GLY B 477 3.40 22.13 -5.69
CA GLY B 477 4.33 21.35 -4.90
C GLY B 477 5.74 21.61 -5.37
N THR B 478 6.54 20.55 -5.47
CA THR B 478 7.92 20.66 -5.92
C THR B 478 8.05 21.05 -7.40
N GLY B 479 6.92 21.13 -8.10
CA GLY B 479 6.95 21.52 -9.50
C GLY B 479 7.35 22.98 -9.64
N ILE B 480 7.40 23.67 -8.51
CA ILE B 480 7.77 25.09 -8.48
C ILE B 480 9.26 25.27 -8.83
N ALA B 481 10.05 24.22 -8.58
CA ALA B 481 11.49 24.24 -8.81
C ALA B 481 12.08 25.01 -10.00
N PRO B 482 11.76 24.63 -11.23
CA PRO B 482 12.35 25.38 -12.35
C PRO B 482 11.87 26.82 -12.40
N PHE B 483 10.66 27.05 -11.93
CA PHE B 483 10.09 28.37 -11.97
C PHE B 483 10.71 29.38 -11.05
N MET B 484 11.36 28.92 -9.97
CA MET B 484 12.02 29.87 -9.09
C MET B 484 13.16 30.46 -9.92
N GLY B 485 13.72 29.63 -10.79
CA GLY B 485 14.80 30.09 -11.66
C GLY B 485 14.24 31.05 -12.69
N PHE B 486 13.15 30.64 -13.35
CA PHE B 486 12.48 31.46 -14.37
C PHE B 486 12.18 32.85 -13.79
N ILE B 487 11.58 32.89 -12.62
CA ILE B 487 11.23 34.15 -12.00
C ILE B 487 12.48 34.98 -11.70
N GLN B 488 13.50 34.33 -11.12
CA GLN B 488 14.74 35.03 -10.81
C GLN B 488 15.28 35.71 -12.06
N GLU B 489 15.24 34.99 -13.18
CA GLU B 489 15.74 35.47 -14.46
C GLU B 489 14.87 36.58 -15.06
N ARG B 490 13.55 36.42 -15.01
CA ARG B 490 12.67 37.45 -15.55
C ARG B 490 12.85 38.73 -14.73
N ALA B 491 13.04 38.57 -13.42
CA ALA B 491 13.26 39.71 -12.54
C ALA B 491 14.56 40.40 -12.94
N TRP B 492 15.54 39.58 -13.34
CA TRP B 492 16.85 40.07 -13.75
C TRP B 492 16.75 40.82 -15.08
N LEU B 493 15.96 40.28 -16.00
CA LEU B 493 15.78 40.91 -17.29
C LEU B 493 15.21 42.31 -17.12
N ARG B 494 14.17 42.43 -16.30
CA ARG B 494 13.55 43.73 -16.05
C ARG B 494 14.58 44.75 -15.57
N GLU B 495 15.21 44.47 -14.44
CA GLU B 495 16.21 45.39 -13.89
C GLU B 495 17.42 45.53 -14.81
N GLN B 496 17.33 44.93 -15.99
CA GLN B 496 18.39 45.00 -16.98
C GLN B 496 17.98 45.99 -18.05
N GLY B 497 16.76 46.51 -17.92
CA GLY B 497 16.26 47.47 -18.88
C GLY B 497 15.40 46.87 -19.97
N LYS B 498 15.44 45.55 -20.11
CA LYS B 498 14.65 44.89 -21.13
C LYS B 498 13.16 45.02 -20.85
N GLU B 499 12.35 44.85 -21.89
CA GLU B 499 10.92 44.93 -21.73
C GLU B 499 10.48 43.48 -21.54
N VAL B 500 9.80 43.19 -20.43
CA VAL B 500 9.37 41.83 -20.13
C VAL B 500 7.84 41.64 -20.16
N GLY B 501 7.39 40.67 -20.95
CA GLY B 501 5.97 40.40 -21.04
C GLY B 501 5.43 39.88 -19.72
N GLU B 502 4.15 39.51 -19.69
CA GLU B 502 3.56 39.01 -18.45
C GLU B 502 4.24 37.72 -18.00
N THR B 503 4.38 37.58 -16.68
CA THR B 503 4.99 36.41 -16.07
C THR B 503 3.99 35.91 -15.04
N LEU B 504 3.27 34.85 -15.40
CA LEU B 504 2.24 34.28 -14.52
C LEU B 504 2.63 32.95 -13.90
N LEU B 505 2.39 32.82 -12.61
CA LEU B 505 2.69 31.58 -11.90
C LEU B 505 1.43 31.01 -11.27
N TYR B 506 1.19 29.72 -11.51
CA TYR B 506 0.07 29.04 -10.91
C TYR B 506 0.71 28.00 -10.02
N TYR B 507 0.63 28.23 -8.72
CA TYR B 507 1.25 27.33 -7.76
C TYR B 507 0.18 26.67 -6.89
N GLY B 508 0.57 25.61 -6.20
CA GLY B 508 -0.37 24.93 -5.33
C GLY B 508 0.31 24.18 -4.20
N CYS B 509 -0.33 24.21 -3.04
CA CYS B 509 0.18 23.49 -1.88
C CYS B 509 -1.04 23.23 -1.01
N ARG B 510 -0.87 22.53 0.10
CA ARG B 510 -1.99 22.21 0.97
C ARG B 510 -2.52 23.42 1.75
N ARG B 511 -1.65 24.09 2.49
CA ARG B 511 -2.06 25.24 3.30
C ARG B 511 -1.05 26.38 3.26
N SER B 512 -1.56 27.61 3.21
CA SER B 512 -0.73 28.80 3.14
C SER B 512 0.30 28.90 4.25
N ASP B 513 0.06 28.21 5.37
CA ASP B 513 1.01 28.29 6.48
C ASP B 513 1.63 26.96 6.85
N GLU B 514 1.74 26.05 5.89
CA GLU B 514 2.31 24.76 6.19
C GLU B 514 3.30 24.27 5.14
N ASP B 515 2.96 24.45 3.87
CA ASP B 515 3.84 23.98 2.81
C ASP B 515 3.84 24.91 1.60
N TYR B 516 3.70 26.21 1.87
CA TYR B 516 3.72 27.21 0.82
C TYR B 516 5.22 27.45 0.56
N LEU B 517 5.79 26.68 -0.36
CA LEU B 517 7.21 26.80 -0.69
C LEU B 517 7.67 28.17 -1.20
N TYR B 518 8.79 28.66 -0.66
CA TYR B 518 9.36 29.94 -1.07
C TYR B 518 8.33 31.05 -0.96
N ARG B 519 7.49 31.01 0.07
CA ARG B 519 6.47 32.02 0.22
C ARG B 519 7.02 33.45 0.21
N GLU B 520 8.08 33.68 0.98
CA GLU B 520 8.66 35.02 1.07
C GLU B 520 9.31 35.47 -0.24
N GLU B 521 10.06 34.56 -0.89
CA GLU B 521 10.70 34.88 -2.15
C GLU B 521 9.64 35.28 -3.19
N LEU B 522 8.58 34.50 -3.27
CA LEU B 522 7.52 34.76 -4.23
C LEU B 522 6.79 36.07 -3.98
N ALA B 523 6.51 36.36 -2.71
CA ALA B 523 5.80 37.59 -2.34
C ALA B 523 6.61 38.82 -2.78
N ARG B 524 7.92 38.78 -2.53
CA ARG B 524 8.80 39.88 -2.90
C ARG B 524 8.80 40.05 -4.42
N PHE B 525 8.94 38.94 -5.14
CA PHE B 525 8.94 38.97 -6.61
C PHE B 525 7.65 39.56 -7.16
N HIS B 526 6.55 39.33 -6.51
CA HIS B 526 5.27 39.82 -6.96
C HIS B 526 5.20 41.29 -6.65
N LYS B 527 5.57 41.62 -5.44
CA LYS B 527 5.59 43.00 -5.01
C LYS B 527 6.41 43.90 -5.93
N ASP B 528 7.57 43.41 -6.36
CA ASP B 528 8.44 44.18 -7.23
C ASP B 528 8.05 44.16 -8.70
N GLY B 529 6.97 43.44 -9.01
CA GLY B 529 6.50 43.39 -10.38
C GLY B 529 7.13 42.31 -11.26
N ALA B 530 8.17 41.65 -10.76
CA ALA B 530 8.83 40.60 -11.55
C ALA B 530 7.81 39.50 -11.86
N LEU B 531 7.01 39.15 -10.86
CA LEU B 531 5.97 38.15 -11.02
C LEU B 531 4.65 38.90 -11.16
N THR B 532 4.12 38.97 -12.38
CA THR B 532 2.87 39.67 -12.67
C THR B 532 1.67 39.20 -11.85
N GLN B 533 1.45 37.90 -11.82
CA GLN B 533 0.35 37.32 -11.06
C GLN B 533 0.89 36.16 -10.26
N LEU B 534 0.38 36.00 -9.04
CA LEU B 534 0.79 34.91 -8.16
C LEU B 534 -0.51 34.24 -7.76
N ASN B 535 -0.89 33.21 -8.51
CA ASN B 535 -2.12 32.49 -8.26
C ASN B 535 -1.84 31.15 -7.57
N VAL B 536 -2.18 31.08 -6.30
CA VAL B 536 -1.93 29.89 -5.51
C VAL B 536 -3.21 29.20 -5.04
N ALA B 537 -3.32 27.92 -5.37
CA ALA B 537 -4.48 27.13 -4.99
C ALA B 537 -4.12 26.33 -3.74
N PHE B 538 -4.74 26.66 -2.61
CA PHE B 538 -4.48 25.94 -1.37
C PHE B 538 -5.48 24.79 -1.32
N SER B 539 -5.00 23.59 -1.67
CA SER B 539 -5.84 22.41 -1.72
C SER B 539 -6.59 21.98 -0.46
N ARG B 540 -6.06 22.29 0.71
CA ARG B 540 -6.73 21.86 1.94
C ARG B 540 -7.16 22.95 2.92
N GLU B 541 -7.43 24.15 2.43
CA GLU B 541 -7.87 25.23 3.31
C GLU B 541 -9.39 25.25 3.45
N GLN B 542 -10.07 24.44 2.64
CA GLN B 542 -11.52 24.33 2.69
C GLN B 542 -11.88 22.88 2.43
N ALA B 543 -13.12 22.50 2.70
CA ALA B 543 -13.59 21.13 2.53
C ALA B 543 -13.40 20.55 1.15
N HIS B 544 -13.51 21.37 0.11
CA HIS B 544 -13.31 20.87 -1.24
C HIS B 544 -11.90 21.19 -1.74
N LYS B 545 -11.36 20.30 -2.58
CA LYS B 545 -10.04 20.49 -3.15
C LYS B 545 -10.04 21.67 -4.10
N VAL B 546 -8.97 22.45 -4.06
CA VAL B 546 -8.81 23.59 -4.96
C VAL B 546 -7.41 23.42 -5.53
N TYR B 547 -7.34 23.13 -6.82
CA TYR B 547 -6.06 22.91 -7.47
C TYR B 547 -5.73 24.00 -8.49
N VAL B 548 -4.52 23.94 -9.03
CA VAL B 548 -4.09 24.94 -9.99
C VAL B 548 -5.04 25.03 -11.19
N GLN B 549 -5.47 23.89 -11.73
CA GLN B 549 -6.37 23.91 -12.89
C GLN B 549 -7.69 24.62 -12.62
N HIS B 550 -8.06 24.74 -11.35
CA HIS B 550 -9.30 25.43 -11.02
C HIS B 550 -9.02 26.92 -11.20
N LEU B 551 -7.80 27.33 -10.89
CA LEU B 551 -7.44 28.73 -11.05
C LEU B 551 -7.27 29.05 -12.53
N LEU B 552 -6.73 28.10 -13.30
CA LEU B 552 -6.57 28.31 -14.73
C LEU B 552 -7.94 28.53 -15.37
N LYS B 553 -8.92 27.73 -14.97
CA LYS B 553 -10.25 27.84 -15.51
C LYS B 553 -10.79 29.24 -15.20
N ARG B 554 -10.54 29.71 -13.98
CA ARG B 554 -10.97 31.03 -13.52
C ARG B 554 -10.49 32.11 -14.49
N ASP B 555 -9.22 32.01 -14.86
CA ASP B 555 -8.61 32.98 -15.75
C ASP B 555 -8.59 32.49 -17.19
N ARG B 556 -9.46 31.54 -17.53
CA ARG B 556 -9.47 31.00 -18.88
C ARG B 556 -9.49 32.03 -20.01
N GLU B 557 -10.31 33.07 -19.87
CA GLU B 557 -10.38 34.08 -20.91
C GLU B 557 -9.05 34.82 -21.13
N HIS B 558 -8.44 35.30 -20.06
CA HIS B 558 -7.17 36.00 -20.18
C HIS B 558 -6.06 35.07 -20.71
N LEU B 559 -6.05 33.83 -20.23
CA LEU B 559 -5.05 32.87 -20.66
C LEU B 559 -5.16 32.62 -22.16
N TRP B 560 -6.38 32.45 -22.64
CA TRP B 560 -6.59 32.22 -24.07
C TRP B 560 -6.06 33.38 -24.90
N LYS B 561 -6.26 34.61 -24.45
CA LYS B 561 -5.75 35.75 -25.22
C LYS B 561 -4.23 35.68 -25.26
N LEU B 562 -3.61 35.43 -24.11
CA LEU B 562 -2.15 35.32 -24.02
C LEU B 562 -1.66 34.27 -24.99
N ILE B 563 -2.38 33.16 -25.06
CA ILE B 563 -2.04 32.05 -25.94
C ILE B 563 -2.35 32.34 -27.40
N HIS B 564 -3.57 32.76 -27.67
CA HIS B 564 -4.04 33.03 -29.02
C HIS B 564 -3.42 34.25 -29.70
N GLU B 565 -3.33 35.36 -28.98
CA GLU B 565 -2.80 36.59 -29.56
C GLU B 565 -1.45 37.03 -29.03
N GLY B 566 -1.03 36.45 -27.91
CA GLY B 566 0.24 36.86 -27.34
C GLY B 566 1.41 35.94 -27.62
N GLY B 567 1.14 34.77 -28.20
CA GLY B 567 2.21 33.83 -28.48
C GLY B 567 2.95 33.43 -27.21
N ALA B 568 2.23 33.36 -26.10
CA ALA B 568 2.81 33.01 -24.82
C ALA B 568 3.26 31.55 -24.74
N HIS B 569 4.26 31.28 -23.90
CA HIS B 569 4.72 29.92 -23.73
C HIS B 569 4.13 29.35 -22.46
N ILE B 570 3.75 28.09 -22.50
CA ILE B 570 3.19 27.40 -21.35
C ILE B 570 4.20 26.39 -20.83
N TYR B 571 4.37 26.35 -19.51
CA TYR B 571 5.31 25.42 -18.89
C TYR B 571 4.57 24.72 -17.75
N VAL B 572 4.68 23.39 -17.70
CA VAL B 572 4.04 22.60 -16.66
C VAL B 572 5.11 21.74 -16.00
N CYS B 573 5.16 21.77 -14.67
CA CYS B 573 6.18 21.01 -13.94
C CYS B 573 5.64 20.35 -12.68
N GLY B 574 6.09 19.14 -12.42
CA GLY B 574 5.65 18.45 -11.23
C GLY B 574 5.18 17.03 -11.50
N ASP B 575 4.11 16.65 -10.83
CA ASP B 575 3.55 15.30 -10.95
C ASP B 575 2.98 14.96 -12.33
N ALA B 576 3.60 13.99 -12.99
CA ALA B 576 3.19 13.56 -14.32
C ALA B 576 1.95 12.66 -14.25
N ARG B 577 1.82 11.96 -13.12
CA ARG B 577 0.72 11.04 -12.88
C ARG B 577 -0.67 11.64 -13.09
N ASN B 578 -1.06 12.56 -12.21
CA ASN B 578 -2.36 13.19 -12.30
C ASN B 578 -2.38 14.66 -12.68
N MET B 579 -1.62 15.47 -11.94
CA MET B 579 -1.55 16.90 -12.17
C MET B 579 -1.26 17.32 -13.62
N ALA B 580 -0.16 16.80 -14.17
CA ALA B 580 0.23 17.13 -15.53
C ALA B 580 -0.94 16.97 -16.51
N LYS B 581 -1.59 15.81 -16.49
CA LYS B 581 -2.70 15.52 -17.37
C LYS B 581 -3.95 16.35 -17.07
N ASP B 582 -4.29 16.51 -15.78
CA ASP B 582 -5.46 17.32 -15.45
C ASP B 582 -5.26 18.72 -16.02
N VAL B 583 -4.06 19.26 -15.86
CA VAL B 583 -3.75 20.60 -16.38
C VAL B 583 -3.88 20.64 -17.91
N GLN B 584 -3.32 19.63 -18.58
CA GLN B 584 -3.39 19.59 -20.04
C GLN B 584 -4.84 19.59 -20.49
N ASN B 585 -5.68 18.85 -19.77
CA ASN B 585 -7.10 18.79 -20.11
C ASN B 585 -7.74 20.14 -19.95
N THR B 586 -7.38 20.88 -18.90
CA THR B 586 -7.94 22.20 -18.69
C THR B 586 -7.51 23.11 -19.84
N PHE B 587 -6.33 22.88 -20.40
CA PHE B 587 -5.90 23.71 -21.52
C PHE B 587 -6.67 23.34 -22.78
N TYR B 588 -7.00 22.06 -22.93
CA TYR B 588 -7.81 21.66 -24.08
C TYR B 588 -9.11 22.43 -23.98
N ASP B 589 -9.80 22.23 -22.86
CA ASP B 589 -11.09 22.87 -22.61
C ASP B 589 -11.08 24.36 -22.88
N ILE B 590 -10.02 25.05 -22.45
CA ILE B 590 -9.90 26.48 -22.66
C ILE B 590 -9.86 26.82 -24.14
N VAL B 591 -9.07 26.06 -24.89
CA VAL B 591 -8.93 26.28 -26.31
C VAL B 591 -10.20 25.89 -27.05
N ALA B 592 -10.85 24.83 -26.57
CA ALA B 592 -12.09 24.36 -27.16
C ALA B 592 -13.18 25.43 -27.03
N GLU B 593 -13.27 26.01 -25.84
CA GLU B 593 -14.28 27.04 -25.59
C GLU B 593 -14.09 28.33 -26.37
N PHE B 594 -12.86 28.86 -26.39
CA PHE B 594 -12.60 30.11 -27.08
C PHE B 594 -12.20 30.07 -28.56
N GLY B 595 -12.01 28.89 -29.12
CA GLY B 595 -11.66 28.81 -30.53
C GLY B 595 -12.77 29.44 -31.35
N PRO B 596 -13.97 28.83 -31.35
CA PRO B 596 -14.24 27.60 -30.61
C PRO B 596 -13.86 26.42 -31.50
N MET B 597 -13.77 25.23 -30.92
CA MET B 597 -13.44 24.06 -31.71
C MET B 597 -13.75 22.80 -30.95
N GLU B 598 -13.88 21.70 -31.69
CA GLU B 598 -14.17 20.40 -31.10
C GLU B 598 -13.01 19.97 -30.21
N HIS B 599 -13.25 19.00 -29.34
CA HIS B 599 -12.23 18.53 -28.43
C HIS B 599 -11.00 17.99 -29.16
N THR B 600 -11.20 17.14 -30.16
CA THR B 600 -10.07 16.59 -30.92
C THR B 600 -9.23 17.71 -31.52
N GLN B 601 -9.90 18.74 -32.02
CA GLN B 601 -9.22 19.88 -32.61
C GLN B 601 -8.45 20.65 -31.55
N ALA B 602 -9.02 20.71 -30.36
CA ALA B 602 -8.36 21.38 -29.24
C ALA B 602 -7.09 20.61 -28.86
N VAL B 603 -7.16 19.29 -28.89
CA VAL B 603 -6.01 18.47 -28.56
C VAL B 603 -4.87 18.72 -29.53
N ASP B 604 -5.20 18.72 -30.82
CA ASP B 604 -4.20 18.97 -31.85
C ASP B 604 -3.58 20.36 -31.69
N TYR B 605 -4.43 21.36 -31.40
CA TYR B 605 -3.96 22.73 -31.22
C TYR B 605 -2.93 22.80 -30.10
N VAL B 606 -3.18 22.05 -29.03
CA VAL B 606 -2.26 22.04 -27.89
C VAL B 606 -1.02 21.23 -28.22
N LYS B 607 -1.20 20.16 -28.99
CA LYS B 607 -0.07 19.32 -29.39
C LYS B 607 0.85 20.13 -30.28
N LYS B 608 0.28 20.81 -31.27
CA LYS B 608 1.09 21.64 -32.15
C LYS B 608 1.83 22.68 -31.31
N LEU B 609 1.23 23.08 -30.19
CA LEU B 609 1.86 24.05 -29.29
C LEU B 609 3.15 23.45 -28.72
N MET B 610 3.11 22.15 -28.44
CA MET B 610 4.25 21.45 -27.88
C MET B 610 5.40 21.35 -28.90
N THR B 611 5.06 21.01 -30.14
CA THR B 611 6.07 20.89 -31.19
C THR B 611 6.68 22.27 -31.46
N LYS B 612 5.84 23.30 -31.47
CA LYS B 612 6.32 24.64 -31.71
C LYS B 612 7.12 25.18 -30.54
N GLY B 613 7.24 24.38 -29.48
CA GLY B 613 8.01 24.78 -28.31
C GLY B 613 7.33 25.82 -27.43
N ARG B 614 6.01 25.83 -27.43
CA ARG B 614 5.25 26.80 -26.63
C ARG B 614 4.48 26.14 -25.49
N TYR B 615 4.73 24.85 -25.28
CA TYR B 615 4.09 24.11 -24.19
C TYR B 615 5.12 23.05 -23.81
N SER B 616 5.95 23.40 -22.83
CA SER B 616 7.01 22.53 -22.37
C SER B 616 6.68 21.83 -21.06
N LEU B 617 7.18 20.60 -20.93
CA LEU B 617 6.93 19.82 -19.72
C LEU B 617 8.21 19.37 -19.01
N ASP B 618 8.09 19.25 -17.70
CA ASP B 618 9.15 18.80 -16.82
C ASP B 618 8.41 18.14 -15.68
N VAL B 619 7.86 16.97 -15.96
CA VAL B 619 7.10 16.21 -15.01
C VAL B 619 7.82 14.89 -14.73
N TRP B 620 7.49 14.28 -13.60
CA TRP B 620 8.12 13.04 -13.17
C TRP B 620 7.24 12.32 -12.15
N SER B 621 7.68 11.14 -11.70
CA SER B 621 6.93 10.36 -10.72
C SER B 621 7.78 9.90 -9.53
N1 FMN C . -14.15 -15.95 10.54
C2 FMN C . -14.16 -17.28 10.37
O2 FMN C . -14.39 -17.79 9.28
N3 FMN C . -13.88 -18.04 11.49
C4 FMN C . -13.59 -17.59 12.78
O4 FMN C . -13.38 -18.47 13.63
C4A FMN C . -13.58 -16.17 12.96
N5 FMN C . -13.28 -15.67 14.24
C5A FMN C . -13.28 -14.27 14.32
C6 FMN C . -12.96 -13.72 15.61
C7 FMN C . -12.92 -12.32 15.83
C7M FMN C . -12.57 -11.89 17.27
C8 FMN C . -13.21 -11.36 14.70
C8M FMN C . -13.19 -9.98 14.78
C9 FMN C . -13.51 -11.88 13.46
C9A FMN C . -13.56 -13.33 13.22
N10 FMN C . -13.86 -13.95 11.92
C10 FMN C . -13.87 -15.42 11.78
C1' FMN C . -14.15 -13.11 10.77
C2' FMN C . -15.66 -12.70 10.66
O2' FMN C . -16.48 -13.92 10.56
C3' FMN C . -15.85 -11.81 9.44
O3' FMN C . -15.02 -10.65 9.66
C4' FMN C . -17.38 -11.44 9.33
O4' FMN C . -17.39 -10.65 8.11
C5' FMN C . -17.90 -10.50 10.42
O5' FMN C . -19.37 -10.27 10.26
P FMN C . -20.28 -9.33 11.15
O1P FMN C . -19.95 -7.91 10.91
O2P FMN C . -20.14 -9.93 12.59
O3P FMN C . -21.72 -9.58 10.48
PA FAD D . -9.93 1.87 12.73
O1A FAD D . -10.47 3.22 12.48
O2A FAD D . -10.85 0.79 13.14
O5B FAD D . -9.09 1.39 11.46
C5B FAD D . -8.52 0.08 11.41
C4B FAD D . -8.20 -0.29 9.95
O4B FAD D . -7.26 0.63 9.37
C3B FAD D . -7.47 -1.62 9.87
O3B FAD D . -8.40 -2.69 10.02
C2B FAD D . -7.03 -1.52 8.43
O2B FAD D . -8.14 -1.79 7.56
C1B FAD D . -6.59 -0.08 8.31
N9A FAD D . -5.15 0.08 8.58
C8A FAD D . -4.50 0.00 9.90
N7A FAD D . -3.10 0.27 9.54
C5A FAD D . -3.01 0.38 8.22
C6A FAD D . -1.94 0.62 7.47
N6A FAD D . -0.84 0.97 8.12
N1A FAD D . -1.98 0.62 6.13
C2A FAD D . -3.20 0.36 5.50
N3A FAD D . -4.32 0.12 6.32
C4A FAD D . -4.19 0.15 7.65
N1 FAD D . -5.58 -3.58 19.40
C2 FAD D . -4.61 -3.16 20.33
O2 FAD D . -3.76 -2.34 20.00
N3 FAD D . -4.54 -3.80 21.58
C4 FAD D . -5.40 -4.85 21.88
O4 FAD D . -5.37 -5.35 23.00
C4X FAD D . -6.31 -5.30 20.94
N5 FAD D . -7.00 -6.43 21.14
C5X FAD D . -7.89 -6.85 20.23
C6 FAD D . -8.64 -8.00 20.47
C7 FAD D . -9.59 -8.41 19.55
C7M FAD D . -10.38 -9.53 19.82
C8 FAD D . -9.80 -7.69 18.38
C8M FAD D . -10.72 -8.12 17.43
C9 FAD D . -9.05 -6.53 18.14
C9A FAD D . -8.10 -6.11 19.07
N10 FAD D . -7.40 -4.99 18.86
C10 FAD D . -6.40 -4.67 19.70
C1' FAD D . -7.61 -4.17 17.65
C2' FAD D . -8.64 -3.08 17.96
O2' FAD D . -9.90 -3.69 18.25
C3' FAD D . -8.77 -2.10 16.80
O3' FAD D . -9.05 -2.80 15.59
C4' FAD D . -7.48 -1.29 16.66
O4' FAD D . -7.15 -0.71 17.93
C5' FAD D . -7.68 -0.19 15.62
O5' FAD D . -8.92 0.48 15.87
P FAD D . -9.16 2.00 15.42
O1P FAD D . -8.18 2.86 16.15
O2P FAD D . -10.60 2.28 15.58
O3P FAD D . -8.78 1.99 13.86
P 2AM E . 9.95 -6.45 13.18
O1P 2AM E . 9.75 -7.41 12.07
O2P 2AM E . 8.98 -5.34 13.21
O3P 2AM E . 11.36 -6.04 13.37
C5' 2AM E . 6.12 -6.33 17.55
O5' 2AM E . 5.60 -5.79 16.34
C4' 2AM E . 7.25 -7.32 17.23
O4' 2AM E . 6.78 -8.38 16.39
C3' 2AM E . 8.36 -6.61 16.45
O3' 2AM E . 9.63 -6.86 17.09
C2' 2AM E . 8.33 -7.30 15.10
O2' 2AM E . 9.63 -7.31 14.50
C1' 2AM E . 7.89 -8.69 15.53
N9 2AM E . 7.46 -9.53 14.39
C8 2AM E . 7.21 -9.14 13.14
N7 2AM E . 6.81 -10.20 12.45
C5 2AM E . 6.81 -11.26 13.27
C6 2AM E . 6.55 -12.54 13.04
N6 2AM E . 6.24 -12.88 11.79
N1 2AM E . 6.69 -13.46 14.00
C2 2AM E . 7.06 -13.06 15.28
N3 2AM E . 7.32 -11.70 15.49
C4 2AM E . 7.20 -10.84 14.47
P PO4 F . 9.34 3.96 17.76
O1 PO4 F . 8.82 2.87 16.90
O2 PO4 F . 10.42 4.67 17.04
O3 PO4 F . 8.25 4.90 18.08
O4 PO4 F . 9.88 3.37 19.03
P PO4 G . -7.84 -0.87 41.52
O1 PO4 G . -8.95 -1.86 41.47
O2 PO4 G . -6.92 -1.10 40.38
O3 PO4 G . -8.39 0.50 41.46
O4 PO4 G . -7.08 -1.06 42.79
N1 FMN H . 8.74 5.34 -22.37
C2 FMN H . 8.11 5.39 -23.56
O2 FMN H . 7.57 4.40 -24.05
N3 FMN H . 8.09 6.62 -24.20
C4 FMN H . 8.65 7.82 -23.75
O4 FMN H . 8.49 8.77 -24.51
C4A FMN H . 9.32 7.78 -22.50
N5 FMN H . 9.91 8.98 -22.02
C5A FMN H . 10.55 8.85 -20.78
C6 FMN H . 11.13 10.06 -20.27
C7 FMN H . 11.82 10.08 -19.03
C7M FMN H . 12.41 11.45 -18.61
C8 FMN H . 11.93 8.84 -18.20
C8M FMN H . 12.56 8.73 -16.98
C9 FMN H . 11.35 7.66 -18.68
C9A FMN H . 10.65 7.63 -19.97
N10 FMN H . 10.01 6.42 -20.54
C10 FMN H . 9.33 6.50 -21.86
C1' FMN H . 10.06 5.16 -19.84
C2' FMN H . 11.28 4.28 -20.18
O2' FMN H . 11.25 3.98 -21.63
C3' FMN H . 11.23 2.98 -19.38
O3' FMN H . 11.26 3.34 -17.99
C4' FMN H . 12.48 2.11 -19.76
O4' FMN H . 12.26 0.93 -18.93
C5' FMN H . 13.83 2.68 -19.32
O5' FMN H . 14.95 1.81 -19.75
P FMN H . 16.50 2.02 -19.46
O1P FMN H . 16.81 1.86 -18.03
O2P FMN H . 16.83 3.37 -20.18
O3P FMN H . 17.09 0.76 -20.24
PA FAD I . 14.55 6.36 -4.58
O1A FAD I . 15.49 5.63 -3.69
O2A FAD I . 14.93 6.53 -6.00
O5B FAD I . 13.10 5.69 -4.50
C5B FAD I . 12.03 6.17 -5.33
C4B FAD I . 10.96 5.09 -5.45
O4B FAD I . 10.42 4.74 -4.17
C3B FAD I . 9.75 5.60 -6.21
O3B FAD I . 10.02 5.55 -7.62
C2B FAD I . 8.80 4.46 -5.87
O2B FAD I . 9.15 3.28 -6.60
C1B FAD I . 9.09 4.25 -4.38
N9A FAD I . 8.20 5.09 -3.54
C8A FAD I . 8.38 6.53 -3.24
N7A FAD I . 7.26 6.76 -2.31
C5A FAD I . 6.58 5.63 -2.18
C6A FAD I . 5.49 5.39 -1.44
N6A FAD I . 5.03 6.41 -0.73
N1A FAD I . 4.87 4.20 -1.44
C2A FAD I . 5.36 3.19 -2.26
N3A FAD I . 6.48 3.47 -3.05
C4A FAD I . 7.07 4.68 -2.98
N1 FAD I . 12.23 15.42 -7.40
C2 FAD I . 12.24 16.58 -6.60
O2 FAD I . 11.94 16.51 -5.41
N3 FAD I . 12.58 17.81 -7.17
C4 FAD I . 12.92 17.89 -8.52
O4 FAD I . 13.34 18.95 -8.98
C4X FAD I . 12.90 16.74 -9.31
N5 FAD I . 13.02 16.84 -10.65
C5X FAD I . 13.01 15.74 -11.40
C6 FAD I . 13.17 15.83 -12.78
C7 FAD I . 13.18 14.69 -13.57
C7M FAD I . 13.25 14.81 -14.94
C8 FAD I . 13.03 13.44 -12.97
C8M FAD I . 12.90 12.30 -13.76
C9 FAD I . 12.88 13.34 -11.59
C9A FAD I . 12.87 14.49 -10.80
N10 FAD I . 12.73 14.40 -9.47
C10 FAD I . 12.54 15.52 -8.76
C1' FAD I . 12.59 13.08 -8.81
C2' FAD I . 13.98 12.59 -8.40
O2' FAD I . 14.79 12.38 -9.56
C3' FAD I . 13.90 11.29 -7.59
O3' FAD I . 13.14 10.31 -8.29
C4' FAD I . 13.27 11.56 -6.22
O4' FAD I . 13.97 12.63 -5.57
C5' FAD I . 13.37 10.30 -5.37
O5' FAD I . 14.73 9.86 -5.34
P FAD I . 15.33 9.02 -4.10
O1P FAD I . 15.28 9.85 -2.88
O2P FAD I . 16.64 8.47 -4.53
O3P FAD I . 14.27 7.81 -3.95
P 2AM J . -3.73 17.41 -2.25
O1P 2AM J . -4.63 16.61 -3.10
O2P 2AM J . -2.49 16.73 -1.85
O3P 2AM J . -4.42 18.12 -1.16
C5' 2AM J . 1.29 19.40 -4.04
O5' 2AM J . 1.18 17.97 -3.97
C4' 2AM J . -0.07 20.02 -4.32
O4' 2AM J . -0.64 19.48 -5.53
C3' 2AM J . -1.05 19.70 -3.19
O3' 2AM J . -1.82 20.87 -2.86
C2' 2AM J . -1.95 18.64 -3.82
O2' 2AM J . -3.25 18.62 -3.21
C1' 2AM J . -2.01 19.17 -5.24
N9 2AM J . -2.59 18.19 -6.18
C8 2AM J . -2.91 16.92 -5.91
N7 2AM J . -3.43 16.39 -7.01
C5 2AM J . -3.44 17.33 -7.96
C6 2AM J . -3.92 17.31 -9.21
N6 2AM J . -4.50 16.19 -9.61
N1 2AM J . -3.88 18.40 -9.98
C2 2AM J . -3.34 19.58 -9.48
N3 2AM J . -2.85 19.56 -8.17
C4 2AM J . -2.92 18.43 -7.44
P PO4 K . 3.33 19.02 6.31
O1 PO4 K . 2.83 18.17 5.21
O2 PO4 K . 3.54 20.41 5.81
O3 PO4 K . 2.33 19.04 7.42
O4 PO4 K . 4.61 18.47 6.82
P PO4 L . 26.35 32.79 -7.21
O1 PO4 L . 26.42 32.38 -8.63
O2 PO4 L . 26.43 34.27 -7.13
O3 PO4 L . 25.07 32.33 -6.62
O4 PO4 L . 27.48 32.19 -6.46
P PO4 M . 16.30 17.45 9.69
O1 PO4 M . 16.38 17.11 8.24
O2 PO4 M . 17.67 17.42 10.28
O3 PO4 M . 15.45 16.45 10.38
O4 PO4 M . 15.71 18.80 9.86
#